data_5FMB
#
_entry.id   5FMB
#
_cell.length_a   74.661
_cell.length_b   205.071
_cell.length_c   146.256
_cell.angle_alpha   90.00
_cell.angle_beta   90.00
_cell.angle_gamma   90.00
#
_symmetry.space_group_name_H-M   'P 21 21 2'
#
loop_
_entity.id
_entity.type
_entity.pdbx_description
1 polymer BETA-FRUCTOFURANOSIDASE
2 branched beta-D-mannopyranose-(1-2)-alpha-D-mannopyranose-(1-3)-[alpha-D-mannopyranose-(1-3)-alpha-D-mannopyranose-(1-6)]beta-D-mannopyranose-(1-4)-2-acetamido-2-deoxy-beta-D-glucopyranose-(1-4)-2-acetamido-2-deoxy-beta-D-glucopyranose
3 branched alpha-D-mannopyranose-(1-2)-alpha-D-mannopyranose-(1-2)-alpha-D-mannopyranose-(1-3)-[alpha-D-mannopyranose-(1-2)-alpha-D-mannopyranose-(1-6)-[alpha-D-mannopyranose-(1-3)]alpha-D-mannopyranose-(1-6)]beta-D-mannopyranose-(1-4)-2-acetamido-2-deoxy-beta-D-glucopyranose-(1-4)-2-acetamido-2-deoxy-beta-D-glucopyranose
4 branched 2-acetamido-2-deoxy-beta-D-glucopyranose-(1-4)-2-acetamido-2-deoxy-beta-D-glucopyranose
5 branched alpha-D-mannopyranose-(1-3)-alpha-D-mannopyranose-(1-6)-[alpha-D-mannopyranose-(1-3)]beta-D-mannopyranose-(1-4)-2-acetamido-2-deoxy-beta-D-glucopyranose-(1-4)-2-acetamido-2-deoxy-beta-D-glucopyranose
6 non-polymer beta-D-fructofuranose
7 non-polymer '4-(2-HYDROXYETHYL)-1-PIPERAZINE ETHANESULFONIC ACID'
8 non-polymer 2-acetamido-2-deoxy-beta-D-glucopyranose
9 water water
#
_entity_poly.entity_id   1
_entity_poly.type   'polypeptide(L)'
_entity_poly.pdbx_seq_one_letter_code
;MIAPLLKTLPFLAAAYAAELDLPNFSALNRRQDNSTSSSAGCSLDQTVAPGNLTLCGNATLFTTFRPKARFIAPEGWMNA
PMGLYQRADGSIHAGYQSHPKHIQWGNISQGAAYSSDFTSWTDFNGSEGYKTIWPSQIYDIRGVFDGSIIKEGIDGYPTI
LYTSTSFGPLGATLNEAEGTETQSLAYTTDDGASWIKLGYGAGQNPVIYEWPETNLTGFRDPYVFQSPRLEALLANTTSI
TNATGDHFATISGGVHGDGARLFLYRQHTTGEFIKWTYLGPLVTTGYKESYGEWSGNYGINFETAGVTRLNPAGAAWDNG
SDTTAVDFVTFGTEQGRADHQNHWPLWAAVDYEVRDNGSIEAVIAYSGVQDWGRSYAYASFPVEGYRQVSVGWIYEDDDN
VILAKQFGYQGAFTLFRDLFVKVVENVSPSTPGLFEQASWSTKNSTDGMSVTVTTLGQRVVPETLAAYKGNSTVSTLAPV
MLNESAAAYTPFSSQPTDRFYALTGSFEFGLNTTAKAGFRVLASEEEYTDIWFDPASENLTVVRTASSLIKSFGNDTELA
KVKLYEIVGAESKTLNLTVFVDGSVIEIYANDEVALSTRAYPWLANSTGAGLLADGTTAGDVVGVSGLELWDGLVDAWPA
RPANTSQGLVWDGPTAAMYGLFAGY
;
_entity_poly.pdbx_strand_id   A,B
#
loop_
_chem_comp.id
_chem_comp.type
_chem_comp.name
_chem_comp.formula
BMA D-saccharide, beta linking beta-D-mannopyranose 'C6 H12 O6'
EPE non-polymer '4-(2-HYDROXYETHYL)-1-PIPERAZINE ETHANESULFONIC ACID' 'C8 H18 N2 O4 S'
FRU D-saccharide, beta linking beta-D-fructofuranose 'C6 H12 O6'
MAN D-saccharide, alpha linking alpha-D-mannopyranose 'C6 H12 O6'
NAG D-saccharide, beta linking 2-acetamido-2-deoxy-beta-D-glucopyranose 'C8 H15 N O6'
#
# COMPACT_ATOMS: atom_id res chain seq x y z
N CYS A 42 -8.52 35.55 -22.09
CA CYS A 42 -8.00 34.14 -22.07
C CYS A 42 -9.10 33.11 -22.33
N SER A 43 -9.06 32.50 -23.49
CA SER A 43 -9.95 31.39 -23.82
C SER A 43 -9.22 30.09 -23.51
N LEU A 44 -9.95 29.14 -22.92
CA LEU A 44 -9.45 27.79 -22.70
C LEU A 44 -10.09 26.79 -23.67
N ASP A 45 -10.44 27.26 -24.87
CA ASP A 45 -11.10 26.42 -25.86
C ASP A 45 -10.04 25.60 -26.56
N GLN A 46 -9.99 24.31 -26.23
CA GLN A 46 -9.03 23.40 -26.85
C GLN A 46 -9.56 22.72 -28.12
N THR A 47 -10.69 23.21 -28.64
CA THR A 47 -11.17 22.79 -29.97
C THR A 47 -10.75 23.74 -31.09
N VAL A 48 -10.13 24.87 -30.74
CA VAL A 48 -9.61 25.81 -31.72
C VAL A 48 -8.17 26.15 -31.40
N ALA A 49 -7.51 26.88 -32.29
CA ALA A 49 -6.10 27.23 -32.12
C ALA A 49 -5.94 28.02 -30.82
N PRO A 50 -4.77 27.89 -30.16
CA PRO A 50 -4.57 28.62 -28.91
C PRO A 50 -4.45 30.13 -29.14
N GLY A 51 -5.03 30.91 -28.25
CA GLY A 51 -4.87 32.35 -28.27
C GLY A 51 -3.55 32.77 -27.62
N ASN A 52 -3.54 33.98 -27.09
CA ASN A 52 -2.40 34.48 -26.36
C ASN A 52 -2.56 33.99 -24.93
N LEU A 53 -1.94 32.86 -24.63
CA LEU A 53 -2.11 32.23 -23.31
C LEU A 53 -1.40 32.98 -22.18
N THR A 54 -0.47 33.89 -22.52
CA THR A 54 0.17 34.76 -21.53
C THR A 54 -0.79 35.74 -20.86
N LEU A 55 -1.97 35.94 -21.44
CA LEU A 55 -3.04 36.75 -20.81
C LEU A 55 -3.84 35.98 -19.76
N CYS A 56 -3.69 34.66 -19.71
CA CYS A 56 -4.42 33.84 -18.76
C CYS A 56 -3.89 34.08 -17.34
N GLY A 57 -4.78 33.95 -16.37
CA GLY A 57 -4.45 34.16 -14.97
C GLY A 57 -3.59 33.04 -14.40
N ASN A 58 -3.18 33.23 -13.15
CA ASN A 58 -2.34 32.27 -12.44
C ASN A 58 -3.06 30.94 -12.29
N ALA A 59 -2.39 29.85 -12.61
CA ALA A 59 -2.95 28.50 -12.44
C ALA A 59 -4.25 28.21 -13.26
N THR A 60 -4.54 29.03 -14.27
CA THR A 60 -5.68 28.76 -15.16
C THR A 60 -5.41 27.58 -16.07
N LEU A 61 -4.13 27.28 -16.33
CA LEU A 61 -3.73 26.10 -17.09
C LEU A 61 -3.21 24.97 -16.19
N PHE A 62 -3.73 24.88 -14.96
CA PHE A 62 -3.20 23.94 -13.96
C PHE A 62 -3.37 22.48 -14.39
N THR A 63 -4.57 22.11 -14.83
CA THR A 63 -4.84 20.73 -15.25
C THR A 63 -4.50 20.41 -16.71
N THR A 64 -4.30 21.43 -17.54
CA THR A 64 -4.22 21.25 -19.00
C THR A 64 -3.14 20.28 -19.46
N PHE A 65 -1.94 20.42 -18.90
CA PHE A 65 -0.80 19.58 -19.28
C PHE A 65 -0.25 18.73 -18.12
N ARG A 66 -1.02 18.59 -17.06
CA ARG A 66 -0.46 18.14 -15.77
C ARG A 66 -0.40 16.61 -15.67
N PRO A 67 0.78 16.05 -15.31
CA PRO A 67 0.80 14.61 -15.07
C PRO A 67 -0.16 14.19 -13.96
N LYS A 68 -0.76 13.01 -14.12
CA LYS A 68 -1.68 12.42 -13.13
C LYS A 68 -1.17 11.10 -12.51
N ALA A 69 -0.23 10.43 -13.15
CA ALA A 69 0.14 9.05 -12.82
C ALA A 69 1.53 8.89 -12.17
N ARG A 70 2.10 10.00 -11.69
CA ARG A 70 3.46 10.01 -11.16
C ARG A 70 3.59 10.96 -9.97
N PHE A 71 4.75 10.90 -9.34
CA PHE A 71 5.06 11.78 -8.22
C PHE A 71 5.20 13.22 -8.73
N ILE A 72 4.46 14.12 -8.11
CA ILE A 72 4.53 15.57 -8.39
C ILE A 72 4.05 16.29 -7.14
N ALA A 73 4.60 17.48 -6.88
CA ALA A 73 4.16 18.30 -5.76
C ALA A 73 2.69 18.71 -5.93
N PRO A 74 1.99 19.04 -4.83
CA PRO A 74 0.61 19.53 -5.02
C PRO A 74 0.49 20.80 -5.90
N GLU A 75 1.49 21.67 -5.82
CA GLU A 75 1.52 22.89 -6.61
C GLU A 75 2.91 23.53 -6.52
N GLY A 76 3.15 24.52 -7.37
CA GLY A 76 4.34 25.32 -7.28
C GLY A 76 5.58 24.63 -7.82
N TRP A 77 6.72 25.14 -7.41
CA TRP A 77 8.00 24.70 -7.90
C TRP A 77 8.48 23.46 -7.15
N MET A 78 8.95 22.47 -7.91
CA MET A 78 9.74 21.37 -7.33
C MET A 78 10.97 21.12 -8.18
N ASN A 79 12.00 20.57 -7.55
CA ASN A 79 13.12 20.00 -8.29
C ASN A 79 13.58 18.66 -7.70
N ALA A 80 14.83 18.53 -7.26
CA ALA A 80 15.47 17.25 -6.95
C ALA A 80 14.73 16.41 -5.92
N PRO A 81 14.62 15.09 -6.15
CA PRO A 81 14.27 14.18 -5.08
C PRO A 81 15.31 14.25 -3.97
N MET A 82 14.86 13.98 -2.75
CA MET A 82 15.73 14.02 -1.58
C MET A 82 15.14 13.18 -0.47
N GLY A 83 15.97 12.89 0.54
CA GLY A 83 15.51 12.22 1.75
C GLY A 83 14.78 10.91 1.53
N LEU A 84 15.19 10.17 0.51
CA LEU A 84 14.52 8.94 0.12
C LEU A 84 14.89 7.79 1.06
N TYR A 85 13.88 7.13 1.61
CA TYR A 85 14.12 5.90 2.39
C TYR A 85 12.89 5.06 2.56
N GLN A 86 13.12 3.76 2.71
CA GLN A 86 12.06 2.83 3.04
C GLN A 86 11.90 2.84 4.54
N ARG A 87 10.70 3.19 4.99
CA ARG A 87 10.42 3.31 6.42
C ARG A 87 10.26 1.93 7.05
N ALA A 88 10.23 1.90 8.38
CA ALA A 88 10.12 0.66 9.15
C ALA A 88 8.89 -0.19 8.77
N ASP A 89 7.78 0.47 8.40
CA ASP A 89 6.58 -0.24 7.98
C ASP A 89 6.60 -0.75 6.53
N GLY A 90 7.71 -0.54 5.82
CA GLY A 90 7.86 -0.97 4.43
C GLY A 90 7.47 0.08 3.41
N SER A 91 6.81 1.16 3.84
CA SER A 91 6.40 2.22 2.91
C SER A 91 7.61 3.05 2.49
N ILE A 92 7.43 3.81 1.42
CA ILE A 92 8.50 4.63 0.86
C ILE A 92 8.25 6.10 1.24
N HIS A 93 9.25 6.73 1.86
CA HIS A 93 9.24 8.16 2.12
C HIS A 93 10.02 8.83 1.01
N ALA A 94 9.39 9.79 0.33
CA ALA A 94 10.05 10.58 -0.71
C ALA A 94 9.96 12.04 -0.35
N GLY A 95 11.11 12.69 -0.28
CA GLY A 95 11.21 14.12 -0.16
C GLY A 95 11.53 14.75 -1.52
N TYR A 96 11.37 16.07 -1.58
CA TYR A 96 11.75 16.82 -2.78
C TYR A 96 11.98 18.29 -2.50
N GLN A 97 12.93 18.86 -3.24
CA GLN A 97 13.20 20.28 -3.20
C GLN A 97 11.90 20.99 -3.65
N SER A 98 11.42 21.91 -2.84
CA SER A 98 10.07 22.47 -2.96
C SER A 98 10.05 23.96 -2.66
N HIS A 99 9.34 24.71 -3.51
CA HIS A 99 9.03 26.13 -3.26
C HIS A 99 7.54 26.36 -3.57
N PRO A 100 6.69 26.08 -2.58
CA PRO A 100 5.25 26.28 -2.78
C PRO A 100 4.85 27.71 -3.14
N LYS A 101 3.77 27.82 -3.90
CA LYS A 101 3.15 29.11 -4.27
C LYS A 101 4.09 30.03 -5.06
N HIS A 102 5.11 29.43 -5.69
CA HIS A 102 6.04 30.11 -6.56
C HIS A 102 6.26 29.17 -7.76
N ILE A 103 6.75 29.72 -8.87
CA ILE A 103 7.08 28.89 -10.04
C ILE A 103 8.54 29.01 -10.47
N GLN A 104 9.36 29.66 -9.64
CA GLN A 104 10.81 29.55 -9.73
C GLN A 104 11.36 29.10 -8.38
N TRP A 105 12.58 28.58 -8.42
CA TRP A 105 13.29 28.11 -7.23
C TRP A 105 13.47 29.20 -6.16
N GLY A 106 13.52 28.77 -4.90
CA GLY A 106 13.84 29.68 -3.79
C GLY A 106 13.35 29.14 -2.48
N ASN A 107 13.84 29.74 -1.38
CA ASN A 107 13.55 29.28 -0.01
C ASN A 107 13.46 27.78 0.05
N ILE A 108 14.43 27.11 -0.56
CA ILE A 108 14.19 25.74 -0.96
C ILE A 108 14.07 24.85 0.29
N SER A 109 13.06 24.00 0.27
CA SER A 109 12.61 23.23 1.42
C SER A 109 12.42 21.78 1.00
N GLN A 110 12.25 20.89 1.97
CA GLN A 110 11.82 19.53 1.68
C GLN A 110 10.29 19.41 1.78
N GLY A 111 9.65 19.19 0.64
CA GLY A 111 8.29 18.70 0.59
C GLY A 111 8.35 17.19 0.70
N ALA A 112 7.29 16.55 1.20
CA ALA A 112 7.33 15.11 1.37
C ALA A 112 6.00 14.40 1.18
N ALA A 113 6.09 13.12 0.86
CA ALA A 113 4.94 12.24 0.73
C ALA A 113 5.37 10.80 0.94
N TYR A 114 4.41 9.89 1.03
CA TYR A 114 4.69 8.48 1.23
C TYR A 114 3.79 7.57 0.41
N SER A 115 4.26 6.34 0.19
CA SER A 115 3.58 5.35 -0.64
C SER A 115 3.96 3.95 -0.23
N SER A 116 3.04 3.01 -0.32
CA SER A 116 3.35 1.61 -0.08
C SER A 116 3.79 0.86 -1.35
N ASP A 117 3.69 1.48 -2.52
CA ASP A 117 3.95 0.77 -3.79
C ASP A 117 4.64 1.60 -4.87
N PHE A 118 5.31 2.69 -4.46
CA PHE A 118 5.94 3.65 -5.38
C PHE A 118 4.99 4.43 -6.30
N THR A 119 3.70 4.14 -6.23
CA THR A 119 2.78 4.45 -7.33
C THR A 119 1.63 5.33 -6.88
N SER A 120 0.96 4.94 -5.80
CA SER A 120 -0.10 5.73 -5.19
C SER A 120 0.46 6.41 -3.93
N TRP A 121 0.33 7.74 -3.87
CA TRP A 121 1.01 8.56 -2.85
C TRP A 121 0.03 9.31 -1.98
N THR A 122 0.50 9.68 -0.79
CA THR A 122 -0.22 10.53 0.13
C THR A 122 0.72 11.62 0.65
N ASP A 123 0.27 12.87 0.58
CA ASP A 123 1.04 14.00 1.10
C ASP A 123 1.09 13.98 2.63
N PHE A 124 2.22 14.38 3.21
CA PHE A 124 2.23 14.79 4.61
C PHE A 124 1.49 16.12 4.73
N ASN A 125 0.86 16.34 5.88
CA ASN A 125 0.18 17.58 6.18
C ASN A 125 0.48 17.95 7.63
N GLY A 126 1.25 19.02 7.81
CA GLY A 126 1.65 19.50 9.12
C GLY A 126 1.45 21.00 9.20
N SER A 127 2.15 21.63 10.13
CA SER A 127 2.03 23.08 10.32
C SER A 127 2.49 23.87 9.08
N GLU A 128 3.42 23.31 8.29
CA GLU A 128 3.87 23.96 7.05
C GLU A 128 3.33 23.24 5.80
N GLY A 129 2.10 22.76 5.88
CA GLY A 129 1.47 22.08 4.75
C GLY A 129 2.17 20.77 4.45
N TYR A 130 2.65 20.63 3.22
CA TYR A 130 3.36 19.43 2.81
C TYR A 130 4.88 19.54 2.96
N LYS A 131 5.38 20.67 3.47
CA LYS A 131 6.78 20.79 3.83
C LYS A 131 7.05 20.10 5.15
N THR A 132 8.25 19.51 5.27
CA THR A 132 8.72 18.92 6.53
C THR A 132 10.08 19.43 7.00
N ILE A 133 10.88 20.04 6.12
CA ILE A 133 12.09 20.75 6.53
C ILE A 133 12.15 22.05 5.72
N TRP A 134 12.54 23.14 6.37
CA TRP A 134 12.57 24.44 5.74
C TRP A 134 13.69 25.29 6.33
N PRO A 135 14.14 26.30 5.59
CA PRO A 135 15.11 27.24 6.13
C PRO A 135 14.64 27.88 7.43
N SER A 136 15.45 27.77 8.47
CA SER A 136 15.08 28.29 9.80
C SER A 136 16.22 28.79 10.69
N GLN A 137 17.47 28.59 10.27
CA GLN A 137 18.64 28.89 11.08
C GLN A 137 19.64 29.63 10.23
N ILE A 138 20.56 30.37 10.86
CA ILE A 138 21.58 31.09 10.11
C ILE A 138 22.33 30.17 9.11
N TYR A 139 22.54 28.91 9.50
CA TYR A 139 23.31 27.97 8.70
C TYR A 139 22.56 27.38 7.49
N ASP A 140 21.23 27.39 7.52
CA ASP A 140 20.43 26.91 6.39
C ASP A 140 19.38 27.90 5.85
N ILE A 141 19.44 29.16 6.26
CA ILE A 141 18.39 30.14 5.91
C ILE A 141 18.27 30.41 4.40
N ARG A 142 19.35 30.17 3.66
CA ARG A 142 19.36 30.42 2.22
C ARG A 142 18.80 29.24 1.42
N GLY A 143 18.57 28.11 2.08
CA GLY A 143 18.00 26.94 1.43
C GLY A 143 18.39 25.64 2.13
N VAL A 144 17.41 24.77 2.31
CA VAL A 144 17.61 23.39 2.70
C VAL A 144 17.75 22.60 1.41
N PHE A 145 19.00 22.37 1.02
CA PHE A 145 19.34 21.71 -0.23
C PHE A 145 19.20 20.17 -0.06
N ASP A 146 19.61 19.42 -1.07
CA ASP A 146 19.52 17.95 -1.09
C ASP A 146 20.18 17.32 0.14
N GLY A 147 19.63 16.19 0.55
CA GLY A 147 20.21 15.37 1.62
C GLY A 147 19.73 13.94 1.50
N SER A 148 20.32 13.06 2.29
CA SER A 148 20.05 11.64 2.26
C SER A 148 19.97 11.09 3.68
N ILE A 149 19.51 9.85 3.80
CA ILE A 149 19.03 9.31 5.06
C ILE A 149 19.99 8.29 5.66
N ILE A 150 20.28 8.49 6.94
CA ILE A 150 20.89 7.51 7.81
C ILE A 150 19.72 6.84 8.53
N LYS A 151 19.44 5.58 8.20
CA LYS A 151 18.24 4.92 8.74
C LYS A 151 18.29 4.73 10.25
N GLU A 152 19.46 4.37 10.78
CA GLU A 152 19.66 4.27 12.24
C GLU A 152 20.61 5.33 12.72
N GLY A 153 20.05 6.51 12.98
CA GLY A 153 20.85 7.69 13.23
C GLY A 153 20.75 8.16 14.66
N ILE A 154 20.52 9.45 14.82
CA ILE A 154 20.50 10.10 16.14
C ILE A 154 19.45 9.43 17.01
N ASP A 155 19.89 8.94 18.18
CA ASP A 155 19.02 8.22 19.13
C ASP A 155 18.26 7.06 18.48
N GLY A 156 18.87 6.44 17.47
CA GLY A 156 18.25 5.36 16.71
C GLY A 156 17.21 5.76 15.66
N TYR A 157 16.95 7.05 15.48
CA TYR A 157 15.92 7.52 14.56
C TYR A 157 16.44 7.75 13.15
N PRO A 158 15.55 7.66 12.14
CA PRO A 158 15.99 8.07 10.80
C PRO A 158 16.47 9.51 10.85
N THR A 159 17.57 9.76 10.18
CA THR A 159 18.32 11.00 10.29
C THR A 159 18.72 11.42 8.89
N ILE A 160 18.54 12.72 8.59
CA ILE A 160 18.92 13.25 7.29
C ILE A 160 20.21 14.07 7.46
N LEU A 161 21.18 13.85 6.59
CA LEU A 161 22.32 14.71 6.42
C LEU A 161 22.05 15.49 5.15
N TYR A 162 21.97 16.81 5.26
CA TYR A 162 21.59 17.68 4.13
C TYR A 162 22.49 18.88 3.99
N THR A 163 22.51 19.46 2.80
CA THR A 163 23.27 20.68 2.61
C THR A 163 22.49 21.89 3.14
N SER A 164 23.04 22.50 4.18
CA SER A 164 22.52 23.71 4.78
C SER A 164 23.26 24.89 4.17
N THR A 165 22.52 25.80 3.53
CA THR A 165 23.13 26.94 2.84
C THR A 165 22.87 28.25 3.56
N SER A 166 23.88 29.12 3.54
CA SER A 166 23.77 30.46 4.07
C SER A 166 24.12 31.48 2.98
N PHE A 167 24.47 32.69 3.38
N PHE A 167 24.46 32.70 3.38
CA PHE A 167 24.65 33.79 2.45
CA PHE A 167 24.65 33.82 2.44
C PHE A 167 25.94 33.67 1.64
C PHE A 167 25.93 33.67 1.63
N GLY A 168 26.00 34.44 0.55
CA GLY A 168 27.20 34.58 -0.27
C GLY A 168 27.01 34.00 -1.65
N PRO A 169 27.89 34.36 -2.59
CA PRO A 169 27.83 33.77 -3.93
C PRO A 169 27.86 32.23 -3.86
N LEU A 170 26.94 31.59 -4.57
CA LEU A 170 26.81 30.14 -4.54
C LEU A 170 26.63 29.66 -5.98
N GLY A 171 27.61 28.92 -6.47
CA GLY A 171 27.53 28.36 -7.81
C GLY A 171 28.87 28.05 -8.39
N ALA A 172 28.88 27.09 -9.31
CA ALA A 172 30.09 26.61 -9.96
C ALA A 172 30.80 27.67 -10.81
N THR A 173 30.05 28.65 -11.33
CA THR A 173 30.63 29.73 -12.12
C THR A 173 30.80 31.03 -11.32
N LEU A 174 30.62 30.98 -10.00
CA LEU A 174 30.80 32.13 -9.13
C LEU A 174 31.97 31.89 -8.21
N ASN A 175 32.33 32.90 -7.43
CA ASN A 175 33.41 32.79 -6.47
C ASN A 175 32.85 32.47 -5.09
N GLU A 176 32.47 31.22 -4.90
CA GLU A 176 31.89 30.77 -3.63
C GLU A 176 32.96 30.68 -2.58
N ALA A 177 32.57 30.91 -1.34
CA ALA A 177 33.47 30.82 -0.21
C ALA A 177 32.96 29.77 0.76
N GLU A 178 33.89 29.29 1.57
CA GLU A 178 33.63 28.35 2.63
C GLU A 178 32.58 28.89 3.59
N GLY A 179 31.68 28.02 4.03
CA GLY A 179 30.56 28.39 4.91
C GLY A 179 29.22 28.58 4.22
N THR A 180 29.24 29.01 2.97
CA THR A 180 28.01 29.21 2.21
C THR A 180 27.25 27.89 2.06
N GLU A 181 27.96 26.80 1.83
CA GLU A 181 27.39 25.47 1.83
C GLU A 181 28.03 24.63 2.91
N THR A 182 27.23 24.18 3.85
CA THR A 182 27.68 23.27 4.90
C THR A 182 26.75 22.08 4.95
N GLN A 183 27.04 21.10 5.80
CA GLN A 183 26.22 19.91 5.91
C GLN A 183 25.75 19.74 7.34
N SER A 184 24.45 19.49 7.49
CA SER A 184 23.79 19.51 8.79
C SER A 184 22.91 18.30 8.97
N LEU A 185 22.58 18.00 10.23
CA LEU A 185 21.77 16.85 10.59
C LEU A 185 20.41 17.23 11.16
N ALA A 186 19.41 16.42 10.83
CA ALA A 186 18.13 16.44 11.52
C ALA A 186 17.59 15.03 11.62
N TYR A 187 16.73 14.77 12.59
CA TYR A 187 16.16 13.43 12.76
C TYR A 187 14.65 13.51 12.96
N THR A 188 13.97 12.40 12.68
CA THR A 188 12.53 12.32 12.82
C THR A 188 12.12 11.28 13.86
N THR A 189 11.24 11.69 14.77
CA THR A 189 10.64 10.78 15.75
C THR A 189 9.24 10.33 15.34
N ASP A 190 8.76 10.78 14.18
CA ASP A 190 7.41 10.49 13.75
C ASP A 190 7.36 10.03 12.29
N ASP A 191 8.35 9.25 11.88
CA ASP A 191 8.42 8.64 10.56
C ASP A 191 8.29 9.65 9.38
N GLY A 192 8.89 10.83 9.56
CA GLY A 192 8.97 11.83 8.50
C GLY A 192 7.88 12.89 8.49
N ALA A 193 6.96 12.87 9.44
CA ALA A 193 5.98 13.95 9.56
C ALA A 193 6.67 15.26 9.96
N SER A 194 7.74 15.18 10.77
CA SER A 194 8.52 16.34 11.16
C SER A 194 9.98 15.94 11.39
N TRP A 195 10.87 16.91 11.37
CA TRP A 195 12.30 16.70 11.61
C TRP A 195 12.77 17.70 12.64
N ILE A 196 13.65 17.25 13.54
CA ILE A 196 14.28 18.09 14.54
C ILE A 196 15.76 18.23 14.19
N LYS A 197 16.19 19.47 13.97
CA LYS A 197 17.57 19.75 13.64
C LYS A 197 18.38 19.73 14.92
N LEU A 198 19.63 19.28 14.84
CA LEU A 198 20.56 19.51 15.96
C LEU A 198 20.73 21.02 16.13
N GLY A 199 21.12 21.44 17.32
CA GLY A 199 21.36 22.85 17.58
C GLY A 199 22.48 23.45 16.75
N TYR A 200 22.48 24.77 16.61
CA TYR A 200 23.58 25.46 15.96
C TYR A 200 24.72 25.62 16.95
N GLY A 201 25.92 25.21 16.57
CA GLY A 201 27.11 25.53 17.37
C GLY A 201 28.25 24.53 17.28
N ALA A 202 29.27 24.78 18.09
CA ALA A 202 30.44 23.89 18.19
C ALA A 202 30.02 22.52 18.64
N GLY A 203 30.45 21.51 17.89
CA GLY A 203 30.10 20.13 18.17
C GLY A 203 28.67 19.75 17.80
N GLN A 204 27.95 20.64 17.12
CA GLN A 204 26.56 20.38 16.72
C GLN A 204 26.46 20.80 15.23
N ASN A 205 25.33 21.35 14.78
CA ASN A 205 25.21 21.78 13.38
C ASN A 205 25.94 23.10 13.09
N PRO A 206 26.45 23.25 11.88
CA PRO A 206 26.59 22.19 10.88
C PRO A 206 27.74 21.26 11.26
N VAL A 207 27.62 20.00 10.86
CA VAL A 207 28.61 18.98 11.22
C VAL A 207 29.78 18.87 10.24
N ILE A 208 29.57 19.26 8.97
CA ILE A 208 30.67 19.35 8.02
C ILE A 208 30.64 20.75 7.41
N TYR A 209 31.73 21.48 7.59
CA TYR A 209 31.82 22.86 7.14
C TYR A 209 33.15 23.25 6.49
N GLU A 210 34.24 22.55 6.83
CA GLU A 210 35.53 22.85 6.23
C GLU A 210 35.63 22.28 4.83
N TRP A 211 36.02 23.12 3.89
CA TRP A 211 36.27 22.68 2.54
C TRP A 211 37.49 21.75 2.51
N PRO A 212 37.36 20.58 1.87
CA PRO A 212 38.51 19.68 1.80
C PRO A 212 39.65 20.15 0.90
N GLU A 213 39.35 21.03 -0.05
CA GLU A 213 40.36 21.73 -0.84
C GLU A 213 39.89 23.14 -1.10
N THR A 214 40.78 24.00 -1.57
CA THR A 214 40.43 25.39 -1.84
C THR A 214 39.73 25.54 -3.19
N ASN A 215 39.09 26.69 -3.39
CA ASN A 215 38.50 27.07 -4.68
C ASN A 215 37.52 26.05 -5.25
N LEU A 216 36.67 25.54 -4.38
CA LEU A 216 35.62 24.61 -4.79
C LEU A 216 34.60 25.31 -5.66
N THR A 217 34.13 24.59 -6.67
CA THR A 217 33.01 25.01 -7.49
C THR A 217 31.68 24.69 -6.79
N GLY A 218 31.69 23.76 -5.83
CA GLY A 218 30.48 23.38 -5.13
C GLY A 218 30.82 22.44 -3.99
N PHE A 219 29.89 22.29 -3.05
CA PHE A 219 30.14 21.47 -1.86
C PHE A 219 28.80 21.07 -1.24
N ARG A 220 28.15 20.10 -1.86
CA ARG A 220 26.77 19.79 -1.51
C ARG A 220 26.33 18.37 -1.85
N ASP A 221 25.11 18.07 -1.41
CA ASP A 221 24.39 16.86 -1.77
C ASP A 221 25.02 15.63 -1.12
N PRO A 222 25.10 15.64 0.23
CA PRO A 222 25.73 14.52 0.92
C PRO A 222 24.94 13.24 0.72
N TYR A 223 25.64 12.20 0.27
CA TYR A 223 25.01 10.92 0.02
C TYR A 223 25.60 9.93 1.01
N VAL A 224 24.79 9.53 1.98
CA VAL A 224 25.23 8.63 3.05
C VAL A 224 24.87 7.19 2.68
N PHE A 225 25.81 6.27 2.87
CA PHE A 225 25.61 4.87 2.49
C PHE A 225 26.53 3.95 3.31
N GLN A 226 26.07 2.74 3.52
CA GLN A 226 26.89 1.68 4.12
C GLN A 226 27.52 0.91 2.98
N SER A 227 28.68 0.34 3.24
CA SER A 227 29.43 -0.34 2.18
C SER A 227 30.41 -1.35 2.77
N PRO A 228 29.98 -2.62 2.87
CA PRO A 228 30.90 -3.71 3.23
C PRO A 228 32.12 -3.75 2.31
N ARG A 229 31.90 -3.44 1.03
CA ARG A 229 32.97 -3.30 0.03
C ARG A 229 34.05 -2.30 0.46
N LEU A 230 33.64 -1.06 0.71
CA LEU A 230 34.60 -0.03 1.10
C LEU A 230 35.21 -0.30 2.47
N GLU A 231 34.43 -0.85 3.41
CA GLU A 231 34.98 -1.23 4.71
C GLU A 231 36.11 -2.27 4.58
N ALA A 232 35.89 -3.29 3.75
CA ALA A 232 36.92 -4.33 3.52
C ALA A 232 38.18 -3.74 2.90
N LEU A 233 38.01 -2.86 1.91
CA LEU A 233 39.14 -2.20 1.27
C LEU A 233 39.95 -1.30 2.19
N LEU A 234 39.29 -0.64 3.14
CA LEU A 234 39.96 0.30 4.05
C LEU A 234 40.42 -0.32 5.37
N ALA A 235 40.00 -1.55 5.67
CA ALA A 235 40.23 -2.19 6.97
C ALA A 235 41.71 -2.22 7.42
N ASN A 236 42.63 -2.37 6.47
CA ASN A 236 44.08 -2.37 6.78
C ASN A 236 44.73 -1.02 6.97
N THR A 237 43.99 0.06 6.66
CA THR A 237 44.49 1.44 6.72
C THR A 237 43.88 2.31 7.84
N THR A 238 42.97 1.78 8.64
CA THR A 238 42.24 2.62 9.60
C THR A 238 43.11 3.28 10.66
N SER A 239 44.31 2.74 10.93
CA SER A 239 45.31 3.42 11.76
C SER A 239 45.75 4.76 11.22
N ILE A 240 45.76 4.92 9.90
CA ILE A 240 46.24 6.17 9.29
C ILE A 240 45.24 7.33 9.51
N THR A 241 43.95 7.01 9.44
CA THR A 241 42.88 8.03 9.53
C THR A 241 42.08 8.01 10.83
N ASN A 242 42.09 6.87 11.53
CA ASN A 242 41.22 6.61 12.69
C ASN A 242 39.71 6.57 12.40
N ALA A 243 39.31 6.56 11.13
CA ALA A 243 37.88 6.54 10.77
C ALA A 243 37.44 5.09 10.62
N THR A 244 36.56 4.64 11.50
CA THR A 244 36.15 3.25 11.57
C THR A 244 34.64 3.06 11.56
N GLY A 245 33.88 4.12 11.27
CA GLY A 245 32.43 4.03 11.23
C GLY A 245 31.89 3.18 10.08
N ASP A 246 30.63 2.76 10.22
CA ASP A 246 29.97 1.94 9.22
C ASP A 246 29.17 2.74 8.15
N HIS A 247 29.22 4.07 8.20
CA HIS A 247 28.62 4.93 7.16
C HIS A 247 29.68 5.72 6.44
N PHE A 248 29.55 5.78 5.13
CA PHE A 248 30.34 6.67 4.28
C PHE A 248 29.43 7.80 3.79
N ALA A 249 30.03 8.92 3.39
CA ALA A 249 29.29 10.00 2.75
C ALA A 249 30.11 10.63 1.65
N THR A 250 29.50 10.79 0.47
CA THR A 250 30.11 11.58 -0.57
C THR A 250 29.52 12.99 -0.57
N ILE A 251 30.34 13.97 -0.94
CA ILE A 251 29.88 15.33 -1.18
C ILE A 251 30.30 15.72 -2.59
N SER A 252 29.36 16.29 -3.33
CA SER A 252 29.53 16.61 -4.73
C SER A 252 30.07 18.01 -4.95
N GLY A 253 31.03 18.14 -5.84
CA GLY A 253 31.58 19.46 -6.15
C GLY A 253 32.57 19.43 -7.29
N GLY A 254 33.67 20.16 -7.11
CA GLY A 254 34.70 20.31 -8.12
C GLY A 254 35.65 21.41 -7.70
N VAL A 255 36.63 21.70 -8.55
CA VAL A 255 37.65 22.70 -8.27
C VAL A 255 37.72 23.65 -9.47
N HIS A 256 37.72 24.96 -9.19
CA HIS A 256 37.70 25.96 -10.23
C HIS A 256 38.82 25.73 -11.25
N GLY A 257 38.43 25.71 -12.51
CA GLY A 257 39.36 25.48 -13.61
C GLY A 257 39.87 24.07 -13.81
N ASP A 258 39.55 23.14 -12.91
CA ASP A 258 40.19 21.83 -12.91
C ASP A 258 39.24 20.62 -12.79
N GLY A 259 37.98 20.82 -13.14
CA GLY A 259 37.03 19.73 -13.23
C GLY A 259 36.31 19.37 -11.94
N ALA A 260 35.39 18.43 -12.09
CA ALA A 260 34.51 17.98 -11.00
C ALA A 260 35.22 17.08 -10.03
N ARG A 261 34.65 16.95 -8.84
CA ARG A 261 35.15 16.11 -7.78
C ARG A 261 34.00 15.50 -6.99
N LEU A 262 34.15 14.23 -6.61
CA LEU A 262 33.28 13.63 -5.60
C LEU A 262 34.16 13.29 -4.41
N PHE A 263 33.90 13.96 -3.28
CA PHE A 263 34.72 13.83 -2.07
C PHE A 263 34.17 12.75 -1.17
N LEU A 264 35.04 11.88 -0.64
CA LEU A 264 34.61 10.79 0.23
C LEU A 264 34.96 11.07 1.67
N TYR A 265 33.94 10.94 2.53
CA TYR A 265 34.07 11.05 3.97
C TYR A 265 33.68 9.73 4.56
N ARG A 266 34.22 9.45 5.73
CA ARG A 266 33.79 8.30 6.50
C ARG A 266 33.45 8.74 7.91
N GLN A 267 32.31 8.27 8.38
CA GLN A 267 31.89 8.42 9.76
C GLN A 267 33.04 7.97 10.66
N HIS A 268 33.44 8.82 11.59
CA HIS A 268 34.65 8.55 12.36
C HIS A 268 34.46 7.37 13.30
N THR A 269 33.32 7.32 13.97
CA THR A 269 33.03 6.26 14.94
C THR A 269 31.61 5.76 14.79
N THR A 270 31.44 4.44 14.76
CA THR A 270 30.12 3.82 14.66
C THR A 270 29.23 4.31 15.79
N GLY A 271 27.96 4.56 15.47
CA GLY A 271 27.00 5.06 16.45
C GLY A 271 27.11 6.52 16.84
N GLU A 272 28.04 7.26 16.22
CA GLU A 272 28.23 8.68 16.51
C GLU A 272 28.18 9.44 15.20
N PHE A 273 27.42 10.54 15.16
CA PHE A 273 27.07 11.19 13.89
C PHE A 273 27.57 12.61 13.70
N ILE A 274 28.33 13.12 14.66
CA ILE A 274 28.86 14.48 14.56
C ILE A 274 30.14 14.51 13.72
N LYS A 275 31.04 13.57 13.96
CA LYS A 275 32.37 13.60 13.34
C LYS A 275 32.45 12.73 12.07
N TRP A 276 32.77 13.38 10.95
CA TRP A 276 32.94 12.74 9.65
C TRP A 276 34.34 13.11 9.16
N THR A 277 35.12 12.11 8.77
CA THR A 277 36.53 12.32 8.43
C THR A 277 36.69 12.29 6.93
N TYR A 278 37.27 13.35 6.37
CA TYR A 278 37.55 13.42 4.95
C TYR A 278 38.68 12.44 4.61
N LEU A 279 38.41 11.52 3.69
CA LEU A 279 39.43 10.54 3.27
C LEU A 279 40.19 11.07 2.07
N GLY A 280 39.46 11.45 1.04
CA GLY A 280 40.06 11.97 -0.18
C GLY A 280 39.05 12.01 -1.30
N PRO A 281 39.45 12.50 -2.48
CA PRO A 281 38.57 12.48 -3.64
C PRO A 281 38.32 11.05 -4.08
N LEU A 282 37.05 10.72 -4.32
CA LEU A 282 36.64 9.41 -4.81
C LEU A 282 36.67 9.42 -6.33
N VAL A 283 36.04 10.42 -6.93
CA VAL A 283 36.03 10.58 -8.38
C VAL A 283 36.62 11.95 -8.74
N THR A 284 37.57 11.94 -9.66
CA THR A 284 38.23 13.14 -10.15
C THR A 284 38.14 13.07 -11.66
N THR A 285 37.51 14.07 -12.27
CA THR A 285 37.42 14.19 -13.72
C THR A 285 37.95 15.55 -14.14
N GLY A 286 38.20 15.68 -15.44
CA GLY A 286 38.81 16.89 -16.00
C GLY A 286 37.80 17.94 -16.38
N TYR A 287 38.27 19.18 -16.48
CA TYR A 287 37.45 20.31 -16.91
C TYR A 287 36.82 20.07 -18.28
N LYS A 288 35.51 19.86 -18.29
CA LYS A 288 34.75 19.51 -19.49
C LYS A 288 35.28 18.29 -20.24
N GLU A 289 35.87 17.34 -19.52
CA GLU A 289 36.31 16.05 -20.07
C GLU A 289 35.08 15.26 -20.53
N SER A 290 35.20 14.58 -21.68
CA SER A 290 34.18 13.65 -22.14
C SER A 290 34.80 12.29 -22.42
N TYR A 291 34.13 11.23 -21.99
CA TYR A 291 34.52 9.85 -22.33
C TYR A 291 34.00 9.46 -23.72
N GLY A 292 33.18 10.31 -24.35
CA GLY A 292 32.79 10.14 -25.74
C GLY A 292 31.29 10.23 -25.95
N GLU A 293 30.88 9.82 -27.15
CA GLU A 293 29.51 9.99 -27.67
C GLU A 293 28.44 9.27 -26.85
N TRP A 294 28.83 8.22 -26.14
CA TRP A 294 27.91 7.42 -25.34
C TRP A 294 27.88 7.85 -23.87
N SER A 295 28.59 8.91 -23.52
CA SER A 295 28.93 9.17 -22.12
C SER A 295 28.69 10.61 -21.65
N GLY A 296 28.04 11.44 -22.47
CA GLY A 296 27.83 12.86 -22.15
C GLY A 296 29.15 13.58 -21.95
N ASN A 297 29.18 14.47 -20.95
CA ASN A 297 30.35 15.28 -20.65
C ASN A 297 30.41 15.53 -19.14
N TYR A 298 31.61 15.43 -18.58
CA TYR A 298 31.78 15.55 -17.12
C TYR A 298 31.75 16.99 -16.58
N GLY A 299 31.60 17.99 -17.45
CA GLY A 299 31.36 19.37 -17.03
C GLY A 299 32.45 19.92 -16.12
N ILE A 300 32.04 20.78 -15.20
CA ILE A 300 32.96 21.47 -14.29
C ILE A 300 32.67 21.21 -12.80
N ASN A 301 31.56 20.55 -12.51
CA ASN A 301 31.06 20.42 -11.15
C ASN A 301 30.03 19.29 -11.13
N PHE A 302 30.08 18.45 -10.09
CA PHE A 302 29.09 17.41 -9.88
C PHE A 302 27.99 17.88 -8.94
N GLU A 303 26.80 17.35 -9.18
CA GLU A 303 25.66 17.51 -8.27
C GLU A 303 24.97 16.16 -8.08
N THR A 304 24.33 16.02 -6.91
CA THR A 304 23.52 14.86 -6.53
C THR A 304 24.16 13.52 -6.83
N ALA A 305 25.47 13.41 -6.58
CA ALA A 305 26.17 12.16 -6.83
C ALA A 305 25.85 11.13 -5.75
N GLY A 306 25.76 9.86 -6.16
CA GLY A 306 25.59 8.75 -5.24
C GLY A 306 26.49 7.58 -5.62
N VAL A 307 26.60 6.63 -4.70
CA VAL A 307 27.46 5.46 -4.82
C VAL A 307 26.63 4.23 -4.51
N THR A 308 26.71 3.22 -5.37
CA THR A 308 26.02 1.96 -5.14
C THR A 308 26.85 0.78 -5.65
N ARG A 309 26.35 -0.42 -5.37
CA ARG A 309 26.98 -1.67 -5.82
C ARG A 309 25.85 -2.59 -6.22
N LEU A 310 25.94 -3.12 -7.43
CA LEU A 310 24.84 -3.86 -8.03
C LEU A 310 25.35 -5.18 -8.59
N ASN A 311 24.43 -6.13 -8.75
CA ASN A 311 24.71 -7.38 -9.47
C ASN A 311 23.53 -7.62 -10.40
N PRO A 312 23.52 -8.75 -11.15
CA PRO A 312 22.41 -8.90 -12.10
C PRO A 312 21.01 -8.85 -11.50
N ALA A 313 20.86 -9.24 -10.25
CA ALA A 313 19.55 -9.26 -9.59
C ALA A 313 19.10 -7.91 -9.01
N GLY A 314 20.03 -6.99 -8.74
CA GLY A 314 19.70 -5.73 -8.09
C GLY A 314 20.86 -5.20 -7.26
N ALA A 315 20.60 -4.87 -6.01
CA ALA A 315 21.63 -4.36 -5.11
C ALA A 315 22.50 -5.51 -4.60
N ALA A 316 23.80 -5.24 -4.49
CA ALA A 316 24.75 -6.21 -3.96
C ALA A 316 25.38 -5.63 -2.69
N TRP A 317 25.33 -6.39 -1.60
CA TRP A 317 25.91 -5.95 -0.32
C TRP A 317 27.12 -6.78 0.13
N ASP A 318 27.78 -7.44 -0.82
CA ASP A 318 28.97 -8.24 -0.53
C ASP A 318 30.20 -7.35 -0.31
N ASN A 319 31.24 -7.93 0.26
CA ASN A 319 32.50 -7.21 0.52
C ASN A 319 33.48 -7.16 -0.65
N GLY A 320 33.05 -7.61 -1.83
CA GLY A 320 33.94 -7.79 -2.98
C GLY A 320 33.96 -9.23 -3.47
N SER A 321 33.51 -10.16 -2.63
CA SER A 321 33.51 -11.60 -2.96
C SER A 321 32.61 -12.01 -4.12
N ASP A 322 31.55 -11.23 -4.38
CA ASP A 322 30.66 -11.51 -5.52
C ASP A 322 31.31 -10.99 -6.80
N THR A 323 31.79 -11.91 -7.63
CA THR A 323 32.43 -11.57 -8.91
C THR A 323 31.44 -11.05 -9.97
N THR A 324 30.14 -11.22 -9.75
CA THR A 324 29.12 -10.67 -10.65
C THR A 324 28.74 -9.22 -10.29
N ALA A 325 29.22 -8.71 -9.16
CA ALA A 325 28.85 -7.37 -8.69
C ALA A 325 29.77 -6.29 -9.27
N VAL A 326 29.21 -5.10 -9.49
CA VAL A 326 29.91 -3.97 -10.07
C VAL A 326 29.62 -2.73 -9.22
N ASP A 327 30.67 -1.93 -8.95
CA ASP A 327 30.53 -0.66 -8.23
C ASP A 327 30.19 0.44 -9.22
N PHE A 328 29.19 1.25 -8.87
CA PHE A 328 28.72 2.33 -9.73
C PHE A 328 28.65 3.63 -8.95
N VAL A 329 28.91 4.73 -9.66
CA VAL A 329 28.63 6.07 -9.16
C VAL A 329 27.64 6.66 -10.15
N THR A 330 26.59 7.32 -9.62
CA THR A 330 25.67 8.10 -10.46
C THR A 330 25.86 9.56 -10.06
N PHE A 331 25.78 10.47 -11.03
CA PHE A 331 26.10 11.88 -10.78
C PHE A 331 25.59 12.78 -11.88
N GLY A 332 25.16 13.98 -11.49
CA GLY A 332 24.89 15.05 -12.44
C GLY A 332 26.13 15.86 -12.69
N THR A 333 26.25 16.41 -13.89
CA THR A 333 27.33 17.37 -14.20
C THR A 333 26.75 18.67 -14.73
N GLU A 334 27.47 19.77 -14.50
CA GLU A 334 27.08 21.10 -14.93
C GLU A 334 28.09 21.71 -15.88
N GLN A 335 27.57 22.51 -16.81
CA GLN A 335 28.35 23.32 -17.76
C GLN A 335 29.18 22.50 -18.75
N GLY A 336 28.74 21.28 -19.02
CA GLY A 336 29.35 20.45 -20.06
C GLY A 336 28.34 20.11 -21.14
N ARG A 337 27.34 20.95 -21.33
CA ARG A 337 26.27 20.67 -22.29
C ARG A 337 25.69 21.97 -22.81
N ALA A 338 25.44 22.03 -24.11
CA ALA A 338 24.99 23.26 -24.76
C ALA A 338 23.50 23.52 -24.55
N ASP A 339 22.76 22.52 -24.08
CA ASP A 339 21.31 22.65 -23.89
C ASP A 339 20.92 21.78 -22.69
N HIS A 340 19.63 21.48 -22.50
CA HIS A 340 19.16 20.73 -21.33
C HIS A 340 19.69 21.35 -20.05
N GLN A 341 19.57 22.68 -19.98
CA GLN A 341 19.93 23.46 -18.80
C GLN A 341 21.38 23.19 -18.36
N ASN A 342 22.25 22.94 -19.35
CA ASN A 342 23.66 22.64 -19.14
C ASN A 342 23.94 21.43 -18.24
N HIS A 343 23.00 20.47 -18.21
CA HIS A 343 23.00 19.38 -17.22
C HIS A 343 22.94 17.99 -17.83
N TRP A 344 23.89 17.14 -17.45
CA TRP A 344 23.93 15.72 -17.83
C TRP A 344 23.71 14.89 -16.57
N PRO A 345 22.73 13.96 -16.57
CA PRO A 345 22.67 12.93 -15.53
C PRO A 345 23.40 11.65 -15.98
N LEU A 346 24.54 11.38 -15.36
CA LEU A 346 25.45 10.34 -15.81
C LEU A 346 25.59 9.21 -14.80
N TRP A 347 26.28 8.16 -15.22
CA TRP A 347 26.71 7.08 -14.33
C TRP A 347 28.02 6.51 -14.82
N ALA A 348 28.76 5.89 -13.92
CA ALA A 348 30.02 5.23 -14.28
C ALA A 348 30.23 3.97 -13.46
N ALA A 349 30.68 2.91 -14.13
CA ALA A 349 31.20 1.75 -13.45
C ALA A 349 32.63 2.09 -13.03
N VAL A 350 33.00 1.74 -11.80
CA VAL A 350 34.29 2.12 -11.24
C VAL A 350 34.98 0.93 -10.62
N ASP A 351 36.31 0.96 -10.64
CA ASP A 351 37.14 0.00 -9.91
C ASP A 351 37.87 0.75 -8.81
N TYR A 352 37.65 0.33 -7.56
CA TYR A 352 38.23 1.02 -6.41
C TYR A 352 39.69 0.62 -6.19
N GLU A 353 40.56 1.61 -5.98
CA GLU A 353 41.94 1.40 -5.55
C GLU A 353 42.12 2.08 -4.21
N VAL A 354 42.88 1.45 -3.30
CA VAL A 354 43.18 2.02 -2.00
C VAL A 354 44.46 2.85 -2.09
N ARG A 355 44.39 4.12 -1.69
CA ARG A 355 45.56 4.98 -1.66
C ARG A 355 46.35 4.74 -0.37
N ASP A 356 47.63 5.11 -0.38
CA ASP A 356 48.49 4.95 0.80
C ASP A 356 48.02 5.75 2.01
N ASN A 357 47.36 6.89 1.79
CA ASN A 357 46.80 7.67 2.92
C ASN A 357 45.45 7.18 3.47
N GLY A 358 45.02 5.98 3.10
CA GLY A 358 43.80 5.39 3.64
C GLY A 358 42.53 5.98 3.03
N SER A 359 42.58 6.28 1.74
CA SER A 359 41.43 6.78 0.98
C SER A 359 41.22 5.88 -0.24
N ILE A 360 40.19 6.18 -1.03
CA ILE A 360 39.80 5.36 -2.16
C ILE A 360 39.77 6.19 -3.43
N GLU A 361 40.43 5.71 -4.48
CA GLU A 361 40.25 6.25 -5.82
C GLU A 361 39.30 5.34 -6.58
N ALA A 362 38.22 5.91 -7.09
CA ALA A 362 37.29 5.20 -7.97
C ALA A 362 37.72 5.47 -9.41
N VAL A 363 38.33 4.47 -10.04
CA VAL A 363 38.81 4.59 -11.41
C VAL A 363 37.68 4.21 -12.35
N ILE A 364 37.30 5.13 -13.23
CA ILE A 364 36.18 4.88 -14.15
C ILE A 364 36.56 3.79 -15.17
N ALA A 365 35.76 2.74 -15.21
CA ALA A 365 35.97 1.60 -16.12
C ALA A 365 35.16 1.77 -17.40
N TYR A 366 33.92 2.22 -17.26
CA TYR A 366 33.11 2.66 -18.37
C TYR A 366 32.04 3.63 -17.86
N SER A 367 31.46 4.41 -18.76
CA SER A 367 30.71 5.60 -18.36
C SER A 367 29.56 5.82 -19.30
N GLY A 368 28.38 6.02 -18.74
CA GLY A 368 27.16 6.20 -19.51
C GLY A 368 26.28 7.33 -19.02
N VAL A 369 25.05 7.31 -19.55
CA VAL A 369 24.05 8.33 -19.32
C VAL A 369 22.83 7.66 -18.68
N GLN A 370 22.33 8.26 -17.60
CA GLN A 370 21.18 7.70 -16.87
C GLN A 370 19.85 8.03 -17.57
N ASP A 371 19.78 9.21 -18.17
CA ASP A 371 18.62 9.63 -18.95
C ASP A 371 19.10 10.69 -19.94
N TRP A 372 18.66 10.58 -21.19
CA TRP A 372 19.15 11.45 -22.27
C TRP A 372 18.34 12.73 -22.49
N GLY A 373 17.23 12.91 -21.77
CA GLY A 373 16.33 14.02 -22.00
C GLY A 373 16.31 15.05 -20.89
N ARG A 374 15.15 15.67 -20.69
CA ARG A 374 14.98 16.78 -19.74
C ARG A 374 14.79 16.29 -18.31
N SER A 375 15.78 15.56 -17.81
CA SER A 375 15.78 15.10 -16.42
C SER A 375 17.17 15.22 -15.83
N TYR A 376 17.23 15.23 -14.50
CA TYR A 376 18.45 15.51 -13.75
C TYR A 376 18.19 15.18 -12.29
N ALA A 377 19.25 15.19 -11.48
CA ALA A 377 19.15 15.07 -10.02
C ALA A 377 18.60 13.72 -9.62
N TYR A 378 19.15 12.66 -10.22
CA TYR A 378 18.78 11.30 -9.86
C TYR A 378 19.34 10.96 -8.48
N ALA A 379 18.50 10.36 -7.65
CA ALA A 379 18.89 9.81 -6.36
C ALA A 379 18.56 8.31 -6.37
N SER A 380 19.41 7.50 -5.74
CA SER A 380 19.10 6.08 -5.53
C SER A 380 19.13 5.73 -4.06
N PHE A 381 18.31 4.75 -3.68
CA PHE A 381 18.18 4.33 -2.30
C PHE A 381 17.89 2.84 -2.20
N PRO A 382 18.31 2.21 -1.08
CA PRO A 382 18.11 0.78 -0.95
C PRO A 382 16.68 0.44 -0.61
N VAL A 383 16.20 -0.67 -1.17
CA VAL A 383 14.85 -1.15 -0.91
C VAL A 383 14.93 -2.65 -0.61
N GLU A 384 14.10 -3.07 0.34
CA GLU A 384 14.04 -4.46 0.83
C GLU A 384 13.98 -5.44 -0.32
N GLY A 385 14.66 -6.58 -0.18
CA GLY A 385 14.74 -7.58 -1.26
C GLY A 385 15.89 -7.35 -2.23
N TYR A 386 16.97 -6.75 -1.74
CA TYR A 386 18.18 -6.55 -2.51
C TYR A 386 17.94 -5.71 -3.76
N ARG A 387 17.30 -4.56 -3.55
CA ARG A 387 17.02 -3.62 -4.62
C ARG A 387 17.69 -2.28 -4.35
N GLN A 388 18.03 -1.60 -5.43
CA GLN A 388 18.45 -0.20 -5.39
C GLN A 388 17.56 0.51 -6.38
N VAL A 389 16.80 1.50 -5.90
CA VAL A 389 15.78 2.16 -6.70
C VAL A 389 16.20 3.61 -6.91
N SER A 390 16.08 4.07 -8.16
CA SER A 390 16.55 5.39 -8.59
C SER A 390 15.38 6.18 -9.14
N VAL A 391 15.37 7.48 -8.85
CA VAL A 391 14.32 8.38 -9.32
C VAL A 391 14.94 9.76 -9.52
N GLY A 392 14.46 10.48 -10.52
CA GLY A 392 15.00 11.79 -10.87
C GLY A 392 13.89 12.81 -11.02
N TRP A 393 14.29 13.99 -11.48
CA TRP A 393 13.40 15.13 -11.65
C TRP A 393 13.32 15.47 -13.13
N ILE A 394 12.09 15.58 -13.64
CA ILE A 394 11.82 16.03 -15.00
C ILE A 394 11.40 17.48 -14.92
N TYR A 395 12.21 18.37 -15.49
CA TYR A 395 11.88 19.79 -15.56
C TYR A 395 10.92 20.02 -16.72
N GLU A 396 10.30 21.19 -16.75
CA GLU A 396 9.40 21.57 -17.86
C GLU A 396 10.25 21.94 -19.07
N ASP A 397 9.60 22.26 -20.20
CA ASP A 397 10.32 22.81 -21.35
C ASP A 397 9.75 24.19 -21.66
N ASP A 398 9.97 25.09 -20.70
CA ASP A 398 9.50 26.47 -20.77
C ASP A 398 10.59 27.34 -20.13
N ASP A 399 11.79 27.25 -20.68
CA ASP A 399 12.97 27.87 -20.07
C ASP A 399 12.93 29.38 -20.00
N ASN A 400 12.13 30.04 -20.86
CA ASN A 400 11.92 31.49 -20.75
C ASN A 400 10.79 31.87 -19.81
N VAL A 401 10.17 30.89 -19.13
CA VAL A 401 9.20 31.14 -18.07
C VAL A 401 7.99 31.92 -18.60
N ILE A 402 7.50 31.49 -19.78
CA ILE A 402 6.43 32.20 -20.48
C ILE A 402 5.06 31.83 -19.94
N LEU A 403 4.83 30.55 -19.65
CA LEU A 403 3.54 30.08 -19.15
C LEU A 403 3.59 29.41 -17.76
N ALA A 404 4.72 29.57 -17.05
CA ALA A 404 4.88 28.96 -15.73
C ALA A 404 3.83 29.41 -14.73
N LYS A 405 3.54 30.71 -14.69
CA LYS A 405 2.52 31.24 -13.79
C LYS A 405 1.13 30.72 -14.11
N GLN A 406 0.86 30.59 -15.42
CA GLN A 406 -0.40 30.06 -15.89
C GLN A 406 -0.56 28.58 -15.51
N PHE A 407 0.53 27.81 -15.58
CA PHE A 407 0.54 26.43 -15.02
C PHE A 407 0.20 26.46 -13.53
N GLY A 408 0.89 27.32 -12.78
CA GLY A 408 0.81 27.32 -11.33
C GLY A 408 1.67 26.24 -10.67
N TYR A 409 2.55 25.61 -11.44
CA TYR A 409 3.49 24.61 -10.93
C TYR A 409 4.61 24.43 -11.94
N GLN A 410 5.70 23.81 -11.50
CA GLN A 410 6.81 23.39 -12.36
C GLN A 410 7.40 22.11 -11.81
N GLY A 411 7.56 21.10 -12.68
CA GLY A 411 8.37 19.94 -12.39
C GLY A 411 7.57 18.71 -12.00
N ALA A 412 8.18 17.55 -12.23
CA ALA A 412 7.68 16.28 -11.70
C ALA A 412 8.85 15.34 -11.49
N PHE A 413 8.61 14.18 -10.88
CA PHE A 413 9.60 13.13 -10.86
C PHE A 413 9.53 12.32 -12.16
N THR A 414 10.60 11.57 -12.42
CA THR A 414 10.56 10.43 -13.32
C THR A 414 9.78 9.33 -12.64
N LEU A 415 9.64 8.18 -13.32
CA LEU A 415 9.20 6.98 -12.64
C LEU A 415 10.34 6.43 -11.80
N PHE A 416 9.99 5.59 -10.82
CA PHE A 416 10.96 4.93 -9.97
C PHE A 416 11.51 3.73 -10.74
N ARG A 417 12.84 3.56 -10.70
CA ARG A 417 13.53 2.59 -11.53
C ARG A 417 14.38 1.66 -10.70
N ASP A 418 14.23 0.34 -10.89
CA ASP A 418 15.18 -0.61 -10.31
C ASP A 418 16.47 -0.56 -11.09
N LEU A 419 17.58 -0.41 -10.37
CA LEU A 419 18.91 -0.55 -10.94
C LEU A 419 19.41 -1.98 -10.76
N PHE A 420 20.16 -2.45 -11.74
CA PHE A 420 20.75 -3.79 -11.72
C PHE A 420 21.89 -3.81 -12.77
N VAL A 421 22.70 -4.86 -12.74
CA VAL A 421 23.71 -5.07 -13.79
C VAL A 421 23.04 -5.80 -14.94
N LYS A 422 22.92 -5.14 -16.10
CA LYS A 422 22.38 -5.77 -17.29
C LYS A 422 23.50 -6.59 -17.93
N VAL A 423 23.24 -7.88 -18.11
CA VAL A 423 24.17 -8.81 -18.75
C VAL A 423 23.52 -9.36 -20.01
N VAL A 424 24.18 -9.23 -21.15
CA VAL A 424 23.70 -9.79 -22.41
C VAL A 424 24.69 -10.87 -22.81
N GLU A 425 24.21 -12.11 -22.92
CA GLU A 425 25.07 -13.23 -23.29
C GLU A 425 25.01 -13.50 -24.78
N ASN A 426 26.02 -14.22 -25.27
CA ASN A 426 26.07 -14.68 -26.66
C ASN A 426 25.95 -13.56 -27.67
N VAL A 427 26.65 -12.46 -27.40
CA VAL A 427 26.67 -11.32 -28.31
C VAL A 427 27.65 -11.61 -29.45
N SER A 428 27.22 -11.31 -30.67
CA SER A 428 28.02 -11.48 -31.88
C SER A 428 29.17 -10.47 -31.88
N PRO A 429 30.42 -10.97 -32.07
CA PRO A 429 31.55 -10.06 -32.25
C PRO A 429 31.46 -9.07 -33.42
N SER A 430 30.56 -9.31 -34.39
CA SER A 430 30.37 -8.37 -35.50
C SER A 430 29.34 -7.28 -35.20
N THR A 431 28.80 -7.23 -33.98
CA THR A 431 27.99 -6.08 -33.57
C THR A 431 28.80 -4.80 -33.78
N PRO A 432 28.31 -3.86 -34.60
CA PRO A 432 29.11 -2.66 -34.88
C PRO A 432 29.49 -1.89 -33.60
N GLY A 433 30.74 -1.41 -33.54
CA GLY A 433 31.24 -0.61 -32.42
C GLY A 433 31.34 -1.31 -31.08
N LEU A 434 31.27 -2.64 -31.05
CA LEU A 434 31.14 -3.36 -29.78
C LEU A 434 32.37 -3.23 -28.88
N PHE A 435 33.57 -3.18 -29.47
CA PHE A 435 34.82 -3.15 -28.70
C PHE A 435 35.34 -1.77 -28.40
N GLU A 436 34.55 -0.76 -28.72
CA GLU A 436 34.75 0.57 -28.19
C GLU A 436 34.59 0.48 -26.64
N GLN A 437 33.74 -0.45 -26.16
CA GLN A 437 33.45 -0.65 -24.73
C GLN A 437 33.17 0.71 -24.01
N ALA A 438 32.30 1.50 -24.64
CA ALA A 438 32.10 2.91 -24.19
C ALA A 438 31.31 3.03 -22.88
N SER A 439 30.02 2.67 -22.86
CA SER A 439 29.22 2.60 -21.63
C SER A 439 28.84 1.14 -21.32
N TRP A 440 29.74 0.22 -21.68
CA TRP A 440 29.59 -1.20 -21.37
C TRP A 440 30.96 -1.84 -21.36
N SER A 441 31.01 -3.06 -20.83
CA SER A 441 32.19 -3.87 -20.83
C SER A 441 31.94 -5.10 -21.69
N THR A 442 33.01 -5.68 -22.23
CA THR A 442 32.94 -6.92 -22.99
C THR A 442 33.93 -7.92 -22.44
N LYS A 443 33.49 -9.17 -22.30
CA LYS A 443 34.36 -10.29 -22.01
C LYS A 443 34.18 -11.34 -23.11
N ASN A 444 35.26 -11.64 -23.82
CA ASN A 444 35.25 -12.69 -24.84
C ASN A 444 35.09 -14.08 -24.24
N SER A 445 34.38 -14.94 -24.96
CA SER A 445 34.39 -16.38 -24.66
C SER A 445 35.81 -16.93 -24.87
N THR A 446 36.10 -18.07 -24.27
CA THR A 446 37.39 -18.74 -24.46
C THR A 446 37.74 -18.90 -25.95
N ASP A 447 36.78 -19.31 -26.76
CA ASP A 447 37.01 -19.52 -28.20
C ASP A 447 36.92 -18.27 -29.08
N GLY A 448 36.58 -17.11 -28.48
CA GLY A 448 36.53 -15.85 -29.23
C GLY A 448 35.37 -15.65 -30.19
N MET A 449 34.39 -16.56 -30.16
CA MET A 449 33.24 -16.54 -31.08
C MET A 449 32.00 -15.83 -30.52
N SER A 450 31.99 -15.56 -29.23
CA SER A 450 30.93 -14.78 -28.60
C SER A 450 31.48 -13.89 -27.48
N VAL A 451 30.64 -12.94 -27.09
CA VAL A 451 31.00 -11.92 -26.08
C VAL A 451 29.87 -11.83 -25.06
N THR A 452 30.26 -11.63 -23.81
CA THR A 452 29.33 -11.24 -22.76
C THR A 452 29.43 -9.73 -22.58
N VAL A 453 28.30 -9.03 -22.71
CA VAL A 453 28.24 -7.58 -22.50
C VAL A 453 27.67 -7.28 -21.12
N THR A 454 28.30 -6.34 -20.42
CA THR A 454 27.83 -5.87 -19.10
C THR A 454 27.63 -4.35 -19.15
N THR A 455 26.50 -3.87 -18.63
CA THR A 455 26.24 -2.45 -18.50
C THR A 455 25.27 -2.19 -17.34
N LEU A 456 24.92 -0.93 -17.12
CA LEU A 456 23.91 -0.57 -16.12
C LEU A 456 22.53 -0.84 -16.69
N GLY A 457 21.72 -1.59 -15.96
CA GLY A 457 20.33 -1.81 -16.30
C GLY A 457 19.43 -0.86 -15.51
N GLN A 458 18.37 -0.41 -16.16
CA GLN A 458 17.31 0.37 -15.52
C GLN A 458 15.99 -0.14 -16.02
N ARG A 459 15.04 -0.37 -15.11
CA ARG A 459 13.68 -0.72 -15.51
C ARG A 459 12.70 -0.14 -14.51
N VAL A 460 11.49 0.17 -14.98
CA VAL A 460 10.48 0.74 -14.11
C VAL A 460 10.17 -0.31 -13.04
N VAL A 461 10.05 0.13 -11.80
CA VAL A 461 9.74 -0.78 -10.69
C VAL A 461 8.46 -1.58 -11.02
N PRO A 462 8.47 -2.89 -10.72
CA PRO A 462 7.33 -3.73 -11.15
C PRO A 462 5.98 -3.36 -10.49
N GLU A 463 6.04 -2.77 -9.30
CA GLU A 463 4.83 -2.32 -8.61
C GLU A 463 4.06 -1.32 -9.47
N THR A 464 4.80 -0.41 -10.13
CA THR A 464 4.20 0.61 -10.96
C THR A 464 3.65 0.01 -12.26
N LEU A 465 4.43 -0.86 -12.90
CA LEU A 465 3.97 -1.52 -14.13
C LEU A 465 2.68 -2.33 -13.88
N ALA A 466 2.64 -3.07 -12.77
CA ALA A 466 1.46 -3.85 -12.42
C ALA A 466 0.24 -2.97 -12.13
N ALA A 467 0.45 -1.91 -11.35
CA ALA A 467 -0.65 -1.01 -11.01
C ALA A 467 -1.17 -0.28 -12.26
N TYR A 468 -0.25 0.22 -13.09
CA TYR A 468 -0.60 0.88 -14.34
C TYR A 468 -1.47 -0.02 -15.24
N LYS A 469 -0.97 -1.22 -15.49
CA LYS A 469 -1.68 -2.16 -16.36
C LYS A 469 -3.04 -2.54 -15.78
N GLY A 470 -3.09 -2.85 -14.49
CA GLY A 470 -4.33 -3.30 -13.86
C GLY A 470 -5.42 -2.25 -13.75
N ASN A 471 -5.03 -0.98 -13.70
CA ASN A 471 -5.99 0.12 -13.65
C ASN A 471 -6.34 0.67 -15.02
N SER A 472 -5.61 0.26 -16.06
CA SER A 472 -5.84 0.74 -17.42
C SER A 472 -6.83 -0.13 -18.19
N THR A 473 -7.41 0.44 -19.25
CA THR A 473 -8.02 -0.36 -20.31
C THR A 473 -6.89 -0.83 -21.22
N VAL A 474 -6.62 -2.14 -21.22
CA VAL A 474 -5.50 -2.72 -21.95
C VAL A 474 -5.98 -3.24 -23.30
N SER A 475 -5.33 -2.80 -24.38
CA SER A 475 -5.55 -3.33 -25.72
C SER A 475 -4.30 -4.04 -26.18
N THR A 476 -4.39 -5.37 -26.33
CA THR A 476 -3.29 -6.16 -26.91
C THR A 476 -3.47 -6.11 -28.42
N LEU A 477 -2.46 -5.58 -29.12
CA LEU A 477 -2.59 -5.28 -30.54
C LEU A 477 -1.92 -6.35 -31.39
N ALA A 478 -2.49 -6.60 -32.56
CA ALA A 478 -1.94 -7.58 -33.50
C ALA A 478 -0.58 -7.11 -34.02
N PRO A 479 0.36 -8.04 -34.27
CA PRO A 479 1.65 -7.60 -34.81
C PRO A 479 1.48 -6.93 -36.18
N VAL A 480 2.39 -6.00 -36.48
CA VAL A 480 2.33 -5.22 -37.71
C VAL A 480 3.65 -5.35 -38.43
N MET A 481 3.61 -5.80 -39.69
CA MET A 481 4.79 -5.84 -40.53
C MET A 481 4.85 -4.53 -41.31
N LEU A 482 5.96 -3.80 -41.13
CA LEU A 482 6.18 -2.54 -41.83
C LEU A 482 7.03 -2.78 -43.07
N ASN A 483 6.43 -2.60 -44.25
CA ASN A 483 7.07 -2.86 -45.53
C ASN A 483 6.75 -1.74 -46.52
N GLU A 484 6.73 -2.04 -47.83
CA GLU A 484 6.43 -1.02 -48.87
C GLU A 484 5.05 -0.40 -48.72
N SER A 485 4.09 -1.16 -48.18
CA SER A 485 2.72 -0.67 -47.97
C SER A 485 2.53 0.24 -46.74
N ALA A 486 3.55 0.35 -45.88
CA ALA A 486 3.42 1.09 -44.62
C ALA A 486 3.27 2.58 -44.90
N ALA A 487 2.23 3.19 -44.34
CA ALA A 487 2.12 4.64 -44.32
C ALA A 487 3.21 5.24 -43.42
N ALA A 488 3.40 6.56 -43.49
CA ALA A 488 4.36 7.24 -42.62
C ALA A 488 3.93 7.04 -41.16
N TYR A 489 2.63 7.23 -40.92
CA TYR A 489 1.99 7.05 -39.62
C TYR A 489 0.78 6.13 -39.74
N THR A 490 0.74 5.11 -38.89
CA THR A 490 -0.36 4.15 -38.84
C THR A 490 -0.95 4.13 -37.41
N PRO A 491 -2.11 4.76 -37.20
CA PRO A 491 -2.74 4.71 -35.88
C PRO A 491 -2.94 3.29 -35.36
N PHE A 492 -2.80 3.10 -34.05
CA PHE A 492 -3.11 1.79 -33.46
C PHE A 492 -4.60 1.49 -33.64
N SER A 493 -4.94 0.21 -33.72
CA SER A 493 -6.35 -0.24 -33.85
C SER A 493 -7.25 0.17 -32.68
N SER A 494 -6.65 0.35 -31.50
CA SER A 494 -7.32 0.99 -30.36
C SER A 494 -6.56 2.27 -30.03
N GLN A 495 -7.29 3.30 -29.63
CA GLN A 495 -6.71 4.60 -29.36
C GLN A 495 -6.81 4.98 -27.88
N PRO A 496 -5.86 5.81 -27.39
CA PRO A 496 -6.02 6.38 -26.06
C PRO A 496 -7.27 7.25 -25.95
N THR A 497 -7.75 7.48 -24.74
CA THR A 497 -8.89 8.37 -24.49
C THR A 497 -8.47 9.69 -23.83
N ASP A 498 -7.19 9.85 -23.50
CA ASP A 498 -6.70 11.05 -22.80
C ASP A 498 -5.17 11.01 -22.86
N ARG A 499 -4.50 11.88 -22.10
CA ARG A 499 -3.05 12.02 -22.15
C ARG A 499 -2.32 11.18 -21.10
N PHE A 500 -2.89 10.02 -20.75
CA PHE A 500 -2.36 9.16 -19.70
C PHE A 500 -2.40 7.75 -20.22
N TYR A 501 -1.26 7.29 -20.75
CA TYR A 501 -1.18 5.95 -21.28
C TYR A 501 0.24 5.45 -21.43
N ALA A 502 0.35 4.14 -21.64
CA ALA A 502 1.61 3.49 -21.88
C ALA A 502 1.53 2.66 -23.16
N LEU A 503 2.66 2.56 -23.84
CA LEU A 503 2.79 1.79 -25.06
C LEU A 503 3.96 0.86 -24.91
N THR A 504 3.84 -0.34 -25.46
CA THR A 504 4.99 -1.20 -25.61
C THR A 504 5.04 -1.80 -27.02
N GLY A 505 6.26 -2.11 -27.49
CA GLY A 505 6.46 -2.77 -28.77
C GLY A 505 7.87 -3.28 -28.92
N SER A 506 8.02 -4.38 -29.67
CA SER A 506 9.33 -4.92 -30.05
C SER A 506 9.49 -4.74 -31.54
N PHE A 507 10.55 -4.05 -31.94
CA PHE A 507 10.81 -3.70 -33.33
C PHE A 507 11.97 -4.55 -33.80
N GLU A 508 11.70 -5.47 -34.73
CA GLU A 508 12.73 -6.37 -35.27
C GLU A 508 13.23 -5.80 -36.59
N PHE A 509 14.53 -5.52 -36.63
CA PHE A 509 15.18 -4.92 -37.79
C PHE A 509 16.15 -5.90 -38.41
N GLY A 510 16.32 -5.82 -39.74
CA GLY A 510 17.42 -6.50 -40.41
C GLY A 510 18.76 -5.95 -39.96
N LEU A 511 19.79 -6.80 -39.98
CA LEU A 511 21.12 -6.40 -39.53
C LEU A 511 21.76 -5.26 -40.36
N ASN A 512 21.30 -5.06 -41.59
CA ASN A 512 21.82 -3.97 -42.43
C ASN A 512 20.71 -3.03 -42.86
N THR A 513 19.69 -2.87 -42.02
CA THR A 513 18.59 -1.98 -42.32
C THR A 513 19.06 -0.53 -42.44
N THR A 514 18.35 0.24 -43.25
CA THR A 514 18.43 1.69 -43.22
C THR A 514 17.04 2.26 -42.96
N ALA A 515 16.12 1.41 -42.53
CA ALA A 515 14.75 1.85 -42.24
C ALA A 515 14.71 2.43 -40.83
N LYS A 516 13.73 3.30 -40.59
CA LYS A 516 13.47 3.86 -39.27
C LYS A 516 12.04 3.47 -38.89
N ALA A 517 11.83 3.21 -37.60
CA ALA A 517 10.49 2.98 -37.08
C ALA A 517 10.37 3.45 -35.63
N GLY A 518 9.15 3.57 -35.17
CA GLY A 518 8.89 3.92 -33.77
C GLY A 518 7.44 4.24 -33.51
N PHE A 519 7.20 5.19 -32.61
CA PHE A 519 5.85 5.52 -32.14
C PHE A 519 5.60 7.00 -32.26
N ARG A 520 4.40 7.34 -32.74
CA ARG A 520 3.90 8.70 -32.65
C ARG A 520 2.93 8.74 -31.49
N VAL A 521 2.99 9.80 -30.68
CA VAL A 521 2.13 9.95 -29.50
C VAL A 521 1.61 11.37 -29.38
N LEU A 522 0.60 11.54 -28.52
CA LEU A 522 -0.08 12.83 -28.33
C LEU A 522 -0.41 13.47 -29.68
N ALA A 523 -1.09 12.70 -30.51
CA ALA A 523 -1.24 12.99 -31.93
C ALA A 523 -2.67 13.31 -32.34
N SER A 524 -2.82 14.44 -33.02
CA SER A 524 -3.96 14.72 -33.87
C SER A 524 -3.37 14.98 -35.26
N GLU A 525 -4.18 15.44 -36.20
CA GLU A 525 -3.67 15.83 -37.52
C GLU A 525 -2.64 16.96 -37.45
N GLU A 526 -2.87 17.91 -36.55
CA GLU A 526 -2.05 19.14 -36.46
C GLU A 526 -0.94 19.14 -35.42
N GLU A 527 -1.04 18.28 -34.40
CA GLU A 527 -0.03 18.20 -33.34
C GLU A 527 0.33 16.76 -33.11
N TYR A 528 1.63 16.50 -32.94
CA TYR A 528 2.11 15.14 -32.68
C TYR A 528 3.56 15.15 -32.30
N THR A 529 3.98 14.08 -31.62
CA THR A 529 5.35 13.90 -31.17
C THR A 529 5.82 12.55 -31.67
N ASP A 530 6.95 12.54 -32.37
CA ASP A 530 7.43 11.36 -33.05
C ASP A 530 8.67 10.81 -32.40
N ILE A 531 8.61 9.55 -32.00
CA ILE A 531 9.70 8.84 -31.38
C ILE A 531 10.24 7.83 -32.40
N TRP A 532 11.47 8.06 -32.88
CA TRP A 532 12.04 7.29 -33.98
C TRP A 532 13.25 6.55 -33.46
N PHE A 533 13.44 5.32 -33.92
CA PHE A 533 14.75 4.71 -33.82
C PHE A 533 15.28 4.45 -35.23
N ASP A 534 16.59 4.69 -35.39
CA ASP A 534 17.28 4.62 -36.68
C ASP A 534 18.51 3.76 -36.45
N PRO A 535 18.37 2.42 -36.60
CA PRO A 535 19.47 1.52 -36.31
C PRO A 535 20.80 1.84 -37.01
N ALA A 536 20.73 2.37 -38.24
CA ALA A 536 21.94 2.70 -39.01
C ALA A 536 22.82 3.72 -38.29
N SER A 537 22.21 4.73 -37.70
CA SER A 537 22.92 5.75 -36.90
C SER A 537 23.03 5.41 -35.39
N GLU A 538 22.24 4.43 -34.94
CA GLU A 538 22.11 4.04 -33.52
C GLU A 538 21.43 5.12 -32.66
N ASN A 539 20.66 5.99 -33.30
CA ASN A 539 20.06 7.14 -32.64
C ASN A 539 18.57 6.92 -32.41
N LEU A 540 18.15 7.08 -31.16
CA LEU A 540 16.74 7.18 -30.78
C LEU A 540 16.44 8.66 -30.66
N THR A 541 15.46 9.17 -31.42
CA THR A 541 15.15 10.59 -31.42
C THR A 541 13.69 10.84 -31.06
N VAL A 542 13.43 12.02 -30.48
CA VAL A 542 12.08 12.51 -30.28
C VAL A 542 12.01 13.84 -31.00
N VAL A 543 11.25 13.84 -32.10
CA VAL A 543 11.08 15.01 -32.95
C VAL A 543 9.86 15.75 -32.47
N ARG A 544 10.04 17.02 -32.12
CA ARG A 544 9.01 17.81 -31.47
C ARG A 544 8.68 19.10 -32.21
N THR A 545 9.03 19.16 -33.49
CA THR A 545 8.73 20.32 -34.33
C THR A 545 7.23 20.55 -34.46
N ALA A 546 6.43 19.49 -34.36
CA ALA A 546 4.98 19.62 -34.38
C ALA A 546 4.27 19.27 -33.04
N SER A 547 5.03 19.15 -31.95
CA SER A 547 4.45 18.71 -30.65
C SER A 547 3.32 19.61 -30.19
N SER A 548 3.41 20.91 -30.44
CA SER A 548 2.38 21.85 -30.01
C SER A 548 2.21 23.06 -30.93
N LEU A 549 0.98 23.52 -31.05
CA LEU A 549 0.67 24.80 -31.68
C LEU A 549 1.13 25.99 -30.84
N ILE A 550 1.33 25.78 -29.53
CA ILE A 550 1.83 26.84 -28.65
C ILE A 550 3.33 26.92 -28.88
N LYS A 551 3.79 28.06 -29.40
CA LYS A 551 5.16 28.18 -29.92
C LYS A 551 6.24 28.50 -28.87
N SER A 552 5.84 28.85 -27.65
CA SER A 552 6.80 29.23 -26.60
C SER A 552 7.50 28.04 -25.90
N PHE A 553 6.97 26.83 -26.06
CA PHE A 553 7.60 25.64 -25.46
C PHE A 553 8.78 25.15 -26.29
N GLY A 554 9.69 24.43 -25.66
CA GLY A 554 10.84 23.87 -26.37
C GLY A 554 10.41 22.92 -27.47
N ASN A 555 11.16 22.92 -28.57
CA ASN A 555 10.86 22.05 -29.71
C ASN A 555 12.08 21.34 -30.29
N ASP A 556 13.18 21.36 -29.55
CA ASP A 556 14.40 20.73 -30.02
C ASP A 556 14.25 19.21 -30.02
N THR A 557 14.98 18.57 -30.91
CA THR A 557 14.93 17.13 -31.06
C THR A 557 15.74 16.44 -29.98
N GLU A 558 15.12 15.53 -29.23
CA GLU A 558 15.84 14.76 -28.21
C GLU A 558 16.58 13.64 -28.92
N LEU A 559 17.70 13.20 -28.34
CA LEU A 559 18.51 12.15 -28.92
C LEU A 559 19.17 11.29 -27.84
N ALA A 560 19.04 9.98 -27.99
CA ALA A 560 19.80 9.00 -27.21
C ALA A 560 20.51 8.03 -28.15
N LYS A 561 21.67 7.54 -27.73
CA LYS A 561 22.33 6.42 -28.39
C LYS A 561 21.83 5.12 -27.79
N VAL A 562 21.50 4.15 -28.64
CA VAL A 562 21.11 2.81 -28.19
C VAL A 562 21.90 1.78 -28.98
N LYS A 563 22.61 0.92 -28.27
CA LYS A 563 23.38 -0.17 -28.88
C LYS A 563 22.52 -1.42 -28.91
N LEU A 564 22.12 -1.84 -30.11
CA LEU A 564 21.47 -3.15 -30.27
C LEU A 564 22.54 -4.22 -30.32
N TYR A 565 22.73 -4.91 -29.20
CA TYR A 565 23.73 -5.97 -29.10
C TYR A 565 23.19 -7.15 -29.90
N GLU A 566 23.86 -7.48 -30.99
CA GLU A 566 23.39 -8.52 -31.92
C GLU A 566 23.74 -9.87 -31.32
N ILE A 567 22.82 -10.82 -31.39
CA ILE A 567 22.99 -12.13 -30.76
C ILE A 567 23.52 -13.14 -31.79
N VAL A 568 24.45 -14.00 -31.35
CA VAL A 568 25.09 -15.00 -32.21
C VAL A 568 24.00 -15.85 -32.85
N GLY A 569 24.07 -15.98 -34.18
CA GLY A 569 23.11 -16.77 -34.92
C GLY A 569 21.84 -16.04 -35.34
N ALA A 570 21.61 -14.83 -34.83
CA ALA A 570 20.41 -14.08 -35.17
C ALA A 570 20.61 -13.43 -36.52
N GLU A 571 19.52 -13.34 -37.27
CA GLU A 571 19.54 -12.63 -38.56
C GLU A 571 18.78 -11.31 -38.47
N SER A 572 18.60 -10.83 -37.25
CA SER A 572 17.91 -9.57 -37.01
C SER A 572 18.38 -8.99 -35.68
N LYS A 573 17.96 -7.75 -35.42
CA LYS A 573 18.27 -7.09 -34.15
C LYS A 573 17.00 -6.37 -33.68
N THR A 574 16.76 -6.42 -32.37
CA THR A 574 15.48 -6.00 -31.81
C THR A 574 15.59 -4.85 -30.78
N LEU A 575 14.70 -3.88 -30.93
CA LEU A 575 14.52 -2.79 -29.99
C LEU A 575 13.20 -2.99 -29.27
N ASN A 576 13.26 -3.17 -27.95
CA ASN A 576 12.08 -3.18 -27.11
C ASN A 576 11.84 -1.79 -26.51
N LEU A 577 10.77 -1.14 -26.93
CA LEU A 577 10.49 0.23 -26.59
C LEU A 577 9.24 0.27 -25.71
N THR A 578 9.34 0.95 -24.57
CA THR A 578 8.20 1.24 -23.70
C THR A 578 8.10 2.76 -23.52
N VAL A 579 6.89 3.30 -23.73
CA VAL A 579 6.66 4.73 -23.67
C VAL A 579 5.51 5.05 -22.72
N PHE A 580 5.76 5.97 -21.79
CA PHE A 580 4.74 6.49 -20.88
C PHE A 580 4.43 7.92 -21.26
N VAL A 581 3.14 8.18 -21.46
CA VAL A 581 2.60 9.49 -21.74
C VAL A 581 1.75 9.87 -20.55
N ASP A 582 2.08 10.98 -19.90
CA ASP A 582 1.48 11.36 -18.63
C ASP A 582 1.37 12.87 -18.55
N GLY A 583 0.27 13.41 -19.07
CA GLY A 583 0.09 14.84 -19.19
C GLY A 583 0.99 15.34 -20.29
N SER A 584 2.06 16.02 -19.88
CA SER A 584 3.09 16.52 -20.77
C SER A 584 4.35 15.68 -20.77
N VAL A 585 4.49 14.74 -19.82
CA VAL A 585 5.66 13.91 -19.76
C VAL A 585 5.56 12.82 -20.83
N ILE A 586 6.67 12.64 -21.56
CA ILE A 586 6.88 11.47 -22.40
C ILE A 586 8.15 10.84 -21.88
N GLU A 587 8.04 9.61 -21.36
CA GLU A 587 9.16 8.94 -20.75
C GLU A 587 9.37 7.61 -21.45
N ILE A 588 10.56 7.44 -22.03
CA ILE A 588 10.87 6.36 -22.95
C ILE A 588 11.92 5.46 -22.36
N TYR A 589 11.68 4.16 -22.43
CA TYR A 589 12.64 3.15 -21.99
C TYR A 589 12.93 2.21 -23.15
N ALA A 590 14.21 1.92 -23.38
CA ALA A 590 14.63 0.95 -24.41
C ALA A 590 15.46 -0.15 -23.80
N ASN A 591 15.04 -1.40 -24.02
CA ASN A 591 15.80 -2.58 -23.63
C ASN A 591 16.24 -2.62 -22.17
N ASP A 592 15.44 -2.07 -21.27
CA ASP A 592 15.79 -2.01 -19.84
C ASP A 592 17.20 -1.42 -19.61
N GLU A 593 17.50 -0.35 -20.34
CA GLU A 593 18.85 0.19 -20.38
C GLU A 593 18.84 1.69 -20.63
N VAL A 594 18.22 2.11 -21.73
CA VAL A 594 18.26 3.51 -22.17
C VAL A 594 16.95 4.20 -21.77
N ALA A 595 17.07 5.37 -21.15
CA ALA A 595 15.91 6.15 -20.73
C ALA A 595 16.01 7.54 -21.31
N LEU A 596 14.87 8.09 -21.71
CA LEU A 596 14.82 9.44 -22.26
C LEU A 596 13.48 10.05 -21.84
N SER A 597 13.54 11.09 -21.00
CA SER A 597 12.36 11.80 -20.50
C SER A 597 12.26 13.13 -21.21
N THR A 598 11.09 13.49 -21.70
CA THR A 598 10.92 14.79 -22.36
C THR A 598 9.51 15.31 -22.14
N ARG A 599 9.21 16.45 -22.79
CA ARG A 599 7.96 17.16 -22.59
C ARG A 599 7.29 17.53 -23.92
N ALA A 600 5.97 17.44 -23.95
CA ALA A 600 5.18 17.90 -25.10
C ALA A 600 3.90 18.49 -24.58
N TYR A 601 3.52 19.66 -25.11
CA TYR A 601 2.38 20.41 -24.62
C TYR A 601 1.38 20.76 -25.74
N PRO A 602 0.84 19.76 -26.47
CA PRO A 602 -0.18 20.09 -27.48
C PRO A 602 -1.42 20.75 -26.87
N TRP A 603 -1.95 21.73 -27.58
CA TRP A 603 -3.11 22.47 -27.12
C TRP A 603 -4.43 21.74 -27.35
N LEU A 604 -4.59 21.10 -28.51
CA LEU A 604 -5.89 20.59 -28.91
C LEU A 604 -6.30 19.41 -28.05
N ALA A 605 -7.56 19.38 -27.64
CA ALA A 605 -8.10 18.30 -26.81
C ALA A 605 -7.94 16.92 -27.44
N ASN A 606 -7.99 16.85 -28.78
CA ASN A 606 -7.86 15.57 -29.47
C ASN A 606 -6.43 15.19 -29.87
N SER A 607 -5.42 15.93 -29.42
CA SER A 607 -4.02 15.53 -29.64
C SER A 607 -3.58 14.48 -28.59
N THR A 608 -4.25 13.34 -28.61
CA THR A 608 -4.02 12.22 -27.68
C THR A 608 -3.70 10.91 -28.38
N GLY A 609 -3.80 10.87 -29.72
CA GLY A 609 -3.67 9.62 -30.46
C GLY A 609 -2.26 9.07 -30.49
N ALA A 610 -2.16 7.82 -30.93
CA ALA A 610 -0.88 7.13 -31.02
C ALA A 610 -0.88 6.03 -32.07
N GLY A 611 0.30 5.72 -32.56
CA GLY A 611 0.47 4.66 -33.55
C GLY A 611 1.91 4.46 -33.95
N LEU A 612 2.11 3.73 -35.05
CA LEU A 612 3.42 3.34 -35.52
C LEU A 612 3.96 4.31 -36.56
N LEU A 613 5.27 4.52 -36.51
CA LEU A 613 5.98 5.34 -37.47
C LEU A 613 6.86 4.41 -38.31
N ALA A 614 6.96 4.73 -39.59
CA ALA A 614 7.76 3.95 -40.54
C ALA A 614 8.37 4.89 -41.58
N ASP A 615 9.67 4.70 -41.84
CA ASP A 615 10.38 5.49 -42.83
C ASP A 615 11.40 4.61 -43.53
N GLY A 616 11.32 4.57 -44.87
CA GLY A 616 12.22 3.75 -45.66
C GLY A 616 12.01 2.25 -45.49
N THR A 617 10.82 1.83 -45.06
CA THR A 617 10.48 0.41 -45.05
C THR A 617 9.99 0.04 -46.45
N THR A 618 10.51 -1.08 -46.95
CA THR A 618 10.26 -1.53 -48.32
C THR A 618 9.92 -3.02 -48.30
N ALA A 619 9.67 -3.61 -49.47
CA ALA A 619 9.49 -5.06 -49.58
C ALA A 619 10.71 -5.84 -49.05
N GLY A 620 11.90 -5.29 -49.28
CA GLY A 620 13.16 -5.92 -48.88
C GLY A 620 13.65 -5.50 -47.49
N ASP A 621 13.41 -4.25 -47.09
CA ASP A 621 13.89 -3.73 -45.80
C ASP A 621 12.65 -3.56 -44.92
N VAL A 622 12.30 -4.63 -44.21
CA VAL A 622 11.05 -4.69 -43.44
C VAL A 622 11.33 -4.54 -41.94
N VAL A 623 10.37 -3.97 -41.21
CA VAL A 623 10.46 -3.89 -39.75
C VAL A 623 9.26 -4.60 -39.17
N GLY A 624 9.54 -5.68 -38.42
CA GLY A 624 8.50 -6.48 -37.81
C GLY A 624 8.22 -5.94 -36.43
N VAL A 625 6.98 -5.49 -36.21
CA VAL A 625 6.57 -5.00 -34.90
C VAL A 625 5.65 -6.02 -34.23
N SER A 626 6.03 -6.44 -33.02
CA SER A 626 5.25 -7.40 -32.24
C SER A 626 5.25 -6.99 -30.76
N GLY A 627 4.56 -7.77 -29.93
CA GLY A 627 4.41 -7.45 -28.51
C GLY A 627 3.77 -6.09 -28.28
N LEU A 628 2.88 -5.67 -29.18
CA LEU A 628 2.25 -4.36 -29.11
C LEU A 628 1.11 -4.32 -28.10
N GLU A 629 1.13 -3.30 -27.24
CA GLU A 629 0.10 -3.17 -26.22
C GLU A 629 -0.06 -1.71 -25.82
N LEU A 630 -1.33 -1.29 -25.68
CA LEU A 630 -1.70 0.02 -25.21
C LEU A 630 -2.36 -0.14 -23.86
N TRP A 631 -1.86 0.61 -22.85
CA TRP A 631 -2.54 0.72 -21.55
C TRP A 631 -3.13 2.12 -21.45
N ASP A 632 -4.44 2.24 -21.53
CA ASP A 632 -5.11 3.53 -21.46
C ASP A 632 -5.62 3.82 -20.04
N GLY A 633 -5.11 4.91 -19.46
CA GLY A 633 -5.59 5.42 -18.16
C GLY A 633 -4.52 5.52 -17.09
N LEU A 634 -3.68 4.48 -16.99
CA LEU A 634 -2.68 4.37 -15.93
C LEU A 634 -3.37 4.43 -14.54
N VAL A 635 -2.73 5.10 -13.56
CA VAL A 635 -3.21 5.15 -12.19
C VAL A 635 -3.34 6.60 -11.79
N ASP A 636 -4.36 6.90 -11.00
CA ASP A 636 -4.48 8.17 -10.30
C ASP A 636 -3.48 8.16 -9.12
N ALA A 637 -2.30 8.75 -9.32
CA ALA A 637 -1.21 8.64 -8.32
C ALA A 637 -1.44 9.37 -7.00
N TRP A 638 -2.36 10.33 -6.99
CA TRP A 638 -2.65 11.14 -5.81
C TRP A 638 -4.16 11.13 -5.52
N PRO A 639 -4.69 9.98 -5.09
CA PRO A 639 -6.13 9.84 -4.99
C PRO A 639 -6.81 10.79 -4.03
N ALA A 640 -6.11 11.25 -2.97
CA ALA A 640 -6.71 12.18 -2.04
C ALA A 640 -6.73 13.63 -2.53
N ARG A 641 -5.95 13.94 -3.57
CA ARG A 641 -5.88 15.31 -4.07
C ARG A 641 -7.05 15.59 -5.00
N PRO A 642 -7.71 16.75 -4.86
CA PRO A 642 -8.62 17.18 -5.95
C PRO A 642 -7.84 17.50 -7.24
N ALA A 643 -8.58 17.72 -8.34
CA ALA A 643 -7.95 18.00 -9.64
C ALA A 643 -7.08 19.26 -9.60
N ASN A 644 -7.57 20.28 -8.91
CA ASN A 644 -6.84 21.54 -8.78
C ASN A 644 -6.38 21.74 -7.34
N THR A 645 -5.08 21.52 -7.11
CA THR A 645 -4.47 21.73 -5.80
C THR A 645 -3.66 23.03 -5.73
N SER A 646 -3.85 23.93 -6.70
CA SER A 646 -3.29 25.27 -6.58
C SER A 646 -3.78 25.97 -5.33
N GLN A 647 -2.89 26.72 -4.70
CA GLN A 647 -3.27 27.64 -3.64
C GLN A 647 -2.98 29.06 -4.04
N GLY A 648 -2.87 29.32 -5.34
CA GLY A 648 -2.46 30.63 -5.82
C GLY A 648 -0.95 30.81 -5.76
N LEU A 649 -0.48 31.89 -6.37
CA LEU A 649 0.93 32.23 -6.41
C LEU A 649 1.13 33.57 -5.74
N VAL A 650 2.32 33.76 -5.17
CA VAL A 650 2.64 34.98 -4.44
C VAL A 650 3.97 35.53 -4.92
N TRP A 651 4.14 36.83 -4.65
CA TRP A 651 5.37 37.53 -4.95
C TRP A 651 6.04 37.88 -3.62
N ASP A 652 7.36 37.68 -3.57
CA ASP A 652 8.14 38.01 -2.36
C ASP A 652 8.28 39.51 -2.12
N GLY A 653 8.02 40.32 -3.16
CA GLY A 653 8.07 41.76 -3.04
C GLY A 653 9.44 42.31 -3.39
N PRO A 654 9.63 43.62 -3.21
CA PRO A 654 10.86 44.28 -3.62
C PRO A 654 12.12 43.77 -2.90
N THR A 655 11.98 43.21 -1.69
CA THR A 655 13.17 42.70 -0.99
C THR A 655 13.83 41.50 -1.68
N ALA A 656 13.11 40.79 -2.56
CA ALA A 656 13.72 39.65 -3.22
C ALA A 656 14.96 40.07 -4.01
N ALA A 657 14.85 41.15 -4.76
CA ALA A 657 15.98 41.70 -5.50
C ALA A 657 17.06 42.29 -4.57
N MET A 658 16.64 42.87 -3.45
CA MET A 658 17.59 43.39 -2.46
C MET A 658 18.49 42.28 -1.89
N TYR A 659 17.87 41.19 -1.48
CA TYR A 659 18.62 40.05 -0.92
C TYR A 659 19.40 39.33 -2.01
N GLY A 660 18.83 39.26 -3.21
CA GLY A 660 19.51 38.69 -4.36
C GLY A 660 19.66 37.16 -4.36
N LEU A 661 18.91 36.48 -3.51
CA LEU A 661 19.03 35.04 -3.35
C LEU A 661 18.06 34.25 -4.19
N PHE A 662 16.82 34.72 -4.27
CA PHE A 662 15.73 34.05 -4.98
C PHE A 662 15.07 35.02 -5.98
N ALA A 663 14.58 34.48 -7.08
CA ALA A 663 13.86 35.28 -8.07
C ALA A 663 12.71 36.06 -7.43
N GLY A 664 11.99 35.41 -6.51
CA GLY A 664 10.90 36.04 -5.76
C GLY A 664 9.50 35.67 -6.18
N TYR A 665 9.38 34.85 -7.22
CA TYR A 665 8.06 34.43 -7.72
C TYR A 665 8.14 32.98 -8.17
N CYS B 42 9.34 -20.41 36.38
CA CYS B 42 8.75 -20.44 35.01
C CYS B 42 9.79 -20.81 33.95
N SER B 43 9.65 -22.00 33.39
CA SER B 43 10.46 -22.44 32.27
C SER B 43 9.69 -22.16 30.99
N LEU B 44 10.39 -21.66 29.98
CA LEU B 44 9.83 -21.46 28.64
C LEU B 44 10.38 -22.50 27.67
N ASP B 45 10.73 -23.68 28.19
CA ASP B 45 11.29 -24.75 27.37
C ASP B 45 10.14 -25.43 26.63
N GLN B 46 10.03 -25.15 25.33
CA GLN B 46 9.00 -25.76 24.49
C GLN B 46 9.43 -27.09 23.85
N THR B 47 10.57 -27.65 24.27
CA THR B 47 10.97 -29.01 23.88
C THR B 47 10.53 -30.06 24.91
N VAL B 48 9.99 -29.64 26.06
CA VAL B 48 9.48 -30.57 27.07
C VAL B 48 8.06 -30.17 27.45
N ALA B 49 7.39 -31.00 28.23
CA ALA B 49 6.03 -30.71 28.69
C ALA B 49 5.98 -29.37 29.43
N PRO B 50 4.84 -28.66 29.34
CA PRO B 50 4.73 -27.37 30.03
C PRO B 50 4.66 -27.53 31.55
N GLY B 51 5.31 -26.64 32.27
CA GLY B 51 5.19 -26.59 33.71
C GLY B 51 3.93 -25.87 34.15
N ASN B 52 3.99 -25.28 35.34
CA ASN B 52 2.93 -24.45 35.84
C ASN B 52 3.16 -23.04 35.27
N LEU B 53 2.51 -22.74 34.16
CA LEU B 53 2.73 -21.46 33.47
C LEU B 53 2.09 -20.26 34.19
N THR B 54 1.20 -20.50 35.16
CA THR B 54 0.67 -19.44 36.02
C THR B 54 1.73 -18.77 36.91
N LEU B 55 2.87 -19.42 37.09
CA LEU B 55 4.01 -18.83 37.80
C LEU B 55 4.82 -17.86 36.95
N CYS B 56 4.60 -17.86 35.64
CA CYS B 56 5.31 -16.95 34.73
C CYS B 56 4.87 -15.50 34.93
N GLY B 57 5.79 -14.57 34.69
CA GLY B 57 5.53 -13.14 34.85
C GLY B 57 4.65 -12.57 33.75
N ASN B 58 4.33 -11.29 33.88
CA ASN B 58 3.47 -10.60 32.91
C ASN B 58 4.12 -10.56 31.54
N ALA B 59 3.38 -10.92 30.50
CA ALA B 59 3.87 -10.84 29.12
C ALA B 59 5.11 -11.71 28.82
N THR B 60 5.40 -12.70 29.68
CA THR B 60 6.47 -13.66 29.40
C THR B 60 6.08 -14.63 28.29
N LEU B 61 4.78 -14.83 28.07
CA LEU B 61 4.28 -15.63 26.96
C LEU B 61 3.75 -14.77 25.81
N PHE B 62 4.31 -13.58 25.62
CA PHE B 62 3.78 -12.61 24.64
C PHE B 62 3.84 -13.14 23.22
N THR B 63 5.00 -13.65 22.80
CA THR B 63 5.18 -14.15 21.44
C THR B 63 4.74 -15.59 21.21
N THR B 64 4.56 -16.36 22.28
CA THR B 64 4.41 -17.83 22.20
C THR B 64 3.26 -18.28 21.31
N PHE B 65 2.10 -17.66 21.48
CA PHE B 65 0.90 -18.02 20.74
C PHE B 65 0.36 -16.89 19.85
N ARG B 66 1.17 -15.87 19.61
CA ARG B 66 0.66 -14.60 19.11
C ARG B 66 0.51 -14.60 17.58
N PRO B 67 -0.68 -14.23 17.06
CA PRO B 67 -0.75 -14.05 15.60
C PRO B 67 0.23 -13.01 15.06
N LYS B 68 0.76 -13.27 13.86
CA LYS B 68 1.69 -12.36 13.16
C LYS B 68 1.14 -11.80 11.83
N ALA B 69 0.11 -12.42 11.25
CA ALA B 69 -0.31 -12.16 9.88
C ALA B 69 -1.65 -11.46 9.76
N ARG B 70 -2.15 -10.89 10.87
CA ARG B 70 -3.46 -10.26 10.93
C ARG B 70 -3.48 -9.03 11.81
N PHE B 71 -4.61 -8.33 11.78
CA PHE B 71 -4.81 -7.16 12.60
C PHE B 71 -4.91 -7.57 14.07
N ILE B 72 -4.10 -6.93 14.90
CA ILE B 72 -4.10 -7.13 16.34
C ILE B 72 -3.53 -5.86 16.96
N ALA B 73 -3.99 -5.50 18.16
CA ALA B 73 -3.44 -4.36 18.90
C ALA B 73 -1.96 -4.59 19.23
N PRO B 74 -1.20 -3.52 19.50
CA PRO B 74 0.19 -3.75 19.91
C PRO B 74 0.34 -4.55 21.21
N GLU B 75 -0.62 -4.38 22.12
CA GLU B 75 -0.62 -5.09 23.40
C GLU B 75 -1.95 -4.88 24.09
N GLY B 76 -2.18 -5.65 25.16
CA GLY B 76 -3.34 -5.45 26.02
C GLY B 76 -4.63 -5.97 25.42
N TRP B 77 -5.71 -5.46 25.95
CA TRP B 77 -7.04 -5.90 25.62
C TRP B 77 -7.55 -5.22 24.36
N MET B 78 -8.13 -6.00 23.44
CA MET B 78 -8.93 -5.47 22.36
C MET B 78 -10.22 -6.26 22.21
N ASN B 79 -11.24 -5.60 21.67
CA ASN B 79 -12.42 -6.31 21.23
C ASN B 79 -12.92 -5.79 19.87
N ALA B 80 -14.16 -5.29 19.78
CA ALA B 80 -14.83 -5.03 18.52
C ALA B 80 -14.09 -4.09 17.59
N PRO B 81 -14.06 -4.41 16.27
CA PRO B 81 -13.73 -3.40 15.29
C PRO B 81 -14.70 -2.23 15.37
N MET B 82 -14.21 -1.05 14.99
CA MET B 82 -15.03 0.16 14.99
C MET B 82 -14.41 1.21 14.06
N GLY B 83 -15.20 2.23 13.74
CA GLY B 83 -14.74 3.38 12.96
C GLY B 83 -14.10 3.04 11.65
N LEU B 84 -14.60 1.99 10.98
CA LEU B 84 -14.02 1.50 9.75
C LEU B 84 -14.39 2.39 8.56
N TYR B 85 -13.39 2.84 7.82
CA TYR B 85 -13.64 3.56 6.56
C TYR B 85 -12.45 3.59 5.64
N GLN B 86 -12.73 3.67 4.35
CA GLN B 86 -11.72 3.89 3.34
C GLN B 86 -11.49 5.38 3.25
N ARG B 87 -10.25 5.77 3.51
CA ARG B 87 -9.87 7.20 3.52
C ARG B 87 -9.75 7.73 2.09
N ALA B 88 -9.63 9.06 1.96
CA ALA B 88 -9.56 9.71 0.65
C ALA B 88 -8.42 9.20 -0.23
N ASP B 89 -7.30 8.81 0.39
CA ASP B 89 -6.15 8.27 -0.36
C ASP B 89 -6.27 6.81 -0.75
N GLY B 90 -7.41 6.19 -0.44
CA GLY B 90 -7.66 4.80 -0.76
C GLY B 90 -7.27 3.82 0.34
N SER B 91 -6.54 4.28 1.36
CA SER B 91 -6.12 3.41 2.45
C SER B 91 -7.31 3.10 3.37
N ILE B 92 -7.14 2.07 4.19
CA ILE B 92 -8.18 1.62 5.11
C ILE B 92 -7.84 2.07 6.53
N HIS B 93 -8.76 2.80 7.16
CA HIS B 93 -8.67 3.14 8.58
C HIS B 93 -9.48 2.12 9.36
N ALA B 94 -8.83 1.46 10.33
CA ALA B 94 -9.49 0.51 11.21
C ALA B 94 -9.30 0.95 12.64
N GLY B 95 -10.43 1.12 13.33
CA GLY B 95 -10.44 1.33 14.77
C GLY B 95 -10.79 0.04 15.49
N TYR B 96 -10.56 0.04 16.79
CA TYR B 96 -10.96 -1.09 17.63
C TYR B 96 -11.10 -0.69 19.08
N GLN B 97 -12.05 -1.35 19.75
CA GLN B 97 -12.22 -1.23 21.19
C GLN B 97 -10.94 -1.71 21.85
N SER B 98 -10.37 -0.87 22.72
CA SER B 98 -9.00 -1.03 23.20
C SER B 98 -8.86 -0.63 24.67
N HIS B 99 -8.15 -1.45 25.43
CA HIS B 99 -7.76 -1.16 26.82
C HIS B 99 -6.28 -1.52 27.00
N PRO B 100 -5.38 -0.59 26.66
CA PRO B 100 -3.95 -0.86 26.76
C PRO B 100 -3.48 -1.16 28.18
N LYS B 101 -2.45 -1.99 28.27
CA LYS B 101 -1.78 -2.32 29.55
C LYS B 101 -2.71 -3.01 30.57
N HIS B 102 -3.79 -3.60 30.06
CA HIS B 102 -4.73 -4.39 30.84
C HIS B 102 -5.06 -5.61 29.99
N ILE B 103 -5.56 -6.67 30.62
CA ILE B 103 -6.01 -7.87 29.89
C ILE B 103 -7.48 -8.20 30.08
N GLN B 104 -8.21 -7.29 30.71
CA GLN B 104 -9.68 -7.31 30.70
C GLN B 104 -10.17 -5.95 30.21
N TRP B 105 -11.42 -5.94 29.77
CA TRP B 105 -12.11 -4.75 29.26
C TRP B 105 -12.18 -3.62 30.29
N GLY B 106 -12.21 -2.39 29.79
CA GLY B 106 -12.41 -1.21 30.64
C GLY B 106 -11.87 0.05 29.99
N ASN B 107 -12.25 1.20 30.54
CA ASN B 107 -11.93 2.52 29.99
C ASN B 107 -11.93 2.51 28.47
N ILE B 108 -12.97 1.91 27.90
CA ILE B 108 -12.82 1.40 26.55
C ILE B 108 -12.69 2.58 25.58
N SER B 109 -11.72 2.45 24.68
CA SER B 109 -11.26 3.53 23.81
C SER B 109 -11.13 3.01 22.39
N GLN B 110 -10.96 3.91 21.44
CA GLN B 110 -10.63 3.53 20.07
C GLN B 110 -9.12 3.53 19.89
N GLY B 111 -8.57 2.34 19.68
CA GLY B 111 -7.23 2.18 19.12
C GLY B 111 -7.37 2.20 17.60
N ALA B 112 -6.32 2.59 16.88
CA ALA B 112 -6.44 2.71 15.43
C ALA B 112 -5.15 2.43 14.66
N ALA B 113 -5.32 2.04 13.42
CA ALA B 113 -4.22 1.79 12.50
C ALA B 113 -4.73 1.92 11.08
N TYR B 114 -3.81 1.91 10.13
CA TYR B 114 -4.15 2.04 8.72
C TYR B 114 -3.34 1.11 7.82
N SER B 115 -3.90 0.84 6.63
CA SER B 115 -3.31 -0.07 5.67
C SER B 115 -3.76 0.28 4.26
N SER B 116 -2.88 0.10 3.30
CA SER B 116 -3.26 0.28 1.90
C SER B 116 -3.80 -1.00 1.24
N ASP B 117 -3.72 -2.15 1.92
CA ASP B 117 -4.08 -3.43 1.30
C ASP B 117 -4.80 -4.44 2.23
N PHE B 118 -5.39 -3.95 3.31
CA PHE B 118 -6.01 -4.76 4.36
C PHE B 118 -5.06 -5.68 5.14
N THR B 119 -3.78 -5.71 4.78
CA THR B 119 -2.92 -6.82 5.12
C THR B 119 -1.68 -6.38 5.91
N SER B 120 -0.97 -5.37 5.42
CA SER B 120 0.14 -4.77 6.12
C SER B 120 -0.33 -3.47 6.75
N TRP B 121 -0.13 -3.33 8.06
CA TRP B 121 -0.70 -2.24 8.85
C TRP B 121 0.35 -1.39 9.54
N THR B 122 -0.04 -0.16 9.86
CA THR B 122 0.78 0.78 10.60
C THR B 122 -0.06 1.43 11.67
N ASP B 123 0.46 1.42 12.90
CA ASP B 123 -0.23 2.04 14.04
C ASP B 123 -0.22 3.56 13.92
N PHE B 124 -1.30 4.21 14.34
CA PHE B 124 -1.24 5.63 14.66
C PHE B 124 -0.41 5.80 15.93
N ASN B 125 0.30 6.92 16.04
CA ASN B 125 1.06 7.26 17.24
C ASN B 125 0.87 8.74 17.54
N GLY B 126 0.17 9.04 18.63
CA GLY B 126 -0.12 10.40 19.04
C GLY B 126 0.13 10.54 20.53
N SER B 127 -0.48 11.55 21.13
CA SER B 127 -0.27 11.82 22.55
C SER B 127 -0.75 10.66 23.45
N GLU B 128 -1.75 9.90 22.99
CA GLU B 128 -2.22 8.72 23.72
C GLU B 128 -1.79 7.41 23.07
N GLY B 129 -0.57 7.38 22.53
CA GLY B 129 -0.05 6.19 21.88
C GLY B 129 -0.83 5.85 20.63
N TYR B 130 -1.38 4.63 20.59
CA TYR B 130 -2.17 4.20 19.45
C TYR B 130 -3.67 4.45 19.63
N LYS B 131 -4.07 5.04 20.75
CA LYS B 131 -5.45 5.46 20.90
C LYS B 131 -5.71 6.75 20.15
N THR B 132 -6.93 6.90 19.62
CA THR B 132 -7.37 8.14 18.99
C THR B 132 -8.67 8.71 19.52
N ILE B 133 -9.47 7.92 20.23
CA ILE B 133 -10.63 8.44 20.99
C ILE B 133 -10.64 7.71 22.34
N TRP B 134 -10.95 8.45 23.40
CA TRP B 134 -10.93 7.90 24.75
C TRP B 134 -11.97 8.59 25.61
N PRO B 135 -12.42 7.93 26.68
CA PRO B 135 -13.30 8.59 27.65
C PRO B 135 -12.71 9.91 28.16
N SER B 136 -13.48 11.00 28.05
CA SER B 136 -13.02 12.32 28.45
C SER B 136 -14.08 13.30 28.97
N GLN B 137 -15.35 12.95 28.87
CA GLN B 137 -16.46 13.85 29.17
C GLN B 137 -17.48 13.10 30.00
N ILE B 138 -18.31 13.82 30.75
CA ILE B 138 -19.35 13.17 31.57
C ILE B 138 -20.20 12.17 30.75
N TYR B 139 -20.45 12.49 29.49
CA TYR B 139 -21.30 11.68 28.62
C TYR B 139 -20.64 10.40 28.09
N ASP B 140 -19.30 10.35 28.02
CA ASP B 140 -18.60 9.14 27.58
C ASP B 140 -17.52 8.61 28.54
N ILE B 141 -17.50 9.10 29.78
CA ILE B 141 -16.41 8.75 30.71
C ILE B 141 -16.36 7.25 31.08
N ARG B 142 -17.49 6.56 30.96
CA ARG B 142 -17.55 5.15 31.30
C ARG B 142 -17.11 4.26 30.15
N GLY B 143 -16.91 4.83 28.95
CA GLY B 143 -16.44 4.09 27.80
C GLY B 143 -16.87 4.72 26.49
N VAL B 144 -15.92 4.77 25.54
CA VAL B 144 -16.18 5.11 24.16
C VAL B 144 -16.42 3.77 23.46
N PHE B 145 -17.69 3.44 23.32
CA PHE B 145 -18.13 2.16 22.74
C PHE B 145 -18.06 2.24 21.20
N ASP B 146 -18.58 1.20 20.53
CA ASP B 146 -18.58 1.10 19.08
C ASP B 146 -19.21 2.31 18.40
N GLY B 147 -18.70 2.62 17.22
CA GLY B 147 -19.26 3.67 16.36
C GLY B 147 -18.86 3.44 14.91
N SER B 148 -19.48 4.21 14.02
CA SER B 148 -19.28 4.07 12.58
C SER B 148 -19.16 5.46 11.95
N ILE B 149 -18.75 5.46 10.69
CA ILE B 149 -18.24 6.67 10.04
C ILE B 149 -19.22 7.27 9.03
N ILE B 150 -19.44 8.56 9.16
CA ILE B 150 -20.06 9.41 8.16
C ILE B 150 -18.90 10.02 7.39
N LYS B 151 -18.70 9.60 6.14
CA LYS B 151 -17.51 10.04 5.39
C LYS B 151 -17.50 11.54 5.10
N GLU B 152 -18.65 12.10 4.76
CA GLU B 152 -18.78 13.55 4.59
C GLU B 152 -19.65 14.12 5.67
N GLY B 153 -19.02 14.42 6.81
CA GLY B 153 -19.74 14.80 8.01
C GLY B 153 -19.53 16.26 8.36
N ILE B 154 -19.25 16.49 9.63
CA ILE B 154 -19.12 17.84 10.18
C ILE B 154 -18.06 18.62 9.39
N ASP B 155 -18.45 19.77 8.85
CA ASP B 155 -17.59 20.61 8.02
C ASP B 155 -16.92 19.85 6.87
N GLY B 156 -17.61 18.84 6.35
CA GLY B 156 -17.07 17.99 5.31
C GLY B 156 -16.08 16.90 5.71
N TYR B 157 -15.75 16.80 7.00
CA TYR B 157 -14.74 15.86 7.48
C TYR B 157 -15.33 14.49 7.84
N PRO B 158 -14.50 13.44 7.75
CA PRO B 158 -14.97 12.16 8.28
C PRO B 158 -15.37 12.32 9.74
N THR B 159 -16.51 11.72 10.08
CA THR B 159 -17.18 11.96 11.36
C THR B 159 -17.63 10.60 11.89
N ILE B 160 -17.39 10.37 13.18
CA ILE B 160 -17.80 9.14 13.82
C ILE B 160 -19.03 9.43 14.68
N LEU B 161 -20.05 8.59 14.55
CA LEU B 161 -21.17 8.55 15.50
C LEU B 161 -20.92 7.31 16.34
N TYR B 162 -20.77 7.49 17.65
CA TYR B 162 -20.38 6.41 18.56
C TYR B 162 -21.23 6.39 19.83
N THR B 163 -21.28 5.24 20.48
CA THR B 163 -21.97 5.15 21.75
C THR B 163 -21.10 5.69 22.89
N SER B 164 -21.57 6.80 23.46
CA SER B 164 -20.95 7.45 24.59
C SER B 164 -21.65 6.93 25.84
N THR B 165 -20.88 6.31 26.74
CA THR B 165 -21.46 5.74 27.96
C THR B 165 -21.09 6.52 29.22
N SER B 166 -22.06 6.63 30.13
CA SER B 166 -21.85 7.24 31.43
C SER B 166 -22.20 6.22 32.53
N PHE B 167 -22.46 6.70 33.74
N PHE B 167 -22.41 6.71 33.75
CA PHE B 167 -22.64 5.87 34.90
CA PHE B 167 -22.60 5.86 34.94
C PHE B 167 -23.97 5.12 34.90
C PHE B 167 -23.95 5.14 34.92
N GLY B 168 -24.04 4.08 35.73
CA GLY B 168 -25.28 3.34 35.98
C GLY B 168 -25.19 1.91 35.48
N PRO B 169 -26.10 1.03 35.95
CA PRO B 169 -26.15 -0.33 35.43
C PRO B 169 -26.23 -0.34 33.90
N LEU B 170 -25.40 -1.15 33.26
CA LEU B 170 -25.33 -1.23 31.80
C LEU B 170 -25.26 -2.69 31.41
N GLY B 171 -26.30 -3.17 30.75
CA GLY B 171 -26.32 -4.54 30.27
C GLY B 171 -27.71 -5.07 30.06
N ALA B 172 -27.81 -6.05 29.15
CA ALA B 172 -29.07 -6.66 28.76
C ALA B 172 -29.76 -7.41 29.91
N THR B 173 -28.98 -7.92 30.87
CA THR B 173 -29.53 -8.62 32.04
C THR B 173 -29.62 -7.73 33.29
N LEU B 174 -29.38 -6.42 33.14
CA LEU B 174 -29.46 -5.48 34.26
C LEU B 174 -30.61 -4.52 34.02
N ASN B 175 -30.86 -3.65 35.00
CA ASN B 175 -31.90 -2.64 34.87
C ASN B 175 -31.27 -1.31 34.45
N GLU B 176 -30.96 -1.21 33.17
CA GLU B 176 -30.33 -0.01 32.61
C GLU B 176 -31.36 1.10 32.52
N ALA B 177 -30.90 2.33 32.67
CA ALA B 177 -31.74 3.49 32.53
C ALA B 177 -31.23 4.37 31.42
N GLU B 178 -32.14 5.20 30.94
CA GLU B 178 -31.89 6.17 29.90
C GLU B 178 -30.75 7.12 30.32
N GLY B 179 -29.87 7.45 29.38
CA GLY B 179 -28.70 8.29 29.65
C GLY B 179 -27.40 7.55 29.81
N THR B 180 -27.46 6.32 30.33
CA THR B 180 -26.26 5.52 30.51
C THR B 180 -25.56 5.25 29.18
N GLU B 181 -26.35 5.00 28.12
CA GLU B 181 -25.85 4.86 26.77
C GLU B 181 -26.48 5.92 25.89
N THR B 182 -25.66 6.82 25.33
CA THR B 182 -26.12 7.83 24.39
C THR B 182 -25.25 7.74 23.15
N GLN B 183 -25.55 8.55 22.13
CA GLN B 183 -24.79 8.55 20.90
C GLN B 183 -24.26 9.95 20.63
N SER B 184 -22.97 10.02 20.31
CA SER B 184 -22.24 11.28 20.22
C SER B 184 -21.41 11.33 18.95
N LEU B 185 -21.06 12.55 18.53
CA LEU B 185 -20.28 12.79 17.33
C LEU B 185 -18.88 13.30 17.62
N ALA B 186 -17.94 12.87 16.78
CA ALA B 186 -16.62 13.50 16.69
C ALA B 186 -16.16 13.46 15.25
N TYR B 187 -15.27 14.38 14.88
CA TYR B 187 -14.77 14.45 13.50
C TYR B 187 -13.25 14.56 13.48
N THR B 188 -12.65 14.17 12.37
CA THR B 188 -11.21 14.24 12.20
C THR B 188 -10.81 15.19 11.07
N THR B 189 -9.89 16.10 11.38
CA THR B 189 -9.27 16.96 10.38
C THR B 189 -7.93 16.45 9.88
N ASP B 190 -7.49 15.28 10.36
CA ASP B 190 -6.16 14.76 10.04
C ASP B 190 -6.21 13.28 9.69
N ASP B 191 -7.27 12.88 9.00
CA ASP B 191 -7.42 11.52 8.47
C ASP B 191 -7.29 10.42 9.54
N GLY B 192 -7.82 10.69 10.73
CA GLY B 192 -7.89 9.71 11.80
C GLY B 192 -6.76 9.71 12.81
N ALA B 193 -5.78 10.62 12.68
CA ALA B 193 -4.75 10.73 13.70
C ALA B 193 -5.35 11.25 15.02
N SER B 194 -6.37 12.10 14.92
CA SER B 194 -7.08 12.61 16.09
C SER B 194 -8.54 12.89 15.75
N TRP B 195 -9.37 12.98 16.79
CA TRP B 195 -10.79 13.29 16.63
C TRP B 195 -11.16 14.39 17.60
N ILE B 196 -12.02 15.30 17.12
CA ILE B 196 -12.55 16.39 17.93
C ILE B 196 -14.02 16.12 18.17
N LYS B 197 -14.40 16.00 19.43
CA LYS B 197 -15.79 15.77 19.81
C LYS B 197 -16.52 17.10 19.75
N LEU B 198 -17.80 17.06 19.38
CA LEU B 198 -18.66 18.23 19.58
C LEU B 198 -18.74 18.50 21.08
N GLY B 199 -19.04 19.74 21.44
CA GLY B 199 -19.17 20.10 22.85
C GLY B 199 -20.32 19.37 23.55
N TYR B 200 -20.24 19.31 24.88
CA TYR B 200 -21.35 18.78 25.67
C TYR B 200 -22.42 19.84 25.82
N GLY B 201 -23.66 19.50 25.51
CA GLY B 201 -24.78 20.39 25.83
C GLY B 201 -25.97 20.31 24.90
N ALA B 202 -26.92 21.19 25.15
CA ALA B 202 -28.14 21.30 24.34
C ALA B 202 -27.77 21.63 22.90
N GLY B 203 -28.28 20.83 21.97
CA GLY B 203 -28.00 21.02 20.54
C GLY B 203 -26.62 20.55 20.12
N GLN B 204 -25.90 19.88 21.02
CA GLN B 204 -24.56 19.37 20.73
C GLN B 204 -24.53 17.92 21.25
N ASN B 205 -23.38 17.44 21.75
CA ASN B 205 -23.31 16.07 22.26
C ASN B 205 -23.99 15.90 23.62
N PRO B 206 -24.55 14.72 23.89
CA PRO B 206 -24.79 13.66 22.90
C PRO B 206 -25.97 14.03 22.02
N VAL B 207 -25.95 13.56 20.78
CA VAL B 207 -26.97 13.92 19.78
C VAL B 207 -28.19 13.00 19.79
N ILE B 208 -28.03 11.75 20.24
CA ILE B 208 -29.15 10.84 20.44
C ILE B 208 -29.07 10.32 21.87
N TYR B 209 -30.11 10.62 22.66
CA TYR B 209 -30.15 10.26 24.08
C TYR B 209 -31.49 9.70 24.56
N GLU B 210 -32.59 10.04 23.90
CA GLU B 210 -33.91 9.53 24.29
C GLU B 210 -34.10 8.12 23.81
N TRP B 211 -34.48 7.25 24.73
CA TRP B 211 -34.84 5.88 24.38
C TRP B 211 -36.09 5.87 23.51
N PRO B 212 -36.06 5.16 22.36
CA PRO B 212 -37.25 5.10 21.51
C PRO B 212 -38.42 4.29 22.12
N GLU B 213 -38.11 3.37 23.03
CA GLU B 213 -39.13 2.65 23.80
C GLU B 213 -38.60 2.44 25.19
N THR B 214 -39.48 2.07 26.11
CA THR B 214 -39.07 1.87 27.51
C THR B 214 -38.46 0.50 27.71
N ASN B 215 -37.78 0.33 28.84
CA ASN B 215 -37.23 -0.95 29.28
C ASN B 215 -36.32 -1.63 28.25
N LEU B 216 -35.44 -0.83 27.63
CA LEU B 216 -34.46 -1.36 26.69
C LEU B 216 -33.45 -2.23 27.41
N THR B 217 -33.07 -3.31 26.74
CA THR B 217 -31.96 -4.15 27.16
C THR B 217 -30.62 -3.54 26.74
N GLY B 218 -30.63 -2.64 25.75
CA GLY B 218 -29.40 -2.02 25.25
C GLY B 218 -29.72 -0.94 24.25
N PHE B 219 -28.76 -0.05 24.02
CA PHE B 219 -29.00 1.11 23.14
C PHE B 219 -27.65 1.63 22.65
N ARG B 220 -27.08 0.92 21.69
CA ARG B 220 -25.70 1.17 21.30
C ARG B 220 -25.35 0.71 19.89
N ASP B 221 -24.13 1.08 19.48
CA ASP B 221 -23.50 0.62 18.25
C ASP B 221 -24.17 1.23 17.03
N PRO B 222 -24.22 2.57 16.95
CA PRO B 222 -24.85 3.23 15.82
C PRO B 222 -24.13 2.91 14.51
N TYR B 223 -24.90 2.44 13.53
CA TYR B 223 -24.36 2.09 12.24
C TYR B 223 -24.95 3.04 11.23
N VAL B 224 -24.12 3.94 10.73
CA VAL B 224 -24.57 4.96 9.79
C VAL B 224 -24.32 4.49 8.37
N PHE B 225 -25.29 4.67 7.48
CA PHE B 225 -25.19 4.20 6.11
C PHE B 225 -26.11 5.00 5.18
N GLN B 226 -25.69 5.12 3.93
CA GLN B 226 -26.54 5.70 2.89
C GLN B 226 -27.28 4.54 2.23
N SER B 227 -28.45 4.83 1.70
CA SER B 227 -29.29 3.79 1.11
C SER B 227 -30.28 4.39 0.12
N PRO B 228 -29.91 4.44 -1.17
CA PRO B 228 -30.87 4.75 -2.22
C PRO B 228 -32.14 3.89 -2.15
N ARG B 229 -31.97 2.62 -1.79
CA ARG B 229 -33.08 1.68 -1.54
C ARG B 229 -34.08 2.23 -0.51
N LEU B 230 -33.59 2.51 0.70
CA LEU B 230 -34.48 2.99 1.75
C LEU B 230 -35.04 4.37 1.42
N GLU B 231 -34.25 5.23 0.78
CA GLU B 231 -34.76 6.54 0.35
C GLU B 231 -35.96 6.41 -0.62
N ALA B 232 -35.83 5.51 -1.60
CA ALA B 232 -36.92 5.26 -2.58
C ALA B 232 -38.17 4.74 -1.88
N LEU B 233 -38.00 3.80 -0.96
CA LEU B 233 -39.12 3.24 -0.19
C LEU B 233 -39.83 4.25 0.69
N LEU B 234 -39.09 5.20 1.24
CA LEU B 234 -39.66 6.20 2.16
C LEU B 234 -40.10 7.50 1.49
N ALA B 235 -39.73 7.69 0.22
CA ALA B 235 -39.95 8.97 -0.49
C ALA B 235 -41.39 9.50 -0.46
N ASN B 236 -42.37 8.59 -0.52
CA ASN B 236 -43.80 8.99 -0.50
C ASN B 236 -44.36 9.27 0.91
N THR B 237 -43.56 8.99 1.95
CA THR B 237 -43.97 9.15 3.35
C THR B 237 -43.26 10.28 4.11
N THR B 238 -42.35 11.00 3.47
CA THR B 238 -41.53 11.99 4.20
C THR B 238 -42.33 13.14 4.81
N SER B 239 -43.53 13.42 4.30
CA SER B 239 -44.48 14.34 4.96
C SER B 239 -44.89 13.93 6.36
N ILE B 240 -44.96 12.63 6.63
CA ILE B 240 -45.37 12.13 7.94
C ILE B 240 -44.30 12.37 9.02
N THR B 241 -43.03 12.19 8.67
CA THR B 241 -41.91 12.29 9.61
C THR B 241 -41.06 13.56 9.46
N ASN B 242 -41.08 14.18 8.28
CA ASN B 242 -40.16 15.26 7.90
C ASN B 242 -38.67 14.90 7.82
N ALA B 243 -38.33 13.62 7.89
CA ALA B 243 -36.94 13.17 7.83
C ALA B 243 -36.59 12.92 6.37
N THR B 244 -35.69 13.74 5.82
CA THR B 244 -35.33 13.69 4.41
C THR B 244 -33.83 13.57 4.15
N GLY B 245 -33.03 13.30 5.19
CA GLY B 245 -31.58 13.20 5.04
C GLY B 245 -31.15 11.99 4.24
N ASP B 246 -29.91 12.04 3.76
CA ASP B 246 -29.34 10.94 2.97
C ASP B 246 -28.58 9.89 3.79
N HIS B 247 -28.55 10.02 5.12
CA HIS B 247 -27.96 9.02 6.00
C HIS B 247 -29.00 8.40 6.90
N PHE B 248 -28.93 7.08 7.04
CA PHE B 248 -29.71 6.33 8.02
C PHE B 248 -28.77 5.86 9.12
N ALA B 249 -29.33 5.58 10.30
CA ALA B 249 -28.55 4.97 11.37
C ALA B 249 -29.38 3.95 12.11
N THR B 250 -28.83 2.76 12.31
CA THR B 250 -29.45 1.81 13.22
C THR B 250 -28.77 1.86 14.57
N ILE B 251 -29.55 1.59 15.61
CA ILE B 251 -29.03 1.40 16.96
C ILE B 251 -29.50 0.04 17.47
N SER B 252 -28.56 -0.72 18.04
CA SER B 252 -28.76 -2.09 18.44
C SER B 252 -29.24 -2.19 19.88
N GLY B 253 -30.25 -3.02 20.12
CA GLY B 253 -30.74 -3.22 21.46
C GLY B 253 -31.78 -4.33 21.56
N GLY B 254 -32.83 -4.05 22.33
CA GLY B 254 -33.90 -4.99 22.59
C GLY B 254 -34.79 -4.46 23.69
N VAL B 255 -35.79 -5.24 24.08
CA VAL B 255 -36.75 -4.85 25.11
C VAL B 255 -36.82 -5.97 26.13
N HIS B 256 -36.74 -5.60 27.42
CA HIS B 256 -36.71 -6.59 28.50
C HIS B 256 -37.87 -7.57 28.39
N GLY B 257 -37.54 -8.86 28.43
CA GLY B 257 -38.51 -9.93 28.33
C GLY B 257 -39.10 -10.20 26.95
N ASP B 258 -38.80 -9.36 25.95
CA ASP B 258 -39.51 -9.41 24.68
C ASP B 258 -38.63 -9.43 23.42
N GLY B 259 -37.36 -9.81 23.58
CA GLY B 259 -36.46 -10.02 22.46
C GLY B 259 -35.71 -8.79 21.97
N ALA B 260 -34.85 -9.04 20.99
CA ALA B 260 -33.96 -8.02 20.45
C ALA B 260 -34.67 -7.08 19.50
N ARG B 261 -34.05 -5.92 19.29
CA ARG B 261 -34.56 -4.88 18.40
C ARG B 261 -33.41 -4.19 17.69
N LEU B 262 -33.60 -3.86 16.41
CA LEU B 262 -32.73 -2.95 15.70
C LEU B 262 -33.58 -1.74 15.35
N PHE B 263 -33.22 -0.58 15.92
CA PHE B 263 -33.99 0.66 15.76
C PHE B 263 -33.45 1.46 14.60
N LEU B 264 -34.34 1.98 13.75
CA LEU B 264 -33.94 2.75 12.58
C LEU B 264 -34.20 4.24 12.79
N TYR B 265 -33.16 5.02 12.55
CA TYR B 265 -33.22 6.48 12.58
C TYR B 265 -32.89 6.95 11.19
N ARG B 266 -33.39 8.13 10.85
CA ARG B 266 -32.98 8.82 9.64
C ARG B 266 -32.55 10.23 9.99
N GLN B 267 -31.41 10.61 9.44
CA GLN B 267 -30.91 11.98 9.48
C GLN B 267 -32.04 12.88 9.03
N HIS B 268 -32.37 13.89 9.85
CA HIS B 268 -33.53 14.70 9.57
C HIS B 268 -33.36 15.55 8.32
N THR B 269 -32.17 16.15 8.17
CA THR B 269 -31.89 17.06 7.05
C THR B 269 -30.50 16.80 6.50
N THR B 270 -30.40 16.68 5.17
CA THR B 270 -29.13 16.48 4.50
C THR B 270 -28.15 17.60 4.87
N GLY B 271 -26.90 17.23 5.08
CA GLY B 271 -25.85 18.19 5.47
C GLY B 271 -25.88 18.66 6.91
N GLU B 272 -26.79 18.14 7.73
CA GLU B 272 -26.90 18.52 9.14
C GLU B 272 -26.90 17.26 10.00
N PHE B 273 -26.08 17.25 11.06
CA PHE B 273 -25.75 16.00 11.76
C PHE B 273 -26.18 15.92 13.22
N ILE B 274 -26.85 16.94 13.71
CA ILE B 274 -27.31 16.96 15.09
C ILE B 274 -28.63 16.19 15.23
N LYS B 275 -29.57 16.44 14.33
CA LYS B 275 -30.94 15.89 14.47
C LYS B 275 -31.13 14.58 13.68
N TRP B 276 -31.45 13.52 14.42
CA TRP B 276 -31.73 12.20 13.86
C TRP B 276 -33.13 11.81 14.32
N THR B 277 -33.98 11.41 13.38
CA THR B 277 -35.40 11.14 13.66
C THR B 277 -35.63 9.64 13.75
N TYR B 278 -36.16 9.18 14.88
CA TYR B 278 -36.51 7.78 15.04
C TYR B 278 -37.70 7.44 14.15
N LEU B 279 -37.54 6.46 13.27
CA LEU B 279 -38.62 6.03 12.39
C LEU B 279 -39.40 4.89 13.04
N GLY B 280 -38.69 3.86 13.45
CA GLY B 280 -39.33 2.69 14.06
C GLY B 280 -38.37 1.53 14.13
N PRO B 281 -38.81 0.40 14.71
CA PRO B 281 -37.99 -0.81 14.71
C PRO B 281 -37.84 -1.37 13.30
N LEU B 282 -36.61 -1.69 12.93
CA LEU B 282 -36.30 -2.26 11.63
C LEU B 282 -36.39 -3.77 11.73
N VAL B 283 -35.74 -4.34 12.74
CA VAL B 283 -35.77 -5.79 12.98
C VAL B 283 -36.29 -6.02 14.37
N THR B 284 -37.27 -6.92 14.47
CA THR B 284 -37.87 -7.31 15.74
C THR B 284 -37.85 -8.81 15.76
N THR B 285 -37.20 -9.38 16.77
CA THR B 285 -37.18 -10.82 16.97
C THR B 285 -37.65 -11.14 18.38
N GLY B 286 -37.95 -12.42 18.62
CA GLY B 286 -38.53 -12.86 19.88
C GLY B 286 -37.49 -13.23 20.91
N TYR B 287 -37.90 -13.23 22.17
CA TYR B 287 -37.05 -13.62 23.29
C TYR B 287 -36.50 -15.04 23.10
N LYS B 288 -35.20 -15.12 22.84
CA LYS B 288 -34.51 -16.37 22.53
C LYS B 288 -35.13 -17.19 21.38
N GLU B 289 -35.75 -16.50 20.42
CA GLU B 289 -36.28 -17.11 19.21
C GLU B 289 -35.12 -17.68 18.39
N SER B 290 -35.31 -18.86 17.80
CA SER B 290 -34.36 -19.41 16.83
C SER B 290 -35.08 -19.69 15.52
N TYR B 291 -34.43 -19.31 14.42
CA TYR B 291 -34.90 -19.66 13.09
C TYR B 291 -34.59 -21.12 12.76
N GLY B 292 -33.70 -21.75 13.53
CA GLY B 292 -33.40 -23.18 13.35
C GLY B 292 -31.92 -23.48 13.42
N GLU B 293 -31.59 -24.72 13.11
CA GLU B 293 -30.25 -25.31 13.26
C GLU B 293 -29.16 -24.61 12.42
N TRP B 294 -29.56 -23.95 11.35
CA TRP B 294 -28.64 -23.25 10.44
C TRP B 294 -28.50 -21.76 10.77
N SER B 295 -29.14 -21.31 11.85
CA SER B 295 -29.38 -19.88 12.04
C SER B 295 -29.05 -19.34 13.44
N GLY B 296 -28.40 -20.14 14.28
CA GLY B 296 -28.11 -19.76 15.66
C GLY B 296 -29.37 -19.44 16.45
N ASN B 297 -29.29 -18.39 17.27
CA ASN B 297 -30.41 -17.99 18.14
C ASN B 297 -30.38 -16.47 18.30
N TYR B 298 -31.56 -15.85 18.22
CA TYR B 298 -31.66 -14.40 18.27
C TYR B 298 -31.51 -13.78 19.65
N GLY B 299 -31.34 -14.59 20.70
CA GLY B 299 -31.03 -14.09 22.03
C GLY B 299 -32.03 -13.10 22.58
N ILE B 300 -31.53 -12.16 23.39
CA ILE B 300 -32.39 -11.16 24.06
C ILE B 300 -32.04 -9.72 23.70
N ASN B 301 -30.95 -9.51 22.97
CA ASN B 301 -30.40 -8.18 22.72
C ASN B 301 -29.45 -8.29 21.53
N PHE B 302 -29.51 -7.30 20.63
CA PHE B 302 -28.55 -7.18 19.52
C PHE B 302 -27.38 -6.28 19.88
N GLU B 303 -26.21 -6.61 19.32
CA GLU B 303 -25.02 -5.75 19.37
C GLU B 303 -24.38 -5.69 17.99
N THR B 304 -23.70 -4.57 17.75
CA THR B 304 -22.94 -4.30 16.52
C THR B 304 -23.68 -4.63 15.23
N ALA B 305 -24.98 -4.30 15.16
CA ALA B 305 -25.76 -4.61 13.97
C ALA B 305 -25.47 -3.61 12.86
N GLY B 306 -25.48 -4.09 11.62
CA GLY B 306 -25.34 -3.26 10.43
C GLY B 306 -26.31 -3.65 9.34
N VAL B 307 -26.43 -2.78 8.35
CA VAL B 307 -27.34 -2.94 7.22
C VAL B 307 -26.54 -2.74 5.95
N THR B 308 -26.73 -3.65 4.99
CA THR B 308 -26.10 -3.52 3.68
C THR B 308 -27.02 -4.05 2.57
N ARG B 309 -26.58 -3.87 1.33
CA ARG B 309 -27.30 -4.34 0.15
C ARG B 309 -26.24 -4.87 -0.80
N LEU B 310 -26.40 -6.10 -1.26
CA LEU B 310 -25.39 -6.79 -2.03
C LEU B 310 -26.00 -7.36 -3.30
N ASN B 311 -25.15 -7.62 -4.28
CA ASN B 311 -25.53 -8.41 -5.46
C ASN B 311 -24.40 -9.41 -5.72
N PRO B 312 -24.50 -10.24 -6.79
CA PRO B 312 -23.45 -11.24 -6.95
C PRO B 312 -22.01 -10.72 -7.01
N ALA B 313 -21.82 -9.50 -7.49
CA ALA B 313 -20.48 -8.90 -7.61
C ALA B 313 -19.93 -8.26 -6.32
N GLY B 314 -20.80 -7.91 -5.37
CA GLY B 314 -20.37 -7.21 -4.16
C GLY B 314 -21.45 -6.31 -3.61
N ALA B 315 -21.10 -5.04 -3.35
CA ALA B 315 -22.05 -4.06 -2.84
C ALA B 315 -22.95 -3.56 -3.97
N ALA B 316 -24.23 -3.37 -3.66
CA ALA B 316 -25.21 -2.85 -4.59
C ALA B 316 -25.74 -1.53 -4.06
N TRP B 317 -25.69 -0.49 -4.88
CA TRP B 317 -26.17 0.84 -4.49
C TRP B 317 -27.41 1.31 -5.28
N ASP B 318 -28.14 0.36 -5.86
CA ASP B 318 -29.35 0.67 -6.63
C ASP B 318 -30.51 1.00 -5.68
N ASN B 319 -31.56 1.60 -6.24
CA ASN B 319 -32.77 1.96 -5.48
C ASN B 319 -33.82 0.83 -5.34
N GLY B 320 -33.46 -0.39 -5.72
CA GLY B 320 -34.42 -1.49 -5.80
C GLY B 320 -34.55 -2.04 -7.22
N SER B 321 -34.10 -1.27 -8.21
CA SER B 321 -34.18 -1.67 -9.63
C SER B 321 -33.36 -2.91 -10.01
N ASP B 322 -32.28 -3.19 -9.28
CA ASP B 322 -31.46 -4.39 -9.51
C ASP B 322 -32.16 -5.61 -8.87
N THR B 323 -32.73 -6.46 -9.72
CA THR B 323 -33.42 -7.67 -9.27
C THR B 323 -32.48 -8.74 -8.74
N THR B 324 -31.17 -8.61 -9.00
CA THR B 324 -30.17 -9.53 -8.44
C THR B 324 -29.68 -9.12 -7.04
N ALA B 325 -30.09 -7.94 -6.57
CA ALA B 325 -29.61 -7.42 -5.29
C ALA B 325 -30.50 -7.89 -4.13
N VAL B 326 -29.87 -8.08 -2.96
CA VAL B 326 -30.55 -8.56 -1.77
C VAL B 326 -30.16 -7.65 -0.59
N ASP B 327 -31.14 -7.30 0.24
CA ASP B 327 -30.90 -6.52 1.46
C ASP B 327 -30.55 -7.45 2.61
N PHE B 328 -29.50 -7.10 3.35
CA PHE B 328 -29.00 -7.91 4.45
C PHE B 328 -28.83 -7.07 5.70
N VAL B 329 -29.06 -7.70 6.85
CA VAL B 329 -28.69 -7.15 8.15
C VAL B 329 -27.72 -8.15 8.77
N THR B 330 -26.63 -7.64 9.36
CA THR B 330 -25.72 -8.47 10.15
C THR B 330 -25.83 -7.99 11.58
N PHE B 331 -25.73 -8.89 12.55
CA PHE B 331 -25.95 -8.55 13.94
C PHE B 331 -25.44 -9.62 14.89
N GLY B 332 -24.90 -9.20 16.03
CA GLY B 332 -24.59 -10.11 17.13
C GLY B 332 -25.79 -10.24 18.04
N THR B 333 -25.95 -11.40 18.67
CA THR B 333 -26.99 -11.59 19.69
C THR B 333 -26.37 -12.08 20.97
N GLU B 334 -27.02 -11.72 22.08
CA GLU B 334 -26.58 -12.11 23.42
C GLU B 334 -27.61 -12.98 24.15
N GLN B 335 -27.08 -13.89 24.97
CA GLN B 335 -27.86 -14.74 25.88
C GLN B 335 -28.78 -15.73 25.16
N GLY B 336 -28.42 -16.12 23.93
CA GLY B 336 -29.11 -17.17 23.19
C GLY B 336 -28.19 -18.33 22.88
N ARG B 337 -27.15 -18.52 23.67
CA ARG B 337 -26.16 -19.54 23.39
C ARG B 337 -25.53 -20.02 24.69
N ALA B 338 -25.36 -21.34 24.82
CA ALA B 338 -24.86 -21.95 26.04
C ALA B 338 -23.35 -21.83 26.21
N ASP B 339 -22.65 -21.46 25.15
CA ASP B 339 -21.19 -21.33 25.19
C ASP B 339 -20.78 -20.18 24.23
N HIS B 340 -19.50 -20.08 23.87
CA HIS B 340 -19.02 -18.97 23.01
C HIS B 340 -19.44 -17.62 23.60
N GLN B 341 -19.25 -17.49 24.91
CA GLN B 341 -19.52 -16.25 25.65
C GLN B 341 -20.94 -15.74 25.43
N ASN B 342 -21.87 -16.69 25.27
CA ASN B 342 -23.28 -16.43 25.03
C ASN B 342 -23.58 -15.59 23.80
N HIS B 343 -22.71 -15.67 22.79
CA HIS B 343 -22.72 -14.75 21.65
C HIS B 343 -22.76 -15.44 20.28
N TRP B 344 -23.74 -15.05 19.46
CA TRP B 344 -23.86 -15.49 18.07
C TRP B 344 -23.63 -14.27 17.16
N PRO B 345 -22.70 -14.37 16.17
CA PRO B 345 -22.65 -13.40 15.08
C PRO B 345 -23.47 -13.89 13.89
N LEU B 346 -24.59 -13.22 13.63
CA LEU B 346 -25.59 -13.68 12.66
C LEU B 346 -25.75 -12.73 11.50
N TRP B 347 -26.52 -13.17 10.51
CA TRP B 347 -26.96 -12.32 9.41
C TRP B 347 -28.32 -12.77 8.94
N ALA B 348 -29.06 -11.88 8.30
CA ALA B 348 -30.35 -12.21 7.71
C ALA B 348 -30.59 -11.47 6.41
N ALA B 349 -31.13 -12.18 5.42
CA ALA B 349 -31.68 -11.55 4.24
C ALA B 349 -33.06 -11.04 4.62
N VAL B 350 -33.39 -9.82 4.21
CA VAL B 350 -34.64 -9.20 4.62
C VAL B 350 -35.37 -8.60 3.43
N ASP B 351 -36.70 -8.57 3.52
CA ASP B 351 -37.53 -7.88 2.55
C ASP B 351 -38.17 -6.70 3.26
N TYR B 352 -37.92 -5.48 2.76
CA TYR B 352 -38.40 -4.27 3.43
C TYR B 352 -39.86 -4.01 3.10
N GLU B 353 -40.66 -3.69 4.12
CA GLU B 353 -42.03 -3.20 3.95
C GLU B 353 -42.12 -1.82 4.58
N VAL B 354 -42.86 -0.92 3.93
CA VAL B 354 -43.07 0.44 4.43
C VAL B 354 -44.30 0.45 5.32
N ARG B 355 -44.14 0.92 6.56
CA ARG B 355 -45.27 1.08 7.48
C ARG B 355 -46.01 2.39 7.21
N ASP B 356 -47.26 2.45 7.66
CA ASP B 356 -48.09 3.65 7.46
C ASP B 356 -47.50 4.91 8.12
N ASN B 357 -46.80 4.74 9.25
CA ASN B 357 -46.15 5.87 9.92
C ASN B 357 -44.80 6.33 9.32
N GLY B 358 -44.45 5.85 8.13
CA GLY B 358 -43.23 6.29 7.45
C GLY B 358 -41.97 5.66 8.02
N SER B 359 -42.07 4.39 8.41
CA SER B 359 -40.94 3.60 8.90
C SER B 359 -40.83 2.32 8.06
N ILE B 360 -39.82 1.50 8.36
CA ILE B 360 -39.54 0.30 7.57
C ILE B 360 -39.50 -0.93 8.48
N GLU B 361 -40.24 -1.97 8.10
CA GLU B 361 -40.11 -3.28 8.71
C GLU B 361 -39.25 -4.14 7.80
N ALA B 362 -38.17 -4.69 8.35
CA ALA B 362 -37.32 -5.63 7.65
C ALA B 362 -37.79 -7.03 8.02
N VAL B 363 -38.48 -7.69 7.08
CA VAL B 363 -39.02 -9.02 7.32
C VAL B 363 -37.97 -10.04 6.94
N ILE B 364 -37.56 -10.88 7.88
CA ILE B 364 -36.51 -11.85 7.65
C ILE B 364 -36.97 -12.92 6.64
N ALA B 365 -36.23 -13.05 5.54
CA ALA B 365 -36.53 -14.01 4.46
C ALA B 365 -35.76 -15.31 4.65
N TYR B 366 -34.49 -15.19 5.04
CA TYR B 366 -33.71 -16.32 5.54
C TYR B 366 -32.59 -15.80 6.42
N SER B 367 -32.01 -16.67 7.23
CA SER B 367 -31.18 -16.24 8.35
C SER B 367 -30.06 -17.21 8.56
N GLY B 368 -28.84 -16.69 8.66
CA GLY B 368 -27.65 -17.50 8.84
C GLY B 368 -26.69 -16.98 9.89
N VAL B 369 -25.49 -17.57 9.84
CA VAL B 369 -24.43 -17.35 10.79
C VAL B 369 -23.23 -16.81 10.03
N GLN B 370 -22.65 -15.72 10.53
CA GLN B 370 -21.52 -15.10 9.87
C GLN B 370 -20.21 -15.85 10.16
N ASP B 371 -20.09 -16.40 11.38
CA ASP B 371 -18.96 -17.22 11.78
C ASP B 371 -19.43 -18.12 12.93
N TRP B 372 -19.07 -19.40 12.87
CA TRP B 372 -19.57 -20.40 13.82
C TRP B 372 -18.69 -20.61 15.06
N GLY B 373 -17.55 -19.94 15.14
CA GLY B 373 -16.60 -20.16 16.22
C GLY B 373 -16.46 -18.99 17.20
N ARG B 374 -15.26 -18.83 17.73
CA ARG B 374 -14.99 -17.83 18.78
C ARG B 374 -14.77 -16.43 18.21
N SER B 375 -15.77 -15.91 17.51
CA SER B 375 -15.72 -14.56 16.98
C SER B 375 -17.07 -13.89 17.11
N TYR B 376 -17.07 -12.56 17.04
CA TYR B 376 -18.23 -11.73 17.35
C TYR B 376 -17.92 -10.30 16.92
N ALA B 377 -18.93 -9.44 16.94
CA ALA B 377 -18.78 -8.00 16.73
C ALA B 377 -18.30 -7.70 15.32
N TYR B 378 -18.95 -8.32 14.34
CA TYR B 378 -18.63 -8.07 12.94
C TYR B 378 -19.14 -6.70 12.54
N ALA B 379 -18.28 -5.96 11.82
CA ALA B 379 -18.65 -4.70 11.21
C ALA B 379 -18.41 -4.81 9.72
N SER B 380 -19.25 -4.18 8.91
CA SER B 380 -18.99 -4.06 7.47
C SER B 380 -18.97 -2.60 7.04
N PHE B 381 -18.19 -2.34 5.99
CA PHE B 381 -18.03 -0.98 5.48
C PHE B 381 -17.82 -0.99 3.97
N PRO B 382 -18.25 0.09 3.29
CA PRO B 382 -18.09 0.16 1.84
C PRO B 382 -16.65 0.41 1.41
N VAL B 383 -16.24 -0.25 0.33
CA VAL B 383 -14.91 -0.11 -0.24
C VAL B 383 -15.06 0.12 -1.75
N GLU B 384 -14.20 1.00 -2.27
CA GLU B 384 -14.19 1.40 -3.68
C GLU B 384 -14.25 0.19 -4.60
N GLY B 385 -14.96 0.31 -5.71
CA GLY B 385 -15.14 -0.80 -6.65
C GLY B 385 -16.33 -1.69 -6.31
N TYR B 386 -17.36 -1.09 -5.69
CA TYR B 386 -18.61 -1.78 -5.38
C TYR B 386 -18.39 -3.00 -4.47
N ARG B 387 -17.69 -2.76 -3.36
CA ARG B 387 -17.40 -3.80 -2.37
C ARG B 387 -17.97 -3.42 -1.02
N GLN B 388 -18.31 -4.44 -0.25
CA GLN B 388 -18.66 -4.29 1.16
C GLN B 388 -17.80 -5.29 1.89
N VAL B 389 -16.98 -4.80 2.82
CA VAL B 389 -15.97 -5.62 3.46
C VAL B 389 -16.33 -5.73 4.93
N SER B 390 -16.24 -6.95 5.45
CA SER B 390 -16.64 -7.29 6.81
C SER B 390 -15.45 -7.83 7.58
N VAL B 391 -15.37 -7.48 8.87
CA VAL B 391 -14.31 -7.95 9.74
C VAL B 391 -14.88 -8.05 11.15
N GLY B 392 -14.40 -9.04 11.90
CA GLY B 392 -14.86 -9.27 13.27
C GLY B 392 -13.71 -9.42 14.24
N TRP B 393 -14.07 -9.78 15.47
CA TRP B 393 -13.12 -9.93 16.57
C TRP B 393 -13.08 -11.39 17.00
N ILE B 394 -11.88 -11.95 17.08
CA ILE B 394 -11.67 -13.30 17.59
C ILE B 394 -11.14 -13.17 19.02
N TYR B 395 -11.94 -13.65 19.97
CA TYR B 395 -11.52 -13.66 21.38
C TYR B 395 -10.63 -14.87 21.62
N GLU B 396 -9.94 -14.86 22.77
CA GLU B 396 -9.09 -15.98 23.16
C GLU B 396 -9.97 -17.13 23.65
N ASP B 397 -9.36 -18.27 24.00
CA ASP B 397 -10.09 -19.36 24.65
C ASP B 397 -9.47 -19.62 26.02
N ASP B 398 -9.59 -18.60 26.87
CA ASP B 398 -9.06 -18.62 28.23
C ASP B 398 -10.06 -17.88 29.11
N ASP B 399 -11.29 -18.37 29.11
CA ASP B 399 -12.40 -17.65 29.73
C ASP B 399 -12.29 -17.48 31.25
N ASN B 400 -11.50 -18.34 31.90
CA ASN B 400 -11.21 -18.17 33.35
C ASN B 400 -10.00 -17.26 33.62
N VAL B 401 -9.42 -16.66 32.56
CA VAL B 401 -8.38 -15.63 32.70
C VAL B 401 -7.16 -16.19 33.44
N ILE B 402 -6.75 -17.42 33.07
CA ILE B 402 -5.68 -18.15 33.76
C ILE B 402 -4.30 -17.71 33.28
N LEU B 403 -4.13 -17.49 31.97
CA LEU B 403 -2.83 -17.09 31.41
C LEU B 403 -2.87 -15.73 30.68
N ALA B 404 -3.95 -14.95 30.85
CA ALA B 404 -4.09 -13.66 30.16
C ALA B 404 -2.95 -12.70 30.52
N LYS B 405 -2.61 -12.62 31.80
CA LYS B 405 -1.51 -11.72 32.22
C LYS B 405 -0.16 -12.16 31.65
N GLN B 406 0.04 -13.47 31.59
CA GLN B 406 1.24 -14.04 31.02
C GLN B 406 1.33 -13.74 29.51
N PHE B 407 0.20 -13.79 28.81
CA PHE B 407 0.14 -13.32 27.39
C PHE B 407 0.56 -11.85 27.31
N GLY B 408 -0.06 -11.02 28.16
CA GLY B 408 0.10 -9.58 28.06
C GLY B 408 -0.79 -8.93 27.00
N TYR B 409 -1.74 -9.68 26.47
CA TYR B 409 -2.71 -9.19 25.49
C TYR B 409 -3.88 -10.16 25.43
N GLN B 410 -4.99 -9.68 24.85
CA GLN B 410 -6.15 -10.51 24.53
C GLN B 410 -6.77 -10.00 23.23
N GLY B 411 -7.01 -10.92 22.30
CA GLY B 411 -7.89 -10.67 21.15
C GLY B 411 -7.13 -10.39 19.86
N ALA B 412 -7.81 -10.64 18.75
CA ALA B 412 -7.36 -10.22 17.42
C ALA B 412 -8.57 -10.01 16.54
N PHE B 413 -8.35 -9.48 15.34
CA PHE B 413 -9.40 -9.46 14.33
C PHE B 413 -9.43 -10.81 13.58
N THR B 414 -10.55 -11.04 12.91
CA THR B 414 -10.62 -12.01 11.83
C THR B 414 -9.85 -11.44 10.64
N LEU B 415 -9.82 -12.19 9.54
CA LEU B 415 -9.43 -11.62 8.27
C LEU B 415 -10.55 -10.73 7.75
N PHE B 416 -10.20 -9.84 6.82
CA PHE B 416 -11.18 -8.98 6.17
C PHE B 416 -11.82 -9.78 5.04
N ARG B 417 -13.13 -9.67 4.92
CA ARG B 417 -13.93 -10.53 4.04
C ARG B 417 -14.78 -9.70 3.12
N ASP B 418 -14.71 -9.96 1.81
CA ASP B 418 -15.67 -9.39 0.87
C ASP B 418 -17.01 -10.10 1.04
N LEU B 419 -18.07 -9.32 1.17
CA LEU B 419 -19.43 -9.83 1.14
C LEU B 419 -19.99 -9.69 -0.28
N PHE B 420 -20.83 -10.65 -0.65
CA PHE B 420 -21.49 -10.68 -1.96
C PHE B 420 -22.65 -11.67 -1.89
N VAL B 421 -23.52 -11.66 -2.89
CA VAL B 421 -24.62 -12.64 -2.97
C VAL B 421 -24.05 -13.87 -3.67
N LYS B 422 -23.95 -14.98 -2.95
CA LYS B 422 -23.51 -16.24 -3.54
C LYS B 422 -24.71 -16.86 -4.26
N VAL B 423 -24.55 -17.13 -5.56
CA VAL B 423 -25.59 -17.78 -6.37
C VAL B 423 -25.05 -19.11 -6.87
N VAL B 424 -25.78 -20.19 -6.63
CA VAL B 424 -25.41 -21.52 -7.14
C VAL B 424 -26.51 -21.94 -8.11
N GLU B 425 -26.13 -22.16 -9.37
CA GLU B 425 -27.09 -22.54 -10.40
C GLU B 425 -27.14 -24.05 -10.57
N ASN B 426 -28.22 -24.52 -11.19
CA ASN B 426 -28.38 -25.93 -11.54
C ASN B 426 -28.23 -26.87 -10.36
N VAL B 427 -28.84 -26.50 -9.23
CA VAL B 427 -28.80 -27.34 -8.04
C VAL B 427 -29.85 -28.45 -8.18
N SER B 428 -29.46 -29.66 -7.83
CA SER B 428 -30.34 -30.84 -7.84
C SER B 428 -31.41 -30.73 -6.74
N PRO B 429 -32.70 -30.89 -7.12
CA PRO B 429 -33.77 -30.94 -6.11
C PRO B 429 -33.66 -32.05 -5.08
N SER B 430 -32.85 -33.06 -5.33
CA SER B 430 -32.65 -34.12 -4.35
C SER B 430 -31.50 -33.83 -3.36
N THR B 431 -30.90 -32.64 -3.42
CA THR B 431 -29.98 -32.21 -2.38
C THR B 431 -30.71 -32.32 -1.05
N PRO B 432 -30.20 -33.14 -0.11
CA PRO B 432 -30.89 -33.28 1.17
C PRO B 432 -31.14 -31.96 1.89
N GLY B 433 -32.33 -31.81 2.47
CA GLY B 433 -32.69 -30.65 3.26
C GLY B 433 -32.76 -29.30 2.56
N LEU B 434 -32.79 -29.30 1.23
CA LEU B 434 -32.67 -28.07 0.43
C LEU B 434 -33.82 -27.08 0.65
N PHE B 435 -35.02 -27.61 0.90
CA PHE B 435 -36.23 -26.79 0.99
C PHE B 435 -36.65 -26.47 2.44
N GLU B 436 -35.80 -26.85 3.39
CA GLU B 436 -35.93 -26.41 4.80
C GLU B 436 -35.67 -24.95 5.09
N GLN B 437 -36.20 -24.50 6.23
CA GLN B 437 -36.03 -23.14 6.70
C GLN B 437 -34.62 -23.00 7.25
N ALA B 438 -33.72 -22.39 6.47
CA ALA B 438 -32.38 -22.21 6.92
C ALA B 438 -31.84 -20.89 6.36
N SER B 439 -30.67 -20.92 5.76
CA SER B 439 -29.89 -19.72 5.48
C SER B 439 -29.66 -19.48 4.00
N TRP B 440 -30.64 -19.87 3.17
CA TRP B 440 -30.59 -19.64 1.73
C TRP B 440 -32.01 -19.57 1.19
N SER B 441 -32.15 -19.06 -0.03
CA SER B 441 -33.43 -19.10 -0.75
C SER B 441 -33.25 -20.03 -1.95
N THR B 442 -34.38 -20.55 -2.41
CA THR B 442 -34.42 -21.43 -3.58
C THR B 442 -35.45 -20.88 -4.54
N LYS B 443 -35.10 -20.86 -5.82
CA LYS B 443 -36.05 -20.62 -6.90
C LYS B 443 -36.02 -21.81 -7.84
N ASN B 444 -37.16 -22.47 -7.99
CA ASN B 444 -37.30 -23.59 -8.92
C ASN B 444 -37.26 -23.13 -10.37
N SER B 445 -36.65 -23.95 -11.23
CA SER B 445 -36.80 -23.77 -12.67
C SER B 445 -38.26 -23.98 -13.06
N THR B 446 -38.65 -23.47 -14.23
CA THR B 446 -40.01 -23.68 -14.76
C THR B 446 -40.41 -25.16 -14.77
N ASP B 447 -39.50 -26.02 -15.22
CA ASP B 447 -39.77 -27.47 -15.31
C ASP B 447 -39.60 -28.24 -14.00
N GLY B 448 -39.15 -27.58 -12.93
CA GLY B 448 -39.02 -28.21 -11.62
C GLY B 448 -37.87 -29.19 -11.46
N MET B 449 -36.97 -29.26 -12.44
CA MET B 449 -35.86 -30.21 -12.47
C MET B 449 -34.56 -29.64 -11.89
N SER B 450 -34.50 -28.32 -11.71
CA SER B 450 -33.35 -27.67 -11.09
C SER B 450 -33.77 -26.48 -10.23
N VAL B 451 -32.84 -26.05 -9.39
CA VAL B 451 -33.04 -24.97 -8.44
C VAL B 451 -31.86 -23.99 -8.52
N THR B 452 -32.17 -22.71 -8.38
CA THR B 452 -31.15 -21.68 -8.14
C THR B 452 -31.13 -21.37 -6.65
N VAL B 453 -29.96 -21.52 -6.02
CA VAL B 453 -29.77 -21.24 -4.60
C VAL B 453 -29.12 -19.86 -4.45
N THR B 454 -29.65 -19.06 -3.52
CA THR B 454 -29.07 -17.75 -3.18
C THR B 454 -28.76 -17.71 -1.69
N THR B 455 -27.58 -17.22 -1.32
CA THR B 455 -27.22 -17.02 0.08
C THR B 455 -26.16 -15.91 0.21
N LEU B 456 -25.72 -15.65 1.43
CA LEU B 456 -24.65 -14.69 1.68
C LEU B 456 -23.32 -15.35 1.37
N GLY B 457 -22.54 -14.72 0.52
CA GLY B 457 -21.18 -15.15 0.26
C GLY B 457 -20.19 -14.36 1.11
N GLN B 458 -19.13 -15.03 1.54
CA GLN B 458 -18.01 -14.42 2.24
C GLN B 458 -16.74 -15.02 1.70
N ARG B 459 -15.76 -14.18 1.38
CA ARG B 459 -14.44 -14.67 1.00
C ARG B 459 -13.38 -13.68 1.46
N VAL B 460 -12.19 -14.19 1.73
CA VAL B 460 -11.11 -13.35 2.21
C VAL B 460 -10.80 -12.37 1.08
N VAL B 461 -10.59 -11.10 1.44
CA VAL B 461 -10.28 -10.07 0.43
C VAL B 461 -9.07 -10.49 -0.40
N PRO B 462 -9.14 -10.29 -1.73
CA PRO B 462 -8.06 -10.82 -2.59
C PRO B 462 -6.68 -10.22 -2.34
N GLU B 463 -6.64 -8.99 -1.81
CA GLU B 463 -5.37 -8.36 -1.45
C GLU B 463 -4.60 -9.18 -0.45
N THR B 464 -5.31 -9.74 0.53
CA THR B 464 -4.70 -10.56 1.57
C THR B 464 -4.25 -11.92 1.02
N LEU B 465 -5.11 -12.57 0.23
CA LEU B 465 -4.75 -13.86 -0.39
C LEU B 465 -3.51 -13.73 -1.28
N ALA B 466 -3.45 -12.66 -2.08
CA ALA B 466 -2.29 -12.40 -2.94
C ALA B 466 -1.02 -12.13 -2.15
N ALA B 467 -1.12 -11.27 -1.13
CA ALA B 467 0.04 -10.96 -0.30
C ALA B 467 0.53 -12.18 0.47
N TYR B 468 -0.39 -12.93 1.05
CA TYR B 468 -0.06 -14.18 1.78
C TYR B 468 0.71 -15.15 0.89
N LYS B 469 0.14 -15.46 -0.27
CA LYS B 469 0.73 -16.41 -1.20
C LYS B 469 2.10 -15.92 -1.68
N GLY B 470 2.20 -14.66 -2.08
CA GLY B 470 3.44 -14.12 -2.62
C GLY B 470 4.59 -14.01 -1.64
N ASN B 471 4.28 -13.86 -0.36
CA ASN B 471 5.30 -13.80 0.69
C ASN B 471 5.61 -15.17 1.30
N SER B 472 4.81 -16.18 0.99
CA SER B 472 4.99 -17.53 1.55
C SER B 472 5.89 -18.41 0.66
N THR B 473 6.43 -19.46 1.27
CA THR B 473 6.95 -20.59 0.49
C THR B 473 5.76 -21.47 0.14
N VAL B 474 5.43 -21.52 -1.14
CA VAL B 474 4.24 -22.21 -1.63
C VAL B 474 4.62 -23.62 -2.08
N SER B 475 3.93 -24.62 -1.56
CA SER B 475 4.06 -26.01 -2.03
C SER B 475 2.74 -26.44 -2.64
N THR B 476 2.74 -26.66 -3.95
CA THR B 476 1.59 -27.19 -4.66
C THR B 476 1.69 -28.71 -4.54
N LEU B 477 0.69 -29.33 -3.93
CA LEU B 477 0.76 -30.74 -3.55
C LEU B 477 -0.03 -31.61 -4.51
N ALA B 478 0.46 -32.83 -4.74
CA ALA B 478 -0.19 -33.76 -5.66
C ALA B 478 -1.55 -34.15 -5.11
N PRO B 479 -2.56 -34.36 -5.98
CA PRO B 479 -3.84 -34.81 -5.46
C PRO B 479 -3.72 -36.17 -4.73
N VAL B 480 -4.59 -36.38 -3.76
CA VAL B 480 -4.54 -37.58 -2.93
C VAL B 480 -5.92 -38.21 -2.95
N MET B 481 -5.97 -39.48 -3.35
CA MET B 481 -7.19 -40.27 -3.29
C MET B 481 -7.22 -40.99 -1.95
N LEU B 482 -8.26 -40.71 -1.16
CA LEU B 482 -8.42 -41.33 0.16
C LEU B 482 -9.36 -42.53 0.03
N ASN B 483 -8.78 -43.71 0.21
CA ASN B 483 -9.51 -44.98 0.05
C ASN B 483 -9.13 -45.93 1.19
N GLU B 484 -9.19 -47.26 0.96
CA GLU B 484 -8.86 -48.25 2.00
C GLU B 484 -7.42 -48.15 2.52
N SER B 485 -6.51 -47.67 1.67
CA SER B 485 -5.11 -47.50 2.06
C SER B 485 -4.82 -46.24 2.90
N ALA B 486 -5.79 -45.34 3.03
CA ALA B 486 -5.57 -44.06 3.74
C ALA B 486 -5.35 -44.28 5.23
N ALA B 487 -4.25 -43.74 5.76
CA ALA B 487 -4.06 -43.65 7.22
C ALA B 487 -5.08 -42.68 7.82
N ALA B 488 -5.20 -42.68 9.16
CA ALA B 488 -6.07 -41.72 9.85
C ALA B 488 -5.58 -40.30 9.58
N TYR B 489 -4.26 -40.12 9.71
CA TYR B 489 -3.58 -38.86 9.47
C TYR B 489 -2.42 -39.09 8.48
N THR B 490 -2.39 -38.29 7.42
CA THR B 490 -1.33 -38.36 6.40
C THR B 490 -0.68 -36.98 6.28
N PRO B 491 0.53 -36.80 6.85
CA PRO B 491 1.22 -35.51 6.71
C PRO B 491 1.37 -35.08 5.25
N PHE B 492 1.28 -33.78 4.99
CA PHE B 492 1.53 -33.28 3.64
C PHE B 492 2.98 -33.56 3.27
N SER B 493 3.24 -33.75 1.97
CA SER B 493 4.60 -33.98 1.46
C SER B 493 5.58 -32.85 1.75
N SER B 494 5.06 -31.63 1.91
CA SER B 494 5.82 -30.50 2.45
C SER B 494 5.15 -30.04 3.74
N GLN B 495 5.96 -29.62 4.70
CA GLN B 495 5.48 -29.24 6.03
C GLN B 495 5.67 -27.75 6.33
N PRO B 496 4.79 -27.16 7.15
CA PRO B 496 5.05 -25.81 7.67
C PRO B 496 6.34 -25.73 8.46
N THR B 497 6.90 -24.53 8.60
CA THR B 497 8.09 -24.30 9.42
C THR B 497 7.78 -23.56 10.72
N ASP B 498 6.54 -23.15 10.92
CA ASP B 498 6.14 -22.35 12.09
C ASP B 498 4.61 -22.32 12.14
N ARG B 499 4.02 -21.48 13.00
CA ARG B 499 2.58 -21.45 13.21
C ARG B 499 1.88 -20.39 12.35
N PHE B 500 2.40 -20.14 11.15
CA PHE B 500 1.87 -19.12 10.27
C PHE B 500 1.80 -19.73 8.87
N TYR B 501 0.63 -20.22 8.52
CA TYR B 501 0.44 -20.84 7.22
C TYR B 501 -1.02 -20.94 6.80
N ALA B 502 -1.19 -21.23 5.50
CA ALA B 502 -2.51 -21.42 4.94
C ALA B 502 -2.54 -22.74 4.18
N LEU B 503 -3.72 -23.36 4.16
CA LEU B 503 -3.96 -24.61 3.47
C LEU B 503 -5.18 -24.45 2.60
N THR B 504 -5.15 -25.07 1.43
CA THR B 504 -6.35 -25.18 0.63
C THR B 504 -6.50 -26.61 0.11
N GLY B 505 -7.75 -27.01 -0.11
CA GLY B 505 -8.05 -28.32 -0.68
C GLY B 505 -9.50 -28.42 -1.11
N SER B 506 -9.76 -29.19 -2.17
CA SER B 506 -11.11 -29.53 -2.63
C SER B 506 -11.32 -31.01 -2.36
N PHE B 507 -12.36 -31.32 -1.58
CA PHE B 507 -12.68 -32.67 -1.16
C PHE B 507 -13.92 -33.12 -1.92
N GLU B 508 -13.75 -34.10 -2.81
CA GLU B 508 -14.86 -34.62 -3.61
C GLU B 508 -15.40 -35.90 -2.96
N PHE B 509 -16.68 -35.87 -2.59
CA PHE B 509 -17.34 -36.96 -1.88
C PHE B 509 -18.40 -37.58 -2.76
N GLY B 510 -18.64 -38.88 -2.60
CA GLY B 510 -19.80 -39.54 -3.19
C GLY B 510 -21.09 -38.97 -2.58
N LEU B 511 -22.16 -38.98 -3.36
CA LEU B 511 -23.45 -38.46 -2.89
C LEU B 511 -24.06 -39.19 -1.68
N ASN B 512 -23.67 -40.44 -1.43
CA ASN B 512 -24.16 -41.19 -0.27
C ASN B 512 -23.01 -41.62 0.61
N THR B 513 -21.94 -40.83 0.66
CA THR B 513 -20.78 -41.15 1.48
C THR B 513 -21.16 -41.18 2.95
N THR B 514 -20.45 -41.99 3.72
CA THR B 514 -20.43 -41.89 5.17
C THR B 514 -18.98 -41.71 5.64
N ALA B 515 -18.08 -41.34 4.71
CA ALA B 515 -16.70 -41.09 5.06
C ALA B 515 -16.56 -39.65 5.56
N LYS B 516 -15.52 -39.41 6.35
CA LYS B 516 -15.17 -38.07 6.82
C LYS B 516 -13.75 -37.79 6.34
N ALA B 517 -13.49 -36.52 6.02
CA ALA B 517 -12.14 -36.09 5.70
C ALA B 517 -11.93 -34.62 6.08
N GLY B 518 -10.66 -34.22 6.15
CA GLY B 518 -10.32 -32.83 6.41
C GLY B 518 -8.84 -32.62 6.62
N PHE B 519 -8.51 -31.68 7.50
CA PHE B 519 -7.14 -31.28 7.75
C PHE B 519 -6.81 -31.36 9.23
N ARG B 520 -5.63 -31.87 9.54
CA ARG B 520 -5.04 -31.73 10.85
C ARG B 520 -4.00 -30.62 10.78
N VAL B 521 -3.96 -29.76 11.80
CA VAL B 521 -3.03 -28.61 11.85
C VAL B 521 -2.41 -28.46 13.24
N LEU B 522 -1.36 -27.65 13.31
CA LEU B 522 -0.60 -27.41 14.55
C LEU B 522 -0.29 -28.73 15.26
N ALA B 523 0.30 -29.64 14.49
CA ALA B 523 0.39 -31.07 14.85
C ALA B 523 1.82 -31.51 15.12
N SER B 524 2.00 -32.13 16.28
CA SER B 524 3.13 -33.02 16.55
C SER B 524 2.48 -34.35 16.96
N GLU B 525 3.27 -35.30 17.44
CA GLU B 525 2.74 -36.58 17.94
C GLU B 525 1.78 -36.38 19.11
N GLU B 526 2.11 -35.43 19.98
CA GLU B 526 1.37 -35.23 21.23
C GLU B 526 0.30 -34.13 21.23
N GLU B 527 0.39 -33.17 20.30
CA GLU B 527 -0.58 -32.09 20.19
C GLU B 527 -1.03 -31.95 18.75
N TYR B 528 -2.32 -31.74 18.53
CA TYR B 528 -2.86 -31.53 17.20
C TYR B 528 -4.29 -31.07 17.26
N THR B 529 -4.73 -30.42 16.18
CA THR B 529 -6.09 -29.91 16.05
C THR B 529 -6.65 -30.47 14.76
N ASP B 530 -7.83 -31.09 14.85
CA ASP B 530 -8.42 -31.81 13.72
C ASP B 530 -9.65 -31.10 13.20
N ILE B 531 -9.63 -30.79 11.91
CA ILE B 531 -10.73 -30.14 11.22
C ILE B 531 -11.37 -31.18 10.32
N TRP B 532 -12.59 -31.59 10.64
CA TRP B 532 -13.28 -32.69 9.95
C TRP B 532 -14.48 -32.13 9.25
N PHE B 533 -14.78 -32.65 8.06
CA PHE B 533 -16.13 -32.52 7.51
C PHE B 533 -16.73 -33.91 7.35
N ASP B 534 -18.02 -34.00 7.68
CA ASP B 534 -18.78 -35.25 7.72
C ASP B 534 -20.05 -35.00 6.91
N PRO B 535 -20.00 -35.25 5.59
CA PRO B 535 -21.14 -34.94 4.73
C PRO B 535 -22.47 -35.57 5.17
N ALA B 536 -22.43 -36.76 5.76
CA ALA B 536 -23.65 -37.46 6.21
C ALA B 536 -24.44 -36.65 7.27
N SER B 537 -23.72 -36.03 8.21
CA SER B 537 -24.34 -35.13 9.23
C SER B 537 -24.37 -33.63 8.82
N GLU B 538 -23.63 -33.28 7.77
CA GLU B 538 -23.46 -31.89 7.29
C GLU B 538 -22.69 -31.02 8.27
N ASN B 539 -21.88 -31.64 9.13
CA ASN B 539 -21.19 -30.94 10.20
C ASN B 539 -19.71 -30.79 9.87
N LEU B 540 -19.23 -29.55 9.93
CA LEU B 540 -17.80 -29.25 9.92
C LEU B 540 -17.41 -29.04 11.37
N THR B 541 -16.44 -29.80 11.85
CA THR B 541 -16.04 -29.73 13.25
C THR B 541 -14.58 -29.43 13.40
N VAL B 542 -14.23 -28.82 14.53
CA VAL B 542 -12.84 -28.69 14.95
C VAL B 542 -12.71 -29.35 16.32
N VAL B 543 -12.02 -30.48 16.35
CA VAL B 543 -11.85 -31.28 17.55
C VAL B 543 -10.56 -30.83 18.19
N ARG B 544 -10.66 -30.41 19.45
CA ARG B 544 -9.56 -29.77 20.14
C ARG B 544 -9.19 -30.47 21.45
N THR B 545 -9.59 -31.74 21.58
CA THR B 545 -9.27 -32.53 22.77
C THR B 545 -7.77 -32.72 22.96
N ALA B 546 -7.01 -32.72 21.85
CA ALA B 546 -5.55 -32.80 21.90
C ALA B 546 -4.81 -31.53 21.45
N SER B 547 -5.52 -30.40 21.31
CA SER B 547 -4.91 -29.15 20.76
C SER B 547 -3.71 -28.68 21.57
N SER B 548 -3.76 -28.85 22.89
CA SER B 548 -2.65 -28.43 23.74
C SER B 548 -2.47 -29.30 25.00
N LEU B 549 -1.21 -29.46 25.39
CA LEU B 549 -0.86 -30.04 26.69
C LEU B 549 -1.20 -29.10 27.86
N ILE B 550 -1.38 -27.80 27.58
CA ILE B 550 -1.77 -26.84 28.60
C ILE B 550 -3.27 -26.98 28.80
N LYS B 551 -3.68 -27.41 29.99
CA LYS B 551 -5.07 -27.85 30.22
C LYS B 551 -6.08 -26.74 30.54
N SER B 552 -5.60 -25.52 30.81
CA SER B 552 -6.50 -24.41 31.16
C SER B 552 -7.22 -23.76 29.97
N PHE B 553 -6.75 -23.99 28.74
CA PHE B 553 -7.41 -23.44 27.55
C PHE B 553 -8.67 -24.24 27.17
N GLY B 554 -9.59 -23.61 26.46
CA GLY B 554 -10.80 -24.29 26.02
C GLY B 554 -10.47 -25.47 25.11
N ASN B 555 -11.26 -26.54 25.21
CA ASN B 555 -11.07 -27.73 24.38
C ASN B 555 -12.35 -28.27 23.77
N ASP B 556 -13.42 -27.47 23.81
CA ASP B 556 -14.71 -27.91 23.27
C ASP B 556 -14.65 -27.97 21.74
N THR B 557 -15.47 -28.84 21.18
CA THR B 557 -15.48 -29.09 19.75
C THR B 557 -16.28 -27.99 19.05
N GLU B 558 -15.66 -27.34 18.07
CA GLU B 558 -16.37 -26.32 17.28
C GLU B 558 -17.20 -27.05 16.24
N LEU B 559 -18.31 -26.43 15.84
CA LEU B 559 -19.21 -27.03 14.87
C LEU B 559 -19.87 -25.97 14.00
N ALA B 560 -19.83 -26.20 12.69
CA ALA B 560 -20.59 -25.43 11.71
C ALA B 560 -21.39 -26.39 10.84
N LYS B 561 -22.56 -25.93 10.40
CA LYS B 561 -23.31 -26.64 9.37
C LYS B 561 -22.84 -26.13 8.00
N VAL B 562 -22.62 -27.06 7.07
CA VAL B 562 -22.29 -26.71 5.68
C VAL B 562 -23.17 -27.51 4.75
N LYS B 563 -23.90 -26.81 3.89
CA LYS B 563 -24.73 -27.43 2.88
C LYS B 563 -23.95 -27.57 1.59
N LEU B 564 -23.64 -28.81 1.21
CA LEU B 564 -23.10 -29.07 -0.12
C LEU B 564 -24.26 -29.12 -1.11
N TYR B 565 -24.44 -28.03 -1.86
CA TYR B 565 -25.51 -27.94 -2.86
C TYR B 565 -25.09 -28.85 -4.03
N GLU B 566 -25.85 -29.91 -4.25
CA GLU B 566 -25.50 -30.92 -5.26
C GLU B 566 -25.92 -30.39 -6.61
N ILE B 567 -25.07 -30.57 -7.62
CA ILE B 567 -25.32 -30.02 -8.95
C ILE B 567 -25.99 -31.09 -9.85
N VAL B 568 -26.97 -30.65 -10.64
CA VAL B 568 -27.71 -31.55 -11.55
C VAL B 568 -26.72 -32.28 -12.45
N GLY B 569 -26.84 -33.60 -12.48
CA GLY B 569 -25.98 -34.45 -13.31
C GLY B 569 -24.67 -34.87 -12.66
N ALA B 570 -24.32 -34.29 -11.50
CA ALA B 570 -23.08 -34.64 -10.83
C ALA B 570 -23.28 -35.93 -10.08
N GLU B 571 -22.22 -36.73 -10.02
CA GLU B 571 -22.23 -37.96 -9.24
C GLU B 571 -21.38 -37.82 -7.98
N SER B 572 -21.11 -36.58 -7.58
CA SER B 572 -20.31 -36.28 -6.40
C SER B 572 -20.69 -34.90 -5.86
N LYS B 573 -20.19 -34.59 -4.67
CA LYS B 573 -20.38 -33.28 -4.04
C LYS B 573 -19.06 -32.84 -3.42
N THR B 574 -18.76 -31.54 -3.55
CA THR B 574 -17.42 -31.01 -3.25
C THR B 574 -17.41 -29.95 -2.16
N LEU B 575 -16.45 -30.10 -1.23
CA LEU B 575 -16.16 -29.12 -0.19
C LEU B 575 -14.81 -28.48 -0.52
N ASN B 576 -14.83 -27.17 -0.76
CA ASN B 576 -13.61 -26.38 -0.88
C ASN B 576 -13.27 -25.73 0.45
N LEU B 577 -12.19 -26.18 1.06
CA LEU B 577 -11.80 -25.78 2.39
C LEU B 577 -10.51 -24.95 2.31
N THR B 578 -10.52 -23.77 2.94
CA THR B 578 -9.31 -22.97 3.13
C THR B 578 -9.11 -22.74 4.62
N VAL B 579 -7.89 -22.97 5.11
CA VAL B 579 -7.58 -22.84 6.54
C VAL B 579 -6.37 -21.94 6.73
N PHE B 580 -6.51 -20.96 7.61
CA PHE B 580 -5.42 -20.09 8.03
C PHE B 580 -5.04 -20.39 9.46
N VAL B 581 -3.76 -20.65 9.67
CA VAL B 581 -3.17 -20.89 10.97
C VAL B 581 -2.25 -19.72 11.23
N ASP B 582 -2.49 -19.00 12.32
CA ASP B 582 -1.80 -17.74 12.58
C ASP B 582 -1.61 -17.59 14.08
N GLY B 583 -0.49 -18.12 14.58
CA GLY B 583 -0.23 -18.16 16.01
C GLY B 583 -1.15 -19.18 16.64
N SER B 584 -2.15 -18.69 17.36
CA SER B 584 -3.20 -19.49 17.96
C SER B 584 -4.49 -19.47 17.18
N VAL B 585 -4.64 -18.58 16.21
CA VAL B 585 -5.87 -18.51 15.42
C VAL B 585 -5.89 -19.63 14.39
N ILE B 586 -7.03 -20.30 14.30
CA ILE B 586 -7.34 -21.20 13.20
C ILE B 586 -8.62 -20.65 12.61
N GLU B 587 -8.55 -20.19 11.35
CA GLU B 587 -9.69 -19.56 10.69
C GLU B 587 -10.02 -20.31 9.41
N ILE B 588 -11.24 -20.84 9.34
CA ILE B 588 -11.63 -21.82 8.33
C ILE B 588 -12.71 -21.23 7.45
N TYR B 589 -12.57 -21.39 6.14
CA TYR B 589 -13.55 -20.95 5.17
C TYR B 589 -13.95 -22.13 4.30
N ALA B 590 -15.25 -22.29 4.09
CA ALA B 590 -15.78 -23.35 3.23
C ALA B 590 -16.67 -22.77 2.13
N ASN B 591 -16.32 -23.08 0.88
CA ASN B 591 -17.12 -22.73 -0.29
C ASN B 591 -17.50 -21.25 -0.39
N ASP B 592 -16.60 -20.36 0.06
CA ASP B 592 -16.87 -18.92 0.07
C ASP B 592 -18.22 -18.58 0.71
N GLU B 593 -18.51 -19.24 1.83
CA GLU B 593 -19.84 -19.18 2.44
C GLU B 593 -19.76 -19.34 3.96
N VAL B 594 -19.16 -20.44 4.41
CA VAL B 594 -19.14 -20.78 5.83
C VAL B 594 -17.77 -20.41 6.41
N ALA B 595 -17.79 -19.73 7.56
CA ALA B 595 -16.57 -19.34 8.27
C ALA B 595 -16.61 -19.85 9.71
N LEU B 596 -15.46 -20.28 10.21
CA LEU B 596 -15.34 -20.73 11.59
C LEU B 596 -13.96 -20.36 12.10
N SER B 597 -13.92 -19.47 13.09
CA SER B 597 -12.69 -19.00 13.72
C SER B 597 -12.56 -19.66 15.08
N THR B 598 -11.39 -20.17 15.41
CA THR B 598 -11.18 -20.75 16.74
C THR B 598 -9.75 -20.57 17.19
N ARG B 599 -9.42 -21.16 18.35
CA ARG B 599 -8.11 -21.01 18.98
C ARG B 599 -7.49 -22.35 19.38
N ALA B 600 -6.18 -22.46 19.20
CA ALA B 600 -5.43 -23.63 19.67
C ALA B 600 -4.09 -23.14 20.18
N TYR B 601 -3.69 -23.61 21.36
CA TYR B 601 -2.48 -23.15 22.02
C TYR B 601 -1.51 -24.28 22.39
N PRO B 602 -1.06 -25.09 21.40
CA PRO B 602 -0.08 -26.13 21.72
C PRO B 602 1.21 -25.54 22.30
N TRP B 603 1.78 -26.23 23.29
CA TRP B 603 3.01 -25.79 23.92
C TRP B 603 4.28 -26.11 23.13
N LEU B 604 4.34 -27.31 22.55
CA LEU B 604 5.60 -27.81 21.99
C LEU B 604 5.97 -27.04 20.72
N ALA B 605 7.25 -26.70 20.61
CA ALA B 605 7.76 -25.95 19.45
C ALA B 605 7.50 -26.66 18.13
N ASN B 606 7.48 -28.00 18.15
CA ASN B 606 7.25 -28.76 16.91
C ASN B 606 5.77 -29.10 16.63
N SER B 607 4.84 -28.55 17.40
CA SER B 607 3.42 -28.74 17.09
C SER B 607 2.96 -27.74 16.01
N THR B 608 3.57 -27.86 14.83
CA THR B 608 3.32 -27.00 13.68
C THR B 608 2.89 -27.76 12.43
N GLY B 609 2.93 -29.09 12.46
CA GLY B 609 2.68 -29.90 11.27
C GLY B 609 1.24 -29.91 10.79
N ALA B 610 1.04 -30.41 9.59
CA ALA B 610 -0.27 -30.46 8.97
C ALA B 610 -0.39 -31.55 7.91
N GLY B 611 -1.61 -31.99 7.67
CA GLY B 611 -1.88 -33.03 6.69
C GLY B 611 -3.34 -33.36 6.59
N LEU B 612 -3.63 -34.48 5.91
CA LEU B 612 -4.99 -34.90 5.62
C LEU B 612 -5.52 -35.84 6.67
N LEU B 613 -6.81 -35.71 6.95
CA LEU B 613 -7.53 -36.59 7.84
C LEU B 613 -8.50 -37.42 7.00
N ALA B 614 -8.65 -38.68 7.37
CA ALA B 614 -9.54 -39.63 6.69
C ALA B 614 -10.15 -40.57 7.70
N ASP B 615 -11.46 -40.77 7.60
CA ASP B 615 -12.18 -41.71 8.47
C ASP B 615 -13.27 -42.39 7.68
N GLY B 616 -13.26 -43.73 7.70
CA GLY B 616 -14.24 -44.52 6.98
C GLY B 616 -14.11 -44.45 5.47
N THR B 617 -12.92 -44.13 4.96
CA THR B 617 -12.66 -44.20 3.52
C THR B 617 -12.26 -45.63 3.18
N THR B 618 -12.87 -46.15 2.13
CA THR B 618 -12.69 -47.55 1.71
C THR B 618 -12.45 -47.60 0.20
N ALA B 619 -12.29 -48.82 -0.34
CA ALA B 619 -12.24 -49.02 -1.79
C ALA B 619 -13.49 -48.48 -2.50
N GLY B 620 -14.65 -48.65 -1.86
CA GLY B 620 -15.94 -48.21 -2.42
C GLY B 620 -16.37 -46.78 -2.04
N ASP B 621 -16.01 -46.34 -0.84
CA ASP B 621 -16.37 -44.98 -0.37
C ASP B 621 -15.07 -44.16 -0.33
N VAL B 622 -14.77 -43.51 -1.45
CA VAL B 622 -13.49 -42.80 -1.62
C VAL B 622 -13.69 -41.28 -1.52
N VAL B 623 -12.67 -40.58 -1.04
CA VAL B 623 -12.69 -39.11 -1.03
C VAL B 623 -11.50 -38.63 -1.86
N GLY B 624 -11.81 -37.93 -2.94
CA GLY B 624 -10.79 -37.38 -3.84
C GLY B 624 -10.40 -35.99 -3.38
N VAL B 625 -9.13 -35.82 -3.00
CA VAL B 625 -8.62 -34.52 -2.59
C VAL B 625 -7.74 -33.96 -3.71
N SER B 626 -8.06 -32.76 -4.17
CA SER B 626 -7.29 -32.07 -5.19
C SER B 626 -7.17 -30.58 -4.85
N GLY B 627 -6.46 -29.82 -5.70
CA GLY B 627 -6.23 -28.40 -5.45
C GLY B 627 -5.51 -28.13 -4.15
N LEU B 628 -4.65 -29.07 -3.74
CA LEU B 628 -3.95 -28.98 -2.45
C LEU B 628 -2.76 -28.05 -2.52
N GLU B 629 -2.68 -27.13 -1.57
CA GLU B 629 -1.60 -26.17 -1.54
C GLU B 629 -1.33 -25.71 -0.11
N LEU B 630 -0.05 -25.62 0.23
CA LEU B 630 0.43 -25.11 1.50
C LEU B 630 1.14 -23.79 1.22
N TRP B 631 0.75 -22.74 1.93
CA TRP B 631 1.50 -21.46 1.94
C TRP B 631 2.16 -21.31 3.30
N ASP B 632 3.48 -21.48 3.35
CA ASP B 632 4.22 -21.36 4.60
C ASP B 632 4.80 -19.95 4.79
N GLY B 633 4.39 -19.28 5.86
CA GLY B 633 4.95 -17.99 6.26
C GLY B 633 3.94 -16.86 6.35
N LEU B 634 3.05 -16.78 5.37
CA LEU B 634 2.09 -15.67 5.24
C LEU B 634 2.86 -14.32 5.17
N VAL B 635 2.32 -13.28 5.82
CA VAL B 635 2.89 -11.94 5.77
C VAL B 635 3.12 -11.47 7.20
N ASP B 636 4.19 -10.70 7.39
CA ASP B 636 4.40 -9.94 8.62
C ASP B 636 3.46 -8.72 8.58
N ALA B 637 2.30 -8.83 9.24
CA ALA B 637 1.26 -7.79 9.13
C ALA B 637 1.60 -6.44 9.78
N TRP B 638 2.58 -6.41 10.69
CA TRP B 638 2.95 -5.20 11.42
C TRP B 638 4.47 -5.01 11.32
N PRO B 639 4.95 -4.69 10.11
CA PRO B 639 6.40 -4.67 9.91
C PRO B 639 7.18 -3.68 10.77
N ALA B 640 6.56 -2.57 11.18
CA ALA B 640 7.26 -1.61 12.01
C ALA B 640 7.29 -2.01 13.49
N ARG B 641 6.49 -2.98 13.91
CA ARG B 641 6.48 -3.40 15.31
C ARG B 641 7.61 -4.38 15.59
N PRO B 642 8.33 -4.20 16.70
CA PRO B 642 9.20 -5.32 17.14
C PRO B 642 8.39 -6.54 17.58
N ALA B 643 9.08 -7.66 17.83
CA ALA B 643 8.42 -8.91 18.22
C ALA B 643 7.63 -8.76 19.53
N ASN B 644 8.21 -8.04 20.49
CA ASN B 644 7.54 -7.79 21.76
C ASN B 644 7.16 -6.31 21.89
N THR B 645 5.87 -6.01 21.71
CA THR B 645 5.32 -4.67 21.87
C THR B 645 4.60 -4.49 23.21
N SER B 646 4.81 -5.40 24.16
CA SER B 646 4.31 -5.20 25.52
C SER B 646 4.89 -3.92 26.12
N GLN B 647 4.07 -3.19 26.86
CA GLN B 647 4.56 -2.11 27.70
C GLN B 647 4.33 -2.41 29.17
N GLY B 648 4.17 -3.69 29.51
CA GLY B 648 3.81 -4.09 30.86
C GLY B 648 2.33 -3.92 31.12
N LEU B 649 1.89 -4.44 32.26
CA LEU B 649 0.49 -4.37 32.67
C LEU B 649 0.40 -3.62 33.98
N VAL B 650 -0.75 -2.97 34.18
CA VAL B 650 -0.97 -2.16 35.37
C VAL B 650 -2.29 -2.52 36.03
N TRP B 651 -2.39 -2.19 37.31
CA TRP B 651 -3.59 -2.35 38.10
C TRP B 651 -4.18 -0.97 38.39
N ASP B 652 -5.50 -0.85 38.25
CA ASP B 652 -6.19 0.40 38.54
C ASP B 652 -6.24 0.75 40.04
N GLY B 653 -6.00 -0.24 40.90
CA GLY B 653 -5.95 -0.02 42.34
C GLY B 653 -7.30 -0.26 42.99
N PRO B 654 -7.41 0.00 44.30
CA PRO B 654 -8.62 -0.27 45.05
C PRO B 654 -9.85 0.49 44.57
N THR B 655 -9.69 1.65 43.93
CA THR B 655 -10.86 2.39 43.42
C THR B 655 -11.61 1.65 42.30
N ALA B 656 -11.00 0.70 41.61
CA ALA B 656 -11.70 0.00 40.54
C ALA B 656 -12.97 -0.67 41.08
N ALA B 657 -12.84 -1.36 42.21
CA ALA B 657 -13.99 -1.99 42.88
C ALA B 657 -14.96 -0.95 43.47
N MET B 658 -14.45 0.18 43.93
CA MET B 658 -15.32 1.26 44.43
C MET B 658 -16.23 1.82 43.34
N TYR B 659 -15.65 2.11 42.18
CA TYR B 659 -16.43 2.64 41.06
C TYR B 659 -17.31 1.54 40.45
N GLY B 660 -16.80 0.30 40.43
CA GLY B 660 -17.58 -0.85 39.99
C GLY B 660 -17.81 -0.96 38.49
N LEU B 661 -17.06 -0.19 37.71
CA LEU B 661 -17.27 -0.12 36.25
C LEU B 661 -16.37 -1.07 35.46
N PHE B 662 -15.12 -1.21 35.89
CA PHE B 662 -14.10 -2.01 35.20
C PHE B 662 -13.45 -2.98 36.17
N ALA B 663 -13.03 -4.14 35.67
CA ALA B 663 -12.33 -5.12 36.49
C ALA B 663 -11.10 -4.49 37.16
N GLY B 664 -10.35 -3.68 36.42
CA GLY B 664 -9.22 -2.94 36.96
C GLY B 664 -7.86 -3.47 36.54
N TYR B 665 -7.84 -4.55 35.78
CA TYR B 665 -6.57 -5.17 35.32
C TYR B 665 -6.77 -5.70 33.90
C1 NAG C . -0.39 35.90 -9.71
C2 NAG C . -1.13 36.70 -8.64
C3 NAG C . -0.30 37.93 -8.29
C4 NAG C . 1.07 37.46 -7.78
C5 NAG C . 1.75 36.55 -8.81
C6 NAG C . 3.02 35.91 -8.22
C7 NAG C . -3.60 36.85 -8.42
C8 NAG C . -4.87 37.42 -9.01
N2 NAG C . -2.47 37.13 -9.07
O3 NAG C . -0.96 38.69 -7.29
O4 NAG C . 1.88 38.58 -7.38
O5 NAG C . 0.88 35.50 -9.17
O6 NAG C . 3.84 35.51 -9.30
O7 NAG C . -3.64 36.16 -7.42
C1 NAG C . 2.46 39.37 -8.43
C2 NAG C . 2.70 40.79 -7.93
C3 NAG C . 3.32 41.65 -9.01
C4 NAG C . 4.57 40.93 -9.52
C5 NAG C . 4.29 39.48 -9.93
C6 NAG C . 5.52 38.67 -10.31
C7 NAG C . 0.96 41.47 -6.26
C8 NAG C . 1.80 41.10 -5.11
N2 NAG C . 1.42 41.32 -7.51
O3 NAG C . 3.61 42.94 -8.43
O4 NAG C . 5.06 41.60 -10.69
O5 NAG C . 3.67 38.79 -8.88
O6 NAG C . 5.12 37.38 -10.83
O7 NAG C . -0.15 41.92 -6.05
C1 BMA C . 6.19 42.43 -10.42
C2 BMA C . 7.04 42.49 -11.68
C3 BMA C . 8.19 43.46 -11.41
C4 BMA C . 7.63 44.81 -10.97
C5 BMA C . 6.72 44.72 -9.78
C6 BMA C . 6.05 46.09 -9.56
O2 BMA C . 6.20 42.89 -12.78
O3 BMA C . 8.66 43.86 -12.79
O4 BMA C . 8.73 45.65 -10.64
O5 BMA C . 5.72 43.70 -9.99
O6 BMA C . 5.12 45.94 -8.49
C1 MAN C . 9.66 43.01 -13.31
C2 MAN C . 10.58 43.62 -14.31
C3 MAN C . 9.80 43.99 -15.55
C4 MAN C . 9.09 42.77 -16.12
C5 MAN C . 8.37 41.97 -15.04
C6 MAN C . 7.93 40.59 -15.55
O2 MAN C . 11.38 42.46 -14.65
O3 MAN C . 10.70 44.48 -16.52
O4 MAN C . 8.13 43.25 -17.05
O5 MAN C . 9.21 41.83 -13.92
O6 MAN C . 9.05 39.78 -15.86
C1 BMA C . 12.75 42.56 -14.75
C2 BMA C . 13.50 43.57 -13.94
C3 BMA C . 14.98 43.16 -14.06
C4 BMA C . 15.24 41.68 -13.71
C5 BMA C . 14.13 40.75 -14.22
C6 BMA C . 13.95 39.51 -13.37
O2 BMA C . 13.04 43.56 -12.58
O3 BMA C . 15.72 43.96 -13.15
O4 BMA C . 16.52 41.27 -14.21
O5 BMA C . 12.92 41.40 -13.98
O6 BMA C . 13.15 39.86 -12.24
C1 MAN C . 4.37 47.15 -8.19
C2 MAN C . 3.75 46.97 -6.78
C3 MAN C . 2.58 45.97 -6.79
C4 MAN C . 1.57 46.33 -7.90
C5 MAN C . 2.29 46.49 -9.25
C6 MAN C . 1.34 46.84 -10.42
O2 MAN C . 3.31 48.23 -6.25
O3 MAN C . 1.88 45.95 -5.52
O4 MAN C . 0.57 45.32 -7.96
O5 MAN C . 3.36 47.45 -9.17
O6 MAN C . 0.28 47.74 -10.07
C1 MAN C . 2.11 44.75 -4.74
C2 MAN C . 1.07 44.59 -3.64
C3 MAN C . 1.22 45.68 -2.58
C4 MAN C . 2.65 45.67 -2.03
C5 MAN C . 3.66 45.77 -3.18
C6 MAN C . 5.11 45.67 -2.72
O2 MAN C . 1.18 43.28 -3.03
O3 MAN C . 0.28 45.48 -1.51
O4 MAN C . 2.83 46.72 -1.07
O5 MAN C . 3.41 44.72 -4.13
O6 MAN C . 5.94 46.28 -3.70
C1 NAG D . 10.46 29.66 3.84
C2 NAG D . 9.78 31.07 3.90
C3 NAG D . 9.20 31.35 5.26
C4 NAG D . 8.30 30.21 5.67
C5 NAG D . 9.10 28.90 5.59
C6 NAG D . 8.32 27.68 6.05
C7 NAG D . 10.76 32.71 2.36
C8 NAG D . 11.88 33.68 2.19
N2 NAG D . 10.75 32.10 3.54
O3 NAG D . 8.49 32.61 5.27
O4 NAG D . 7.89 30.46 7.03
O5 NAG D . 9.52 28.69 4.24
O6 NAG D . 7.23 27.46 5.16
O7 NAG D . 9.92 32.52 1.48
C1 NAG D . 6.49 30.26 7.23
C2 NAG D . 6.18 30.22 8.72
C3 NAG D . 4.67 30.16 8.95
C4 NAG D . 3.91 31.16 8.08
C5 NAG D . 4.32 31.07 6.62
C6 NAG D . 3.59 32.09 5.74
C7 NAG D . 8.06 29.13 9.94
C8 NAG D . 8.50 27.87 10.66
N2 NAG D . 6.82 29.11 9.43
O3 NAG D . 4.41 30.41 10.33
O4 NAG D . 2.51 30.85 8.12
O5 NAG D . 5.74 31.29 6.57
O6 NAG D . 3.87 33.42 6.19
O7 NAG D . 8.82 30.10 9.84
C1 BMA D . 1.75 31.73 8.96
C2 BMA D . 0.36 31.91 8.35
C3 BMA D . -0.53 32.77 9.24
C4 BMA D . -0.51 32.28 10.68
C5 BMA D . 0.92 32.08 11.15
C6 BMA D . 0.91 31.46 12.53
O2 BMA D . -0.23 30.63 8.24
O3 BMA D . -1.88 32.54 8.72
O4 BMA D . -1.23 33.22 11.47
O5 BMA D . 1.61 31.20 10.25
O6 BMA D . 2.27 31.43 12.98
C1 MAN D . -2.49 33.77 8.41
C2 MAN D . -4.01 33.70 8.23
C3 MAN D . -4.29 32.97 6.95
C4 MAN D . -3.67 33.71 5.80
C5 MAN D . -2.20 34.07 6.06
C6 MAN D . -1.85 35.22 5.14
O2 MAN D . -4.46 34.99 8.15
O3 MAN D . -5.67 32.95 6.80
O4 MAN D . -3.71 32.91 4.65
O5 MAN D . -1.94 34.51 7.36
O6 MAN D . -0.44 35.40 5.22
C1 MAN D . -5.69 35.11 8.91
C2 MAN D . -6.40 36.38 8.46
C3 MAN D . -5.69 37.62 8.98
C4 MAN D . -5.58 37.56 10.50
C5 MAN D . -4.97 36.23 10.97
C6 MAN D . -5.18 36.10 12.48
O2 MAN D . -7.76 36.33 8.92
O3 MAN D . -6.42 38.76 8.56
O4 MAN D . -4.77 38.65 10.96
O5 MAN D . -5.54 35.08 10.34
O6 MAN D . -5.03 34.74 12.90
C1 MAN D . -8.63 35.64 7.97
C2 MAN D . -9.44 36.70 7.27
C3 MAN D . -10.47 37.30 8.24
C4 MAN D . -11.27 36.23 9.00
C5 MAN D . -10.39 35.11 9.55
C6 MAN D . -11.24 33.93 10.00
O2 MAN D . -10.07 36.13 6.12
O3 MAN D . -11.37 38.17 7.53
O4 MAN D . -11.97 36.86 10.07
O5 MAN D . -9.46 34.63 8.56
O6 MAN D . -10.53 33.16 10.97
C1 MAN D . 2.33 30.96 14.33
C2 MAN D . 3.81 30.97 14.72
C3 MAN D . 4.61 29.89 13.97
C4 MAN D . 3.91 28.54 14.11
C5 MAN D . 2.48 28.70 13.59
C6 MAN D . 1.71 27.42 13.67
O2 MAN D . 3.92 30.74 16.12
O3 MAN D . 5.94 29.79 14.48
O4 MAN D . 4.62 27.54 13.37
O5 MAN D . 1.79 29.63 14.44
O6 MAN D . 1.56 27.13 15.02
C1 MAN D . 1.13 25.77 15.12
C2 MAN D . 0.59 25.43 16.50
C3 MAN D . 1.76 25.60 17.49
C4 MAN D . 2.89 24.65 17.13
C5 MAN D . 3.26 24.90 15.66
C6 MAN D . 4.44 24.05 15.24
O2 MAN D . 0.20 24.10 16.62
O3 MAN D . 1.35 25.33 18.80
O4 MAN D . 4.06 24.78 17.95
O5 MAN D . 2.11 24.77 14.84
O6 MAN D . 4.09 22.70 15.26
C1 MAN D . -1.21 23.92 16.44
C2 MAN D . -1.54 22.54 17.01
C3 MAN D . -0.98 21.42 16.12
C4 MAN D . -1.26 21.63 14.62
C5 MAN D . -1.00 23.07 14.17
C6 MAN D . -1.48 23.31 12.73
O2 MAN D . -2.97 22.46 17.18
O3 MAN D . -1.52 20.16 16.54
O4 MAN D . -0.43 20.75 13.84
O5 MAN D . -1.65 24.00 15.07
O6 MAN D . -0.96 24.55 12.25
C1 MAN D . 6.91 30.29 13.57
C2 MAN D . 8.30 29.86 14.02
C3 MAN D . 8.70 30.54 15.34
C4 MAN D . 8.57 32.06 15.20
C5 MAN D . 7.17 32.42 14.69
C6 MAN D . 7.00 33.91 14.39
O2 MAN D . 9.25 30.19 13.00
O3 MAN D . 10.02 30.12 15.72
O4 MAN D . 8.77 32.72 16.47
O5 MAN D . 6.86 31.73 13.48
O6 MAN D . 5.66 34.16 13.91
C1 NAG E . 12.73 -7.91 -25.87
C2 NAG E . 14.10 -8.43 -25.40
C3 NAG E . 14.10 -9.94 -25.37
C4 NAG E . 12.88 -10.51 -24.65
C5 NAG E . 11.58 -9.88 -25.13
C6 NAG E . 10.37 -10.27 -24.28
C7 NAG E . 16.01 -6.97 -26.02
C8 NAG E . 16.98 -6.63 -27.12
N2 NAG E . 15.13 -7.95 -26.31
O3 NAG E . 15.26 -10.41 -24.67
O4 NAG E . 12.86 -11.91 -24.94
O5 NAG E . 11.69 -8.46 -25.07
O6 NAG E . 10.54 -9.83 -22.92
O7 NAG E . 16.05 -6.38 -24.95
C1 NAG E . 12.79 -12.71 -23.75
C2 NAG E . 12.27 -14.09 -24.14
C3 NAG E . 12.39 -14.98 -22.91
C4 NAG E . 13.84 -15.07 -22.40
C5 NAG E . 14.76 -13.95 -22.90
C6 NAG E . 15.51 -14.28 -24.21
C7 NAG E . 10.51 -13.85 -25.92
C8 NAG E . 11.51 -13.93 -27.06
N2 NAG E . 10.91 -13.94 -24.63
O3 NAG E . 11.91 -16.29 -23.20
O4 NAG E . 13.84 -15.05 -20.97
O5 NAG E . 14.05 -12.71 -23.05
O6 NAG E . 16.91 -14.04 -24.05
O7 NAG E . 9.33 -13.72 -26.20
C1 NAG F . 1.86 -7.52 36.46
C2 NAG F . 2.69 -6.50 37.23
C3 NAG F . 1.95 -5.98 38.45
C4 NAG F . 0.60 -5.44 38.00
C5 NAG F . -0.19 -6.47 37.17
C6 NAG F . -1.45 -5.86 36.57
C7 NAG F . 5.16 -6.61 37.25
C8 NAG F . 6.36 -7.34 37.80
N2 NAG F . 3.97 -7.08 37.63
O3 NAG F . 2.69 -4.91 39.05
O4 NAG F . -0.12 -4.90 39.13
O5 NAG F . 0.63 -6.90 36.09
O6 NAG F . -2.41 -6.88 36.27
O7 NAG F . 5.31 -5.65 36.51
C1 NAG F . -0.73 -5.84 40.02
C2 NAG F . -0.86 -5.21 41.42
C3 NAG F . -1.55 -6.22 42.34
C4 NAG F . -2.85 -6.75 41.71
C5 NAG F . -2.63 -7.24 40.27
C6 NAG F . -3.91 -7.56 39.52
C7 NAG F . 0.98 -3.61 41.87
C8 NAG F . 2.38 -3.46 42.39
N2 NAG F . 0.48 -4.86 41.90
O3 NAG F . -1.84 -5.59 43.59
O4 NAG F . -3.36 -7.85 42.46
O5 NAG F . -2.00 -6.21 39.54
O6 NAG F . -3.57 -8.26 38.31
O7 NAG F . 0.35 -2.64 41.48
C1 BMA F . -4.44 -7.51 43.33
C2 BMA F . -5.27 -8.77 43.52
C3 BMA F . -6.42 -8.48 44.47
C4 BMA F . -5.93 -7.90 45.78
C5 BMA F . -4.87 -6.81 45.65
C6 BMA F . -4.20 -6.53 46.85
O2 BMA F . -4.42 -9.82 44.04
O3 BMA F . -7.13 -9.67 44.83
O4 BMA F . -7.06 -7.34 46.45
O5 BMA F . -3.95 -7.02 44.57
O6 BMA F . -3.18 -5.63 46.47
C1 MAN F . -2.41 -5.06 47.55
C2 MAN F . -1.68 -3.76 47.14
C3 MAN F . -0.50 -3.99 46.22
C4 MAN F . 0.44 -4.99 46.88
C5 MAN F . -0.28 -6.23 47.42
C6 MAN F . 0.58 -7.05 48.38
O2 MAN F . -1.12 -3.19 48.30
O3 MAN F . 0.31 -2.69 46.29
O4 MAN F . 1.50 -5.33 45.99
O5 MAN F . -1.46 -5.91 48.18
O6 MAN F . 1.93 -7.13 47.97
C1 MAN F . -0.01 -1.98 45.07
C2 MAN F . 1.14 -1.03 44.72
C3 MAN F . 1.23 0.08 45.77
C4 MAN F . -0.10 0.81 45.88
C5 MAN F . -1.27 -0.16 46.08
C6 MAN F . -2.63 0.54 45.96
O2 MAN F . 0.92 -0.47 43.42
O3 MAN F . 2.27 1.01 45.42
O4 MAN F . -0.05 1.76 46.95
O5 MAN F . -1.24 -1.23 45.13
O6 MAN F . -3.60 -0.16 46.74
C1 MAN F . -8.11 -10.09 43.85
C2 MAN F . -9.22 -10.80 44.61
C3 MAN F . -8.65 -12.09 45.24
C4 MAN F . -7.84 -12.94 44.24
C5 MAN F . -6.88 -12.11 43.38
C6 MAN F . -6.24 -12.92 42.23
O2 MAN F . -10.32 -11.08 43.73
O3 MAN F . -9.73 -12.87 45.77
O4 MAN F . -7.08 -13.89 44.99
O5 MAN F . -7.56 -10.96 42.86
O6 MAN F . -7.15 -13.15 41.15
C1 NAG G . -8.64 6.21 30.00
C2 NAG G . -7.89 6.31 31.36
C3 NAG G . -7.21 7.66 31.54
C4 NAG G . -6.36 7.95 30.30
C5 NAG G . -7.23 7.82 29.03
C6 NAG G . -6.49 8.13 27.74
C7 NAG G . -8.91 4.96 33.13
C8 NAG G . -9.98 4.91 34.17
N2 NAG G . -8.83 6.10 32.43
O3 NAG G . -6.40 7.74 32.73
O4 NAG G . -5.86 9.28 30.45
O5 NAG G . -7.73 6.47 28.95
O6 NAG G . -5.46 7.16 27.56
O7 NAG G . -8.16 4.03 32.95
C1 NAG G . -4.46 9.39 30.15
C2 NAG G . -4.08 10.87 30.07
C3 NAG G . -2.57 11.03 29.89
C4 NAG G . -1.80 10.16 30.89
C5 NAG G . -2.29 8.72 30.89
C6 NAG G . -1.56 7.85 31.91
C7 NAG G . -5.96 12.13 29.00
C8 NAG G . -6.41 12.76 27.70
N2 NAG G . -4.76 11.52 28.95
O3 NAG G . -2.16 12.40 30.01
O4 NAG G . -0.43 10.11 30.49
O5 NAG G . -3.69 8.70 31.14
O6 NAG G . -1.78 8.40 33.21
O7 NAG G . -6.67 12.15 29.99
C1 BMA G . 0.45 10.92 31.27
C2 BMA G . 1.80 10.23 31.34
C3 BMA G . 2.82 11.07 32.10
C4 BMA G . 2.89 12.48 31.54
C5 BMA G . 1.49 13.06 31.42
C6 BMA G . 1.58 14.36 30.66
O2 BMA G . 2.27 10.02 30.01
O3 BMA G . 4.11 10.49 31.93
O4 BMA G . 3.70 13.32 32.38
O5 BMA G . 0.61 12.20 30.68
O6 BMA G . 0.37 15.03 30.96
C1 MAN G . 4.76 10.30 33.20
C2 MAN G . 6.23 10.00 32.95
C3 MAN G . 6.38 8.65 32.26
C4 MAN G . 5.71 7.56 33.09
C5 MAN G . 4.26 7.93 33.43
C6 MAN G . 3.69 6.94 34.45
O2 MAN G . 6.90 9.97 34.21
O3 MAN G . 7.76 8.36 32.07
O4 MAN G . 5.75 6.32 32.36
O5 MAN G . 4.16 9.26 33.96
O6 MAN G . 2.44 7.41 34.99
C1 MAN G . 8.13 10.71 34.19
C2 MAN G . 8.93 10.33 35.44
C3 MAN G . 8.25 10.89 36.69
C4 MAN G . 8.04 12.41 36.56
C5 MAN G . 7.30 12.73 35.26
C6 MAN G . 7.15 14.23 35.02
O2 MAN G . 10.28 10.83 35.30
O3 MAN G . 9.04 10.60 37.84
O4 MAN G . 7.32 12.87 37.70
O5 MAN G . 7.95 12.13 34.13
O6 MAN G . 8.33 14.79 34.43
C1 MAN G . 11.28 9.79 35.45
C2 MAN G . 12.62 10.44 35.77
C3 MAN G . 13.12 11.30 34.60
C4 MAN G . 12.85 10.74 33.18
C5 MAN G . 11.92 9.53 33.07
C6 MAN G . 12.63 8.44 32.25
O2 MAN G . 13.57 9.41 36.08
O3 MAN G . 14.53 11.53 34.75
O4 MAN G . 12.35 11.81 32.36
O5 MAN G . 11.46 8.95 34.30
O6 MAN G . 11.77 7.31 32.02
C1 MAN G . 0.00 16.07 30.05
C2 MAN G . -1.40 16.70 30.15
C3 MAN G . -2.30 15.96 29.14
C4 MAN G . -1.66 15.95 27.75
C5 MAN G . -0.24 15.32 27.82
C6 MAN G . 0.47 15.31 26.55
O2 MAN G . -1.39 18.10 29.87
O3 MAN G . -3.59 16.54 29.09
O4 MAN G . -2.49 15.21 26.84
O5 MAN G . 0.55 16.14 28.72
O6 MAN G . 0.68 16.64 26.15
C1 MAN G . 1.05 16.67 24.82
C2 MAN G . 1.65 17.99 24.35
C3 MAN G . 0.59 19.06 24.46
C4 MAN G . -0.63 18.66 23.66
C5 MAN G . -1.09 17.26 24.06
C6 MAN G . -2.32 16.81 23.30
O2 MAN G . 1.93 17.99 22.96
O3 MAN G . 1.05 20.31 24.02
O4 MAN G . -1.67 19.55 23.95
O5 MAN G . 0.00 16.36 23.91
O6 MAN G . -2.13 16.93 21.91
C1 MAN G . 3.33 17.69 22.72
C2 MAN G . 3.62 18.17 21.31
C3 MAN G . 2.85 17.32 20.29
C4 MAN G . 2.95 15.80 20.55
C5 MAN G . 2.82 15.43 22.03
C6 MAN G . 3.19 13.97 22.27
O2 MAN G . 5.04 18.19 21.10
O3 MAN G . 3.27 17.61 18.95
O4 MAN G . 1.90 15.13 19.82
O5 MAN G . 3.65 16.30 22.83
O6 MAN G . 3.00 13.64 23.66
C1 MAN G . -4.57 15.73 29.76
C2 MAN G . -5.95 16.26 29.38
C3 MAN G . -6.17 17.64 30.00
C4 MAN G . -5.98 17.58 31.53
C5 MAN G . -4.60 17.00 31.83
C6 MAN G . -4.33 16.84 33.33
O2 MAN G . -6.90 15.28 29.82
O3 MAN G . -7.45 18.14 29.65
O4 MAN G . -6.11 18.87 32.13
O5 MAN G . -4.42 15.72 31.20
O6 MAN G . -3.02 16.30 33.52
C1 NAG H . -14.47 -25.40 -5.65
C2 NAG H . -15.82 -24.90 -6.14
C3 NAG H . -15.90 -24.93 -7.67
C4 NAG H . -14.66 -24.33 -8.32
C5 NAG H . -13.36 -24.86 -7.70
C6 NAG H . -12.12 -24.11 -8.20
C7 NAG H . -17.71 -25.35 -4.61
C8 NAG H . -18.67 -26.41 -4.13
N2 NAG H . -16.83 -25.75 -5.54
O3 NAG H . -17.03 -24.16 -8.08
O4 NAG H . -14.68 -24.64 -9.73
O5 NAG H . -13.41 -24.69 -6.29
O6 NAG H . -12.19 -22.74 -7.79
O7 NAG H . -17.78 -24.21 -4.16
C1 NAG H . -14.55 -23.47 -10.56
C2 NAG H . -14.07 -23.87 -11.96
C3 NAG H . -14.34 -22.71 -12.91
C4 NAG H . -15.84 -22.46 -13.03
C5 NAG H . -16.64 -22.77 -11.74
C6 NAG H . -17.40 -24.11 -11.79
C7 NAG H . -12.18 -25.48 -11.82
C8 NAG H . -10.69 -25.61 -11.80
N2 NAG H . -12.65 -24.23 -11.92
O3 NAG H . -13.78 -22.97 -14.21
O4 NAG H . -16.04 -21.08 -13.38
O5 NAG H . -15.78 -22.70 -10.58
O6 NAG H . -18.58 -24.04 -10.99
O7 NAG H . -12.90 -26.46 -11.73
C1 FRU I . 20.53 19.84 -8.45
C2 FRU I . 20.64 20.76 -7.22
C3 FRU I . 21.41 20.13 -6.06
C4 FRU I . 20.97 21.01 -4.89
C5 FRU I . 19.52 21.34 -5.25
C6 FRU I . 19.11 22.75 -4.90
O1 FRU I . 19.84 20.51 -9.52
O2 FRU I . 21.27 21.99 -7.62
O3 FRU I . 22.81 20.10 -6.31
O4 FRU I . 21.03 20.36 -3.62
O5 FRU I . 19.40 21.10 -6.66
O6 FRU I . 17.69 22.91 -5.06
N1 EPE J . 17.68 25.91 -13.30
C2 EPE J . 17.81 26.96 -12.28
C3 EPE J . 17.30 26.45 -10.93
N4 EPE J . 18.09 25.26 -10.51
C5 EPE J . 17.91 24.20 -11.52
C6 EPE J . 18.40 24.70 -12.87
C7 EPE J . 17.58 24.81 -9.21
C8 EPE J . 18.43 23.71 -8.57
O8 EPE J . 19.78 24.13 -8.45
C9 EPE J . 18.26 26.35 -14.59
C10 EPE J . 17.19 26.94 -15.51
S EPE J . 17.91 27.52 -16.90
O1S EPE J . 16.82 27.82 -17.85
O2S EPE J . 18.79 26.51 -17.53
O3S EPE J . 18.72 28.69 -16.54
C1 NAG K . 0.38 38.55 -25.67
C2 NAG K . 0.84 39.48 -26.79
C3 NAG K . 2.01 40.32 -26.30
C4 NAG K . 1.55 41.13 -25.09
C5 NAG K . 1.03 40.17 -24.04
C6 NAG K . 0.50 40.84 -22.78
C7 NAG K . 0.67 38.83 -29.19
C8 NAG K . -0.34 39.91 -29.47
N2 NAG K . 1.18 38.68 -27.96
O3 NAG K . 2.48 41.19 -27.32
O4 NAG K . 2.64 41.89 -24.58
O5 NAG K . -0.04 39.38 -24.59
O6 NAG K . 0.43 39.82 -21.77
O7 NAG K . 1.02 38.08 -30.08
C1 NAG L . -4.09 20.21 6.11
C2 NAG L . -5.23 20.50 5.13
C3 NAG L . -5.88 21.87 5.38
C4 NAG L . -6.15 22.19 6.87
C5 NAG L . -5.00 21.72 7.78
C6 NAG L . -5.43 21.74 9.25
C7 NAG L . -5.11 19.54 2.84
C8 NAG L . -4.53 19.73 1.46
N2 NAG L . -4.78 20.48 3.73
O3 NAG L . -7.13 21.95 4.67
O4 NAG L . -6.34 23.60 7.03
O5 NAG L . -4.61 20.38 7.44
O6 NAG L . -4.38 22.25 10.07
O7 NAG L . -5.81 18.57 3.09
C1 NAG M . 40.82 30.83 -4.47
C2 NAG M . 39.97 32.11 -4.47
C3 NAG M . 40.78 33.23 -3.81
C4 NAG M . 40.96 32.88 -2.34
C5 NAG M . 41.57 31.49 -2.15
C6 NAG M . 41.23 31.01 -0.73
C7 NAG M . 40.16 32.90 -6.83
C8 NAG M . 39.38 33.34 -8.05
N2 NAG M . 39.42 32.56 -5.76
O3 NAG M . 40.10 34.49 -3.92
O4 NAG M . 41.81 33.86 -1.75
O5 NAG M . 41.12 30.49 -3.10
O6 NAG M . 41.73 29.69 -0.50
O7 NAG M . 41.37 32.84 -6.85
C1 NAG N . 44.47 -6.62 4.41
C2 NAG N . 44.42 -7.05 2.95
C3 NAG N . 44.18 -8.56 2.90
C4 NAG N . 45.19 -9.32 3.77
C5 NAG N . 45.31 -8.73 5.17
C6 NAG N . 46.45 -9.34 6.02
C7 NAG N . 43.67 -5.29 1.39
C8 NAG N . 42.50 -4.57 0.74
N2 NAG N . 43.39 -6.27 2.25
O3 NAG N . 44.32 -9.00 1.55
O4 NAG N . 44.78 -10.68 3.85
O5 NAG N . 45.54 -7.32 5.07
O6 NAG N . 47.73 -9.06 5.42
O7 NAG N . 44.80 -4.94 1.10
C1 NAG O . 44.90 8.63 15.28
C2 NAG O . 45.55 9.95 14.90
C3 NAG O . 46.94 10.01 15.51
C4 NAG O . 46.89 9.82 17.02
C5 NAG O . 46.07 8.59 17.39
C6 NAG O . 45.83 8.56 18.89
C7 NAG O . 45.33 11.27 12.81
C8 NAG O . 45.53 11.28 11.33
N2 NAG O . 45.66 10.14 13.46
O3 NAG O . 47.56 11.27 15.19
O4 NAG O . 48.21 9.65 17.53
O5 NAG O . 44.80 8.58 16.72
O6 NAG O . 45.06 7.39 19.19
O7 NAG O . 44.87 12.25 13.37
C1 NAG P . 34.48 -11.31 2.56
C2 NAG P . 35.72 -11.50 3.44
C3 NAG P . 36.08 -12.97 3.60
C4 NAG P . 34.85 -13.79 3.95
C5 NAG P . 33.79 -13.59 2.87
C6 NAG P . 32.56 -14.46 3.04
C7 NAG P . 37.44 -9.68 3.36
C8 NAG P . 38.53 -9.10 2.52
N2 NAG P . 36.83 -10.76 2.83
O3 NAG P . 37.08 -13.14 4.62
O4 NAG P . 35.21 -15.18 4.07
O5 NAG P . 33.42 -12.20 2.91
O6 NAG P . 31.52 -14.00 2.18
O7 NAG P . 37.16 -9.17 4.44
C1 NAG Q . 44.93 11.42 0.13
C2 NAG Q . 44.61 12.88 0.46
C3 NAG Q . 43.80 13.48 -0.68
C4 NAG Q . 44.59 13.35 -1.98
C5 NAG Q . 44.94 11.89 -2.23
C6 NAG Q . 45.82 11.70 -3.46
C7 NAG Q . 44.05 13.79 2.70
C8 NAG Q . 45.14 14.81 2.62
N2 NAG Q . 43.86 12.94 1.69
O3 NAG Q . 43.51 14.85 -0.39
O4 NAG Q . 43.86 13.88 -3.08
O5 NAG Q . 45.64 11.38 -1.10
O6 NAG Q . 47.02 12.46 -3.30
O7 NAG Q . 43.33 13.71 3.70
C1 NAG R . 37.95 -10.57 -28.40
C2 NAG R . 39.49 -10.56 -28.52
C3 NAG R . 39.87 -9.74 -29.74
C4 NAG R . 39.13 -10.31 -30.98
C5 NAG R . 37.61 -10.41 -30.78
C6 NAG R . 36.92 -11.16 -31.94
C7 NAG R . 40.82 -10.79 -26.43
C8 NAG R . 41.32 -10.09 -25.20
N2 NAG R . 40.07 -10.05 -27.27
O3 NAG R . 41.32 -9.77 -29.90
O4 NAG R . 39.38 -9.46 -32.09
O5 NAG R . 37.33 -11.11 -29.57
O6 NAG R . 37.05 -12.58 -31.78
O7 NAG R . 41.11 -11.97 -26.62
C1 NAG S . -4.49 0.07 -9.25
C2 NAG S . -4.12 -1.39 -9.00
C3 NAG S . -3.84 -1.65 -7.51
C4 NAG S . -2.84 -0.62 -6.97
C5 NAG S . -3.37 0.79 -7.23
C6 NAG S . -2.45 1.91 -6.71
C7 NAG S . -5.06 -3.40 -10.19
C8 NAG S . -3.71 -3.97 -10.48
N2 NAG S . -5.20 -2.24 -9.51
O3 NAG S . -3.29 -2.95 -7.28
O4 NAG S . -2.65 -0.85 -5.57
O5 NAG S . -3.52 0.93 -8.65
O6 NAG S . -1.10 1.77 -7.18
O7 NAG S . -6.06 -4.01 -10.56
C1 NAG T . 3.27 -5.95 -45.90
C2 NAG T . 2.97 -7.44 -45.76
C3 NAG T . 1.48 -7.71 -45.80
C4 NAG T . 0.77 -6.86 -44.75
C5 NAG T . 1.13 -5.38 -44.89
C6 NAG T . 0.61 -4.59 -43.69
C7 NAG T . 4.27 -9.34 -46.59
C8 NAG T . 4.92 -9.94 -47.80
N2 NAG T . 3.64 -8.18 -46.80
O3 NAG T . 1.25 -9.10 -45.55
O4 NAG T . -0.65 -7.04 -44.86
O5 NAG T . 2.55 -5.19 -44.93
O6 NAG T . 1.30 -5.04 -42.51
O7 NAG T . 4.31 -9.89 -45.48
C1 NAG U . 25.90 -5.64 -42.27
C2 NAG U . 27.14 -4.88 -42.74
C3 NAG U . 28.40 -5.55 -42.20
C4 NAG U . 28.31 -5.72 -40.68
C5 NAG U . 26.98 -6.39 -40.27
C6 NAG U . 26.80 -6.43 -38.74
C7 NAG U . 27.02 -3.80 -44.99
C8 NAG U . 26.82 -2.42 -44.41
N2 NAG U . 27.17 -4.87 -44.20
O3 NAG U . 29.53 -4.74 -42.55
O4 NAG U . 29.40 -6.50 -40.19
O5 NAG U . 25.87 -5.69 -40.84
O6 NAG U . 25.53 -7.00 -38.42
O7 NAG U . 27.05 -3.94 -46.20
C1 NAG V . 23.34 10.35 -34.61
C2 NAG V . 23.54 11.34 -35.79
C3 NAG V . 24.93 12.00 -35.79
C4 NAG V . 25.23 12.65 -34.44
C5 NAG V . 25.07 11.59 -33.34
C6 NAG V . 25.26 12.20 -31.94
C7 NAG V . 22.16 10.74 -37.75
C8 NAG V . 22.13 10.09 -39.09
N2 NAG V . 23.34 10.73 -37.10
O3 NAG V . 25.00 13.00 -36.80
O4 NAG V . 26.56 13.23 -34.46
O5 NAG V . 23.76 10.99 -33.39
O6 NAG V . 25.65 11.14 -31.06
O7 NAG V . 21.15 11.26 -37.28
C1 NAG W . 11.08 25.87 -32.85
C2 NAG W . 10.09 26.36 -33.93
C3 NAG W . 10.75 27.57 -34.60
C4 NAG W . 10.92 28.65 -33.54
C5 NAG W . 11.82 28.11 -32.42
C6 NAG W . 12.00 29.11 -31.28
C7 NAG W . 8.46 25.11 -35.39
C8 NAG W . 7.39 26.18 -35.23
N2 NAG W . 9.67 25.25 -34.79
O3 NAG W . 9.96 28.04 -35.69
O4 NAG W . 11.49 29.82 -34.13
O5 NAG W . 11.28 26.91 -31.87
O6 NAG W . 13.24 28.81 -30.61
O7 NAG W . 8.21 24.13 -36.05
C1 NAG X . -9.10 17.59 -33.82
C2 NAG X . -9.91 17.15 -35.04
C3 NAG X . -9.53 18.06 -36.22
C4 NAG X . -9.90 19.49 -35.84
C5 NAG X . -9.24 19.89 -34.50
C6 NAG X . -9.74 21.24 -34.00
C7 NAG X . -8.81 14.94 -35.63
C8 NAG X . -7.48 15.52 -35.94
N2 NAG X . -9.84 15.71 -35.26
O3 NAG X . -10.21 17.65 -37.41
O4 NAG X . -9.49 20.40 -36.87
O5 NAG X . -9.49 18.92 -33.48
O6 NAG X . -10.99 21.06 -33.31
O7 NAG X . -8.95 13.74 -35.75
C1 NAG Y . -7.12 26.46 -9.61
C2 NAG Y . -7.84 27.38 -10.60
C3 NAG Y . -7.33 28.80 -10.50
C4 NAG Y . -7.38 29.29 -9.06
C5 NAG Y . -6.60 28.30 -8.19
C6 NAG Y . -6.56 28.73 -6.72
C7 NAG Y . -8.45 26.08 -12.58
C8 NAG Y . -8.06 25.70 -13.97
N2 NAG Y . -7.61 26.90 -11.95
O3 NAG Y . -8.10 29.63 -11.37
O4 NAG Y . -6.79 30.61 -8.95
O5 NAG Y . -7.21 27.00 -8.29
O6 NAG Y . -7.87 28.71 -6.20
O7 NAG Y . -9.48 25.65 -12.07
C1 FRU Z . -19.85 -6.01 21.44
C2 FRU Z . -19.84 -4.77 22.32
C3 FRU Z . -20.54 -3.62 21.67
C4 FRU Z . -20.00 -2.42 22.43
C5 FRU Z . -18.58 -2.85 22.70
C6 FRU Z . -18.08 -2.40 24.07
O1 FRU Z . -19.17 -7.08 22.11
O2 FRU Z . -20.47 -5.07 23.57
O3 FRU Z . -21.95 -3.77 21.75
O4 FRU Z . -20.04 -1.18 21.69
O5 FRU Z . -18.53 -4.29 22.61
O6 FRU Z . -16.70 -2.72 24.18
N1 EPE AA . -16.83 -10.75 27.56
C2 EPE AA . -16.78 -9.68 28.59
C3 EPE AA . -16.31 -8.36 27.96
N4 EPE AA . -17.17 -7.96 26.82
C5 EPE AA . -17.11 -9.01 25.79
C6 EPE AA . -17.62 -10.32 26.38
C7 EPE AA . -16.69 -6.67 26.30
C8 EPE AA . -17.58 -6.08 25.21
O8 EPE AA . -18.94 -5.97 25.64
C9 EPE AA . -17.44 -11.97 28.10
C10 EPE AA . -16.43 -12.82 28.86
S EPE AA . -17.18 -14.15 29.54
O1S EPE AA . -17.79 -13.74 30.82
O2S EPE AA . -16.13 -15.17 29.73
O3S EPE AA . -18.26 -14.68 28.66
C1 NAG BA . 0.34 -23.42 39.94
C2 NAG BA . -0.52 -24.39 40.77
C3 NAG BA . -1.57 -23.63 41.59
C4 NAG BA . -0.99 -22.42 42.32
C5 NAG BA . -0.20 -21.56 41.33
C6 NAG BA . 0.43 -20.30 41.91
C7 NAG BA . -0.81 -26.62 39.74
C8 NAG BA . -1.66 -27.43 38.80
N2 NAG BA . -1.20 -25.35 39.91
O3 NAG BA . -2.17 -24.53 42.53
O4 NAG BA . -2.06 -21.68 42.90
O5 NAG BA . 0.83 -22.37 40.78
O6 NAG BA . 0.64 -19.35 40.85
O7 NAG BA . 0.16 -27.12 40.29
C1 NAG CA . 5.39 7.08 19.69
C2 NAG CA . 6.57 6.12 19.89
C3 NAG CA . 7.39 6.40 21.16
C4 NAG CA . 7.62 7.89 21.39
C5 NAG CA . 6.29 8.64 21.30
C6 NAG CA . 6.39 10.14 21.56
C7 NAG CA . 6.32 3.75 19.14
C8 NAG CA . 5.71 2.43 19.51
N2 NAG CA . 6.08 4.74 20.01
O3 NAG CA . 8.64 5.70 21.08
O4 NAG CA . 8.25 8.09 22.68
O5 NAG CA . 5.77 8.43 19.98
O6 NAG CA . 7.17 10.75 20.50
O7 NAG CA . 6.99 3.88 18.13
C1 NAG DA . -39.50 -0.40 33.02
C2 NAG DA . -38.86 -0.74 34.36
C3 NAG DA . -39.29 0.22 35.49
C4 NAG DA . -39.35 1.69 35.05
C5 NAG DA . -40.03 1.88 33.68
C6 NAG DA . -39.88 3.32 33.22
C7 NAG DA . -38.42 -2.93 35.45
C8 NAG DA . -38.98 -4.30 35.69
N2 NAG DA . -39.20 -2.12 34.73
O3 NAG DA . -38.34 0.14 36.57
O4 NAG DA . -40.10 2.43 36.02
O5 NAG DA . -39.44 1.00 32.72
O6 NAG DA . -40.26 3.45 31.85
O7 NAG DA . -37.33 -2.61 35.89
C1 NAG EA . -43.64 18.21 9.54
C2 NAG EA . -44.31 18.35 10.89
C3 NAG EA . -45.65 19.08 10.76
C4 NAG EA . -45.50 20.37 9.97
C5 NAG EA . -44.85 20.08 8.61
C6 NAG EA . -44.69 21.30 7.71
C7 NAG EA . -43.95 16.53 12.54
C8 NAG EA . -43.07 17.38 13.42
N2 NAG EA . -44.50 17.02 11.42
O3 NAG EA . -46.15 19.33 12.08
O4 NAG EA . -46.78 20.99 9.81
O5 NAG EA . -43.57 19.47 8.84
O6 NAG EA . -43.64 22.16 8.19
O7 NAG EA . -44.19 15.38 12.86
C1 NAG FA . -34.78 3.93 -9.59
C2 NAG FA . -35.49 5.28 -9.83
C3 NAG FA . -35.68 5.53 -11.31
C4 NAG FA . -34.32 5.52 -11.97
C5 NAG FA . -33.62 4.17 -11.81
C6 NAG FA . -32.13 4.30 -12.13
C7 NAG FA . -37.10 6.05 -8.09
C8 NAG FA . -38.46 5.85 -7.49
N2 NAG FA . -36.77 5.25 -9.12
O3 NAG FA . -36.33 6.80 -11.50
O4 NAG FA . -34.45 5.82 -13.36
O5 NAG FA . -33.71 3.61 -10.49
O6 NAG FA . -31.62 3.01 -12.48
O7 NAG FA . -36.34 6.90 -7.65
C1 NAG GA . -44.18 3.28 13.77
C2 NAG GA . -43.74 3.70 15.17
C3 NAG GA . -42.94 2.59 15.83
C4 NAG GA . -43.80 1.33 15.86
C5 NAG GA . -44.19 0.97 14.43
C6 NAG GA . -45.03 -0.31 14.32
C7 NAG GA . -43.04 5.90 15.99
C8 NAG GA . -42.18 7.09 15.72
N2 NAG GA . -42.98 4.93 15.08
O3 NAG GA . -42.54 2.94 17.16
O4 NAG GA . -43.10 0.24 16.48
O5 NAG GA . -44.93 2.07 13.87
O6 NAG GA . -46.04 -0.37 15.34
O7 NAG GA . -43.74 5.81 16.99
C1 NAG HA . -39.80 -26.80 -6.05
C2 NAG HA . -41.26 -27.18 -5.79
C3 NAG HA . -41.44 -28.18 -4.65
C4 NAG HA . -40.54 -29.39 -4.88
C5 NAG HA . -39.11 -28.98 -5.20
C6 NAG HA . -38.30 -30.18 -5.71
C7 NAG HA . -42.76 -25.35 -6.42
C8 NAG HA . -43.46 -24.10 -5.98
N2 NAG HA . -42.02 -25.97 -5.51
O3 NAG HA . -42.80 -28.62 -4.62
O4 NAG HA . -40.55 -30.24 -3.72
O5 NAG HA . -38.99 -27.97 -6.20
O6 NAG HA . -38.39 -30.25 -7.14
O7 NAG HA . -42.89 -25.76 -7.56
C1 NAG IA . 3.99 -9.38 0.47
C2 NAG IA . 3.52 -9.17 -0.97
C3 NAG IA . 3.30 -7.68 -1.28
C4 NAG IA . 2.43 -7.01 -0.21
C5 NAG IA . 3.02 -7.28 1.17
C6 NAG IA . 2.21 -6.68 2.32
C7 NAG IA . 4.08 -10.50 -2.97
C8 NAG IA . 5.20 -11.06 -3.82
N2 NAG IA . 4.46 -9.78 -1.89
O3 NAG IA . 2.65 -7.56 -2.54
O4 NAG IA . 2.32 -5.61 -0.44
O5 NAG IA . 3.09 -8.70 1.36
O6 NAG IA . 0.82 -7.02 2.21
O7 NAG IA . 2.91 -10.69 -3.27
C1 NAG JA . -6.00 -45.65 -3.37
C2 NAG JA . -5.85 -45.68 -4.89
C3 NAG JA . -4.38 -45.81 -5.27
C4 NAG JA . -3.47 -44.88 -4.50
C5 NAG JA . -3.82 -44.79 -3.01
C6 NAG JA . -3.07 -43.65 -2.32
C7 NAG JA . -7.36 -46.73 -6.53
C8 NAG JA . -7.96 -48.04 -7.00
N2 NAG JA . -6.54 -46.81 -5.47
O3 NAG JA . -4.28 -45.55 -6.67
O4 NAG JA . -2.13 -45.38 -4.62
O5 NAG JA . -5.22 -44.58 -2.86
O6 NAG JA . -3.62 -42.39 -2.73
O7 NAG JA . -7.61 -45.69 -7.10
C1 NAG KA . -24.31 -32.66 13.75
C2 NAG KA . -24.44 -33.83 14.73
C3 NAG KA . -25.82 -33.87 15.39
C4 NAG KA . -26.19 -32.51 16.01
C5 NAG KA . -26.04 -31.38 14.98
C6 NAG KA . -26.18 -30.01 15.64
C7 NAG KA . -23.28 -36.01 14.36
C8 NAG KA . -23.26 -37.29 13.57
N2 NAG KA . -24.25 -35.13 14.07
O3 NAG KA . -25.81 -34.88 16.40
O4 NAG KA . -27.55 -32.57 16.51
O5 NAG KA . -24.74 -31.41 14.34
O6 NAG KA . -26.72 -29.07 14.70
O7 NAG KA . -22.41 -35.83 15.20
C1 NAG LA . -11.36 -30.79 28.28
C2 NAG LA . -10.86 -32.17 28.74
C3 NAG LA . -11.51 -32.61 30.05
C4 NAG LA . -11.44 -31.52 31.12
C5 NAG LA . -11.95 -30.18 30.56
C6 NAG LA . -11.80 -29.02 31.54
C7 NAG LA . -10.17 -33.84 27.08
C8 NAG LA . -10.63 -34.91 26.13
N2 NAG LA . -11.12 -33.22 27.77
O3 NAG LA . -10.82 -33.78 30.50
O4 NAG LA . -12.20 -31.93 32.26
O5 NAG LA . -11.24 -29.86 29.36
O6 NAG LA . -10.40 -28.77 31.75
O7 NAG LA . -9.00 -33.57 27.19
C1 NAG MA . 7.99 -8.33 26.70
C2 NAG MA . 8.73 -9.31 27.63
C3 NAG MA . 8.34 -9.10 29.10
C4 NAG MA . 8.48 -7.62 29.46
C5 NAG MA . 7.66 -6.77 28.49
C6 NAG MA . 7.69 -5.29 28.82
C7 NAG MA . 9.24 -11.39 26.44
C8 NAG MA . 8.77 -12.76 26.03
N2 NAG MA . 8.40 -10.65 27.18
O3 NAG MA . 9.16 -9.90 29.94
O4 NAG MA . 8.05 -7.41 30.80
O5 NAG MA . 8.16 -6.98 27.16
O6 NAG MA . 9.01 -4.79 28.68
O7 NAG MA . 10.34 -10.98 26.10
#